data_6D01
#
_entry.id   6D01
#
_cell.length_a   205.963
_cell.length_b   150.856
_cell.length_c   134.651
_cell.angle_alpha   90.00
_cell.angle_beta   94.81
_cell.angle_gamma   90.00
#
_symmetry.space_group_name_H-M   'C 1 2 1'
#
loop_
_entity.id
_entity.type
_entity.pdbx_description
1 polymer '1210 Antibody, heavy chain'
2 polymer '1210 Antibody, Light chain'
3 polymer NANP5
4 non-polymer 1,2-ETHANEDIOL
5 non-polymer DI(HYDROXYETHYL)ETHER
#
loop_
_entity_poly.entity_id
_entity_poly.type
_entity_poly.pdbx_seq_one_letter_code
_entity_poly.pdbx_strand_id
1 'polypeptide(L)'
;QVQLVESGGGVVQPGRSLRLSCAASGFTFSNYGMHWVRQAPGKGLEWVAVIWYDGSKKYYADSVKGRFTISRDNSKNTLY
LQMNSLRAEDTAVYYCARVRDSSDYYGDAFDIWGQGTMVTVSSASTKGPSVFPLAPSSKSTSGGTAALGCLVKDYFPEPV
TVSWNSGALTSGVHTFPAVLQSSGLYSLSSVVTVPSSSLGTQTYICNVNHKPSNTKVDKRVEPKSC
;
A,C,E,G
2 'polypeptide(L)'
;DIQMTQSPSTLSASVGDRVTITCRASQSISSWLAWYQQKPGKAPKLLIYKASNLESGVPLRFSGSGSGTEFTLTISSLQP
DDFATYYCQQYNNYWTFGQGTKVEIKRTVAAPSVFIFPPSDEQLKSGTASVVCLLNNFYPREAKVQWKVDNALQSGNSQE
SVTEQDSKDSTYSLSSTLTLSKADYEKHKVYACEVTHQGLSSPVTKSFNRGEC
;
B,D,F,H
3 'polypeptide(L)' NANPNANPNANPNANPNANP I,J
#
loop_
_chem_comp.id
_chem_comp.type
_chem_comp.name
_chem_comp.formula
EDO non-polymer 1,2-ETHANEDIOL 'C2 H6 O2'
PEG non-polymer DI(HYDROXYETHYL)ETHER 'C4 H10 O3'
#
# COMPACT_ATOMS: atom_id res chain seq x y z
N GLN A 1 -2.31 7.26 -39.71
CA GLN A 1 -2.05 6.74 -38.36
C GLN A 1 -1.57 7.85 -37.43
N VAL A 2 -2.23 7.97 -36.29
CA VAL A 2 -1.91 8.99 -35.29
C VAL A 2 -0.80 8.45 -34.40
N GLN A 3 0.35 9.13 -34.40
CA GLN A 3 1.52 8.62 -33.70
C GLN A 3 2.38 9.78 -33.21
N LEU A 4 3.20 9.48 -32.19
CA LEU A 4 4.21 10.40 -31.67
C LEU A 4 5.54 9.67 -31.61
N VAL A 5 6.61 10.36 -32.02
CA VAL A 5 7.93 9.75 -32.16
C VAL A 5 8.94 10.65 -31.45
N GLU A 6 9.38 10.24 -30.28
CA GLU A 6 10.43 10.96 -29.56
C GLU A 6 11.80 10.63 -30.16
N SER A 7 12.73 11.57 -30.00
CA SER A 7 14.09 11.40 -30.48
C SER A 7 14.98 12.44 -29.80
N GLY A 8 16.29 12.24 -29.95
CA GLY A 8 17.26 13.17 -29.41
C GLY A 8 17.89 12.78 -28.09
N GLY A 9 17.50 11.64 -27.52
CA GLY A 9 18.10 11.20 -26.28
C GLY A 9 19.41 10.45 -26.50
N GLY A 10 20.18 10.34 -25.44
CA GLY A 10 21.46 9.66 -25.53
C GLY A 10 22.14 9.58 -24.18
N VAL A 11 23.44 9.31 -24.23
CA VAL A 11 24.27 9.16 -23.04
C VAL A 11 25.16 10.39 -22.91
N VAL A 12 25.10 11.06 -21.76
CA VAL A 12 25.90 12.25 -21.50
C VAL A 12 26.34 12.24 -20.04
N GLN A 13 27.30 13.09 -19.72
CA GLN A 13 27.76 13.29 -18.36
C GLN A 13 27.01 14.44 -17.70
N PRO A 14 27.01 14.51 -16.37
CA PRO A 14 26.30 15.61 -15.69
C PRO A 14 26.80 16.97 -16.14
N GLY A 15 25.87 17.93 -16.16
CA GLY A 15 26.15 19.27 -16.63
C GLY A 15 25.96 19.46 -18.12
N ARG A 16 26.03 18.39 -18.91
CA ARG A 16 25.84 18.50 -20.35
C ARG A 16 24.38 18.77 -20.68
N SER A 17 24.12 19.06 -21.94
CA SER A 17 22.78 19.41 -22.41
C SER A 17 22.32 18.43 -23.48
N LEU A 18 21.00 18.27 -23.57
CA LEU A 18 20.34 17.47 -24.59
C LEU A 18 19.07 18.19 -25.03
N ARG A 19 18.67 17.96 -26.27
CA ARG A 19 17.40 18.46 -26.79
C ARG A 19 16.60 17.31 -27.36
N LEU A 20 15.40 17.10 -26.84
CA LEU A 20 14.51 16.06 -27.31
C LEU A 20 13.53 16.63 -28.33
N SER A 21 13.23 15.82 -29.35
CA SER A 21 12.26 16.17 -30.37
C SER A 21 11.23 15.07 -30.49
N CYS A 22 9.96 15.46 -30.64
CA CYS A 22 8.83 14.54 -30.71
C CYS A 22 7.98 14.93 -31.91
N ALA A 23 7.99 14.11 -32.95
CA ALA A 23 7.38 14.44 -34.22
C ALA A 23 5.97 13.85 -34.31
N ALA A 24 4.98 14.71 -34.49
CA ALA A 24 3.59 14.32 -34.54
C ALA A 24 3.12 14.14 -35.99
N SER A 25 2.16 13.22 -36.17
CA SER A 25 1.55 12.99 -37.46
C SER A 25 0.21 12.30 -37.25
N GLY A 26 -0.66 12.41 -38.25
CA GLY A 26 -1.96 11.80 -38.21
C GLY A 26 -3.05 12.65 -37.57
N PHE A 27 -2.68 13.70 -36.84
CA PHE A 27 -3.66 14.61 -36.27
C PHE A 27 -3.22 16.06 -36.49
N THR A 28 -3.96 17.01 -35.95
CA THR A 28 -3.64 18.43 -36.07
C THR A 28 -2.85 18.83 -34.83
N PHE A 29 -1.52 18.72 -34.93
CA PHE A 29 -0.64 19.02 -33.79
C PHE A 29 -0.81 20.45 -33.30
N SER A 30 -1.25 21.36 -34.17
CA SER A 30 -1.41 22.76 -33.79
C SER A 30 -2.63 23.00 -32.90
N ASN A 31 -3.45 21.98 -32.63
CA ASN A 31 -4.66 22.14 -31.84
C ASN A 31 -4.59 21.48 -30.47
N TYR A 32 -3.58 20.66 -30.20
CA TYR A 32 -3.48 19.92 -28.95
C TYR A 32 -2.33 20.45 -28.10
N GLY A 33 -2.59 20.58 -26.79
CA GLY A 33 -1.52 20.80 -25.85
C GLY A 33 -0.75 19.51 -25.60
N MET A 34 0.54 19.66 -25.32
CA MET A 34 1.43 18.51 -25.20
C MET A 34 2.09 18.49 -23.83
N HIS A 35 2.52 17.29 -23.44
CA HIS A 35 3.20 17.06 -22.17
C HIS A 35 4.49 16.30 -22.41
N TRP A 36 5.40 16.41 -21.44
CA TRP A 36 6.57 15.56 -21.33
C TRP A 36 6.49 14.78 -20.05
N VAL A 37 6.61 13.45 -20.14
CA VAL A 37 6.55 12.57 -18.99
C VAL A 37 7.73 11.62 -19.06
N ARG A 38 8.46 11.49 -17.95
CA ARG A 38 9.65 10.66 -17.89
C ARG A 38 9.44 9.51 -16.92
N GLN A 39 10.20 8.44 -17.13
CA GLN A 39 10.08 7.20 -16.35
C GLN A 39 11.49 6.67 -16.10
N ALA A 40 11.96 6.81 -14.87
CA ALA A 40 13.28 6.33 -14.50
C ALA A 40 13.33 4.80 -14.62
N PRO A 41 14.54 4.23 -14.80
CA PRO A 41 14.65 2.77 -14.96
C PRO A 41 14.03 1.99 -13.82
N GLY A 42 12.95 1.27 -14.12
CA GLY A 42 12.29 0.44 -13.12
C GLY A 42 11.46 1.20 -12.12
N LYS A 43 10.95 2.37 -12.49
CA LYS A 43 10.18 3.22 -11.59
C LYS A 43 8.86 3.61 -12.26
N GLY A 44 8.05 4.39 -11.54
CA GLY A 44 6.77 4.83 -12.03
C GLY A 44 6.89 5.97 -13.04
N LEU A 45 5.81 6.73 -13.17
CA LEU A 45 5.73 7.82 -14.11
C LEU A 45 5.83 9.16 -13.38
N GLU A 46 6.59 10.08 -13.97
CA GLU A 46 6.78 11.41 -13.41
C GLU A 46 6.53 12.45 -14.49
N TRP A 47 5.80 13.50 -14.13
CA TRP A 47 5.47 14.58 -15.06
C TRP A 47 6.60 15.60 -15.10
N VAL A 48 6.88 16.12 -16.30
CA VAL A 48 7.99 17.04 -16.52
C VAL A 48 7.49 18.44 -16.88
N ALA A 49 6.76 18.57 -17.98
CA ALA A 49 6.35 19.89 -18.44
C ALA A 49 5.11 19.79 -19.32
N VAL A 50 4.45 20.93 -19.50
CA VAL A 50 3.28 21.05 -20.36
C VAL A 50 3.39 22.35 -21.15
N ILE A 51 2.91 22.33 -22.38
CA ILE A 51 2.86 23.50 -23.23
C ILE A 51 1.49 23.59 -23.88
N TRP A 52 0.97 24.81 -24.02
CA TRP A 52 -0.33 25.01 -24.63
C TRP A 52 -0.26 24.75 -26.14
N TYR A 53 -1.43 24.73 -26.77
CA TYR A 53 -1.50 24.45 -28.20
C TYR A 53 -0.79 25.52 -29.02
N ASP A 54 -0.79 26.76 -28.55
CA ASP A 54 -0.09 27.85 -29.22
C ASP A 54 1.17 28.28 -28.49
N GLY A 55 1.63 27.49 -27.51
CA GLY A 55 2.85 27.78 -26.80
C GLY A 55 2.76 28.99 -25.89
N SER A 56 1.55 29.47 -25.64
CA SER A 56 1.38 30.70 -24.88
C SER A 56 1.53 30.48 -23.37
N LYS A 57 1.36 29.25 -22.89
CA LYS A 57 1.47 28.92 -21.48
C LYS A 57 2.34 27.69 -21.30
N LYS A 58 3.19 27.72 -20.27
CA LYS A 58 4.06 26.60 -19.96
C LYS A 58 4.14 26.42 -18.46
N TYR A 59 4.18 25.17 -18.02
CA TYR A 59 4.36 24.82 -16.63
C TYR A 59 5.34 23.66 -16.52
N TYR A 60 6.18 23.70 -15.49
CA TYR A 60 7.25 22.72 -15.32
C TYR A 60 7.18 22.12 -13.92
N ALA A 61 7.74 20.92 -13.79
CA ALA A 61 7.91 20.31 -12.48
C ALA A 61 9.03 21.00 -11.71
N ASP A 62 8.89 21.02 -10.38
CA ASP A 62 9.88 21.70 -9.55
C ASP A 62 11.27 21.11 -9.68
N SER A 63 11.37 19.84 -10.08
CA SER A 63 12.66 19.16 -10.18
C SER A 63 13.41 19.49 -11.47
N VAL A 64 12.84 20.30 -12.35
CA VAL A 64 13.50 20.64 -13.61
C VAL A 64 13.40 22.13 -13.88
N LYS A 65 12.78 22.86 -12.96
CA LYS A 65 12.53 24.29 -13.15
C LYS A 65 13.85 25.04 -13.29
N GLY A 66 13.92 25.92 -14.29
CA GLY A 66 15.12 26.67 -14.60
C GLY A 66 16.09 25.93 -15.50
N ARG A 67 16.09 24.61 -15.46
CA ARG A 67 17.01 23.81 -16.28
C ARG A 67 16.36 23.35 -17.59
N PHE A 68 15.07 23.02 -17.56
CA PHE A 68 14.37 22.52 -18.73
C PHE A 68 13.52 23.61 -19.35
N THR A 69 13.32 23.53 -20.66
CA THR A 69 12.53 24.50 -21.40
C THR A 69 11.75 23.76 -22.49
N ILE A 70 10.43 23.85 -22.43
CA ILE A 70 9.57 23.20 -23.40
C ILE A 70 9.18 24.21 -24.47
N SER A 71 8.99 23.71 -25.70
CA SER A 71 8.69 24.56 -26.83
C SER A 71 8.05 23.70 -27.92
N ARG A 72 7.49 24.37 -28.94
CA ARG A 72 6.84 23.66 -30.02
C ARG A 72 6.89 24.49 -31.29
N ASP A 73 6.86 23.79 -32.43
CA ASP A 73 6.89 24.40 -33.76
C ASP A 73 5.67 23.86 -34.52
N ASN A 74 4.58 24.62 -34.53
CA ASN A 74 3.36 24.17 -35.20
C ASN A 74 3.50 24.11 -36.71
N SER A 75 4.55 24.68 -37.28
CA SER A 75 4.79 24.59 -38.72
C SER A 75 5.60 23.36 -39.09
N LYS A 76 6.27 22.72 -38.12
CA LYS A 76 6.98 21.47 -38.34
C LYS A 76 6.32 20.30 -37.63
N ASN A 77 5.22 20.53 -36.92
CA ASN A 77 4.53 19.51 -36.13
C ASN A 77 5.51 18.78 -35.21
N THR A 78 6.17 19.55 -34.36
CA THR A 78 7.24 19.02 -33.53
C THR A 78 7.19 19.65 -32.14
N LEU A 79 7.28 18.81 -31.12
CA LEU A 79 7.43 19.24 -29.74
C LEU A 79 8.89 19.11 -29.34
N TYR A 80 9.38 20.07 -28.55
CA TYR A 80 10.77 20.10 -28.14
C TYR A 80 10.88 20.09 -26.62
N LEU A 81 12.08 19.76 -26.13
CA LEU A 81 12.39 19.82 -24.71
C LEU A 81 13.89 20.04 -24.58
N GLN A 82 14.29 21.24 -24.16
CA GLN A 82 15.69 21.57 -23.96
C GLN A 82 16.08 21.22 -22.53
N MET A 83 17.04 20.30 -22.40
CA MET A 83 17.46 19.79 -21.09
C MET A 83 18.88 20.28 -20.84
N ASN A 84 19.01 21.34 -20.02
CA ASN A 84 20.30 21.91 -19.68
C ASN A 84 20.67 21.54 -18.24
N SER A 85 21.98 21.51 -17.99
CA SER A 85 22.54 21.18 -16.67
C SER A 85 21.97 19.86 -16.15
N LEU A 86 22.20 18.81 -16.94
CA LEU A 86 21.63 17.50 -16.65
C LEU A 86 22.23 16.91 -15.38
N ARG A 87 21.41 16.18 -14.64
CA ARG A 87 21.80 15.49 -13.41
C ARG A 87 21.57 13.99 -13.56
N ALA A 88 22.15 13.23 -12.63
CA ALA A 88 22.02 11.78 -12.68
C ALA A 88 20.56 11.35 -12.54
N GLU A 89 19.81 12.00 -11.66
CA GLU A 89 18.41 11.65 -11.46
C GLU A 89 17.55 11.96 -12.69
N ASP A 90 18.05 12.75 -13.64
CA ASP A 90 17.33 12.97 -14.89
C ASP A 90 17.37 11.76 -15.81
N THR A 91 18.16 10.74 -15.47
CA THR A 91 18.20 9.52 -16.28
C THR A 91 16.84 8.84 -16.27
N ALA A 92 16.24 8.71 -17.44
CA ALA A 92 14.90 8.14 -17.57
C ALA A 92 14.58 8.00 -19.05
N VAL A 93 13.47 7.34 -19.34
CA VAL A 93 12.86 7.36 -20.66
C VAL A 93 11.86 8.51 -20.70
N TYR A 94 11.94 9.34 -21.73
CA TYR A 94 11.12 10.54 -21.83
C TYR A 94 10.04 10.36 -22.90
N TYR A 95 8.79 10.45 -22.48
CA TYR A 95 7.63 10.33 -23.35
C TYR A 95 7.03 11.71 -23.63
N CYS A 96 6.51 11.88 -24.83
CA CYS A 96 5.64 13.01 -25.15
C CYS A 96 4.21 12.48 -25.25
N ALA A 97 3.29 13.18 -24.59
CA ALA A 97 1.89 12.75 -24.54
C ALA A 97 0.99 13.88 -25.02
N ARG A 98 -0.15 13.49 -25.58
CA ARG A 98 -1.12 14.42 -26.13
C ARG A 98 -2.32 14.54 -25.21
N VAL A 99 -2.74 15.77 -24.91
CA VAL A 99 -3.91 15.98 -24.08
C VAL A 99 -5.16 15.60 -24.86
N ARG A 100 -6.01 14.78 -24.24
CA ARG A 100 -7.22 14.33 -24.91
C ARG A 100 -8.15 15.52 -25.16
N ASP A 101 -8.89 15.44 -26.26
CA ASP A 101 -9.79 16.52 -26.65
C ASP A 101 -11.12 16.40 -25.91
N SER A 102 -11.54 17.49 -25.28
CA SER A 102 -12.81 17.54 -24.58
C SER A 102 -13.48 18.89 -24.86
N SER A 103 -14.80 18.89 -24.78
CA SER A 103 -15.58 20.10 -25.03
C SER A 103 -15.70 21.00 -23.81
N ASP A 104 -15.26 20.55 -22.64
CA ASP A 104 -15.37 21.36 -21.44
C ASP A 104 -14.14 22.26 -21.27
N TYR A 105 -14.19 23.11 -20.25
CA TYR A 105 -13.14 24.08 -20.02
C TYR A 105 -11.92 23.52 -19.30
N TYR A 106 -11.95 22.23 -18.95
CA TYR A 106 -10.90 21.60 -18.17
C TYR A 106 -10.05 20.69 -19.03
N GLY A 107 -8.81 20.47 -18.57
CA GLY A 107 -7.91 19.56 -19.27
C GLY A 107 -8.26 18.11 -19.03
N ASP A 108 -7.73 17.25 -19.89
CA ASP A 108 -8.08 15.83 -19.90
C ASP A 108 -6.84 14.98 -19.66
N ALA A 109 -7.01 13.67 -19.84
CA ALA A 109 -5.91 12.72 -19.67
C ALA A 109 -5.02 12.71 -20.92
N PHE A 110 -3.90 11.99 -20.80
CA PHE A 110 -2.94 11.88 -21.90
C PHE A 110 -3.35 10.66 -22.73
N ASP A 111 -3.98 10.91 -23.88
CA ASP A 111 -4.61 9.83 -24.63
C ASP A 111 -3.71 9.18 -25.66
N ILE A 112 -2.57 9.78 -26.00
CA ILE A 112 -1.64 9.22 -26.98
C ILE A 112 -0.21 9.48 -26.49
N TRP A 113 0.60 8.43 -26.50
CA TRP A 113 1.99 8.50 -26.07
C TRP A 113 2.91 8.05 -27.21
N GLY A 114 4.15 8.52 -27.16
CA GLY A 114 5.19 8.00 -28.03
C GLY A 114 5.87 6.81 -27.40
N GLN A 115 6.78 6.20 -28.17
CA GLN A 115 7.52 5.06 -27.66
C GLN A 115 8.64 5.44 -26.70
N GLY A 116 8.95 6.73 -26.57
CA GLY A 116 9.93 7.18 -25.61
C GLY A 116 11.33 7.26 -26.20
N THR A 117 12.19 8.00 -25.50
CA THR A 117 13.59 8.11 -25.84
C THR A 117 14.41 8.08 -24.56
N MET A 118 15.51 7.33 -24.57
CA MET A 118 16.28 7.07 -23.37
C MET A 118 17.33 8.15 -23.16
N VAL A 119 17.32 8.75 -21.98
CA VAL A 119 18.32 9.74 -21.57
C VAL A 119 19.09 9.16 -20.39
N THR A 120 20.40 9.03 -20.55
CA THR A 120 21.27 8.47 -19.51
C THR A 120 22.30 9.52 -19.12
N VAL A 121 22.31 9.91 -17.85
CA VAL A 121 23.25 10.88 -17.31
C VAL A 121 24.07 10.17 -16.24
N SER A 122 25.36 9.98 -16.51
CA SER A 122 26.24 9.29 -15.57
C SER A 122 27.66 9.79 -15.76
N SER A 123 28.36 9.99 -14.65
CA SER A 123 29.75 10.42 -14.70
C SER A 123 30.68 9.35 -15.26
N ALA A 124 30.25 8.09 -15.25
CA ALA A 124 31.09 7.01 -15.73
C ALA A 124 31.40 7.18 -17.22
N SER A 125 32.67 7.01 -17.58
CA SER A 125 33.08 7.05 -18.97
C SER A 125 32.83 5.69 -19.62
N THR A 126 32.84 5.70 -20.95
CA THR A 126 32.59 4.48 -21.71
C THR A 126 33.67 3.43 -21.40
N LYS A 127 33.23 2.19 -21.19
CA LYS A 127 34.14 1.10 -20.87
C LYS A 127 33.54 -0.20 -21.36
N GLY A 128 34.38 -1.03 -21.98
CA GLY A 128 33.96 -2.32 -22.47
C GLY A 128 33.95 -3.36 -21.35
N PRO A 129 33.16 -4.42 -21.54
CA PRO A 129 33.01 -5.43 -20.49
C PRO A 129 34.09 -6.51 -20.52
N SER A 130 34.37 -7.03 -19.34
CA SER A 130 35.18 -8.23 -19.18
C SER A 130 34.25 -9.43 -18.98
N VAL A 131 34.64 -10.57 -19.53
CA VAL A 131 33.81 -11.76 -19.54
C VAL A 131 34.52 -12.86 -18.77
N PHE A 132 33.89 -13.32 -17.68
CA PHE A 132 34.43 -14.39 -16.86
C PHE A 132 33.55 -15.63 -16.95
N PRO A 133 34.13 -16.82 -17.02
CA PRO A 133 33.32 -18.04 -17.18
C PRO A 133 32.75 -18.53 -15.85
N LEU A 134 31.53 -19.03 -15.93
CA LEU A 134 30.86 -19.68 -14.80
C LEU A 134 30.91 -21.19 -15.06
N ALA A 135 31.88 -21.86 -14.43
CA ALA A 135 32.12 -23.24 -14.81
C ALA A 135 31.23 -24.20 -14.03
N PRO A 136 30.72 -25.23 -14.70
CA PRO A 136 29.92 -26.25 -14.01
C PRO A 136 30.82 -27.32 -13.40
N SER A 137 30.40 -27.83 -12.24
CA SER A 137 31.12 -28.87 -11.54
C SER A 137 30.14 -29.90 -10.99
N SER A 138 30.50 -31.18 -11.14
CA SER A 138 29.78 -32.29 -10.54
C SER A 138 28.30 -32.32 -10.94
N SER A 142 23.74 -31.86 -11.41
CA SER A 142 22.82 -32.06 -10.30
C SER A 142 21.55 -32.78 -10.76
N GLY A 143 21.65 -34.10 -10.89
CA GLY A 143 20.53 -34.95 -11.27
C GLY A 143 20.62 -35.49 -12.68
N GLY A 144 21.26 -34.74 -13.58
CA GLY A 144 21.37 -35.16 -14.97
C GLY A 144 21.54 -33.97 -15.90
N THR A 145 21.27 -32.77 -15.38
CA THR A 145 21.43 -31.53 -16.12
C THR A 145 22.21 -30.55 -15.25
N ALA A 146 23.22 -29.92 -15.84
CA ALA A 146 24.08 -28.97 -15.13
C ALA A 146 23.93 -27.58 -15.74
N ALA A 147 24.34 -26.57 -14.98
CA ALA A 147 24.22 -25.18 -15.38
C ALA A 147 25.59 -24.54 -15.52
N LEU A 148 25.70 -23.63 -16.49
CA LEU A 148 26.92 -22.87 -16.72
C LEU A 148 26.53 -21.53 -17.34
N GLY A 149 27.49 -20.62 -17.40
CA GLY A 149 27.20 -19.30 -17.95
C GLY A 149 28.41 -18.41 -18.06
N CYS A 150 28.15 -17.13 -18.29
CA CYS A 150 29.17 -16.12 -18.49
C CYS A 150 28.86 -14.89 -17.64
N LEU A 151 29.88 -14.35 -16.99
CA LEU A 151 29.75 -13.14 -16.19
C LEU A 151 30.25 -11.95 -17.00
N VAL A 152 29.35 -11.04 -17.33
CA VAL A 152 29.67 -9.85 -18.13
C VAL A 152 29.74 -8.69 -17.15
N LYS A 153 30.94 -8.43 -16.62
CA LYS A 153 31.13 -7.49 -15.53
C LYS A 153 31.80 -6.22 -16.03
N ASP A 154 31.39 -5.09 -15.43
CA ASP A 154 32.03 -3.79 -15.61
C ASP A 154 31.97 -3.27 -17.04
N TYR A 155 30.85 -2.70 -17.44
CA TYR A 155 30.73 -2.01 -18.72
C TYR A 155 29.83 -0.80 -18.56
N PHE A 156 29.94 0.11 -19.54
CA PHE A 156 29.10 1.29 -19.62
C PHE A 156 29.21 1.86 -21.02
N PRO A 157 28.11 2.30 -21.64
CA PRO A 157 26.76 2.22 -21.07
C PRO A 157 26.02 0.97 -21.53
N GLU A 158 24.73 0.92 -21.25
CA GLU A 158 23.89 -0.14 -21.78
C GLU A 158 23.65 0.09 -23.28
N PRO A 159 23.34 -0.97 -24.03
CA PRO A 159 23.26 -2.37 -23.61
C PRO A 159 24.37 -3.25 -24.14
N VAL A 160 24.32 -4.53 -23.78
CA VAL A 160 25.14 -5.56 -24.41
C VAL A 160 24.20 -6.69 -24.84
N THR A 161 24.65 -7.45 -25.83
CA THR A 161 23.91 -8.60 -26.33
C THR A 161 24.74 -9.86 -26.14
N VAL A 162 24.09 -10.92 -25.65
CA VAL A 162 24.75 -12.19 -25.38
C VAL A 162 24.02 -13.30 -26.10
N SER A 163 24.76 -14.10 -26.86
CA SER A 163 24.25 -15.30 -27.50
C SER A 163 25.20 -16.45 -27.20
N TRP A 164 24.71 -17.67 -27.40
CA TRP A 164 25.47 -18.87 -27.08
C TRP A 164 25.69 -19.70 -28.33
N ASN A 165 26.93 -20.16 -28.52
CA ASN A 165 27.31 -20.97 -29.67
C ASN A 165 26.96 -20.27 -30.99
N SER A 166 27.18 -18.96 -31.02
CA SER A 166 26.93 -18.14 -32.20
C SER A 166 25.48 -18.23 -32.66
N GLY A 167 24.55 -18.17 -31.70
CA GLY A 167 23.14 -18.23 -32.00
C GLY A 167 22.55 -19.61 -32.15
N ALA A 168 23.38 -20.66 -32.18
CA ALA A 168 22.86 -22.01 -32.34
C ALA A 168 22.10 -22.48 -31.10
N LEU A 169 22.51 -22.03 -29.92
CA LEU A 169 21.90 -22.45 -28.66
C LEU A 169 21.01 -21.33 -28.13
N THR A 170 19.72 -21.61 -28.01
CA THR A 170 18.75 -20.65 -27.50
C THR A 170 17.87 -21.23 -26.40
N SER A 171 17.52 -22.52 -26.49
CA SER A 171 16.61 -23.12 -25.53
C SER A 171 17.29 -23.31 -24.18
N GLY A 172 16.63 -22.86 -23.12
CA GLY A 172 17.17 -22.95 -21.78
C GLY A 172 18.11 -21.83 -21.38
N VAL A 173 18.29 -20.82 -22.22
CA VAL A 173 19.18 -19.70 -21.96
C VAL A 173 18.42 -18.63 -21.20
N HIS A 174 19.05 -18.08 -20.17
CA HIS A 174 18.51 -16.95 -19.41
C HIS A 174 19.58 -15.86 -19.35
N THR A 175 19.32 -14.74 -20.02
CA THR A 175 20.18 -13.57 -19.95
C THR A 175 19.54 -12.57 -18.99
N PHE A 176 20.13 -12.42 -17.80
CA PHE A 176 19.54 -11.60 -16.77
C PHE A 176 19.63 -10.12 -17.13
N PRO A 177 18.67 -9.31 -16.66
CA PRO A 177 18.79 -7.86 -16.83
C PRO A 177 20.01 -7.33 -16.07
N ALA A 178 20.68 -6.36 -16.69
CA ALA A 178 21.86 -5.78 -16.07
C ALA A 178 21.49 -5.06 -14.78
N VAL A 179 22.44 -5.01 -13.85
CA VAL A 179 22.30 -4.26 -12.61
C VAL A 179 23.44 -3.26 -12.54
N LEU A 180 23.15 -2.08 -11.97
CA LEU A 180 24.11 -1.00 -11.90
C LEU A 180 24.90 -1.11 -10.60
N GLN A 181 26.18 -1.44 -10.71
CA GLN A 181 27.03 -1.56 -9.53
C GLN A 181 27.31 -0.18 -8.93
N SER A 182 27.75 -0.19 -7.67
CA SER A 182 28.06 1.05 -6.98
C SER A 182 29.22 1.82 -7.60
N SER A 183 29.95 1.20 -8.54
CA SER A 183 31.02 1.89 -9.25
C SER A 183 30.51 2.74 -10.41
N GLY A 184 29.23 2.65 -10.75
CA GLY A 184 28.69 3.30 -11.92
C GLY A 184 28.71 2.47 -13.18
N LEU A 185 29.20 1.24 -13.10
CA LEU A 185 29.27 0.35 -14.25
C LEU A 185 28.21 -0.75 -14.12
N TYR A 186 27.76 -1.25 -15.27
CA TYR A 186 26.75 -2.30 -15.31
C TYR A 186 27.40 -3.68 -15.31
N SER A 187 26.60 -4.69 -14.97
CA SER A 187 27.09 -6.05 -14.88
C SER A 187 25.90 -6.99 -14.89
N LEU A 188 25.93 -7.98 -15.78
CA LEU A 188 24.88 -9.00 -15.88
C LEU A 188 25.51 -10.37 -15.97
N SER A 189 24.64 -11.39 -15.93
CA SER A 189 25.02 -12.77 -16.12
C SER A 189 24.11 -13.41 -17.15
N SER A 190 24.62 -14.41 -17.85
CA SER A 190 23.85 -15.17 -18.83
C SER A 190 24.12 -16.64 -18.59
N VAL A 191 23.07 -17.41 -18.30
CA VAL A 191 23.20 -18.81 -17.94
C VAL A 191 22.37 -19.65 -18.90
N VAL A 192 22.69 -20.95 -18.94
CA VAL A 192 21.99 -21.91 -19.78
C VAL A 192 22.12 -23.28 -19.14
N THR A 193 20.99 -24.01 -19.07
CA THR A 193 20.98 -25.37 -18.56
C THR A 193 21.14 -26.35 -19.71
N VAL A 194 22.05 -27.30 -19.57
CA VAL A 194 22.37 -28.25 -20.63
C VAL A 194 22.47 -29.65 -20.04
N PRO A 195 22.25 -30.68 -20.84
CA PRO A 195 22.44 -32.05 -20.37
C PRO A 195 23.88 -32.28 -19.94
N SER A 196 24.05 -32.81 -18.72
CA SER A 196 25.38 -33.02 -18.15
C SER A 196 26.18 -34.06 -18.92
N SER A 197 25.52 -34.92 -19.70
CA SER A 197 26.24 -35.92 -20.48
C SER A 197 27.07 -35.28 -21.59
N SER A 198 26.60 -34.15 -22.13
CA SER A 198 27.28 -33.46 -23.21
C SER A 198 28.31 -32.44 -22.73
N LEU A 199 28.66 -32.48 -21.44
CA LEU A 199 29.63 -31.51 -20.92
C LEU A 199 31.01 -31.69 -21.57
N GLY A 200 31.37 -32.92 -21.91
CA GLY A 200 32.66 -33.17 -22.52
C GLY A 200 32.61 -33.15 -24.03
N THR A 201 31.52 -33.66 -24.60
CA THR A 201 31.41 -33.74 -26.06
C THR A 201 31.30 -32.35 -26.68
N GLN A 202 30.31 -31.57 -26.25
CA GLN A 202 30.05 -30.27 -26.85
C GLN A 202 30.79 -29.17 -26.10
N THR A 203 31.34 -28.22 -26.85
CA THR A 203 32.00 -27.05 -26.30
C THR A 203 31.04 -25.87 -26.34
N TYR A 204 31.05 -25.07 -25.27
CA TYR A 204 30.12 -23.95 -25.11
C TYR A 204 30.89 -22.64 -25.08
N ILE A 205 30.46 -21.69 -25.91
CA ILE A 205 31.06 -20.37 -26.00
C ILE A 205 29.97 -19.33 -26.03
N CYS A 206 30.06 -18.33 -25.14
CA CYS A 206 29.13 -17.21 -25.12
C CYS A 206 29.70 -16.04 -25.91
N ASN A 207 28.81 -15.27 -26.53
CA ASN A 207 29.18 -14.20 -27.45
C ASN A 207 28.65 -12.87 -26.92
N VAL A 208 29.51 -12.11 -26.26
CA VAL A 208 29.15 -10.80 -25.72
C VAL A 208 29.47 -9.74 -26.76
N ASN A 209 28.56 -8.76 -26.90
CA ASN A 209 28.72 -7.70 -27.88
C ASN A 209 28.30 -6.38 -27.25
N HIS A 210 29.23 -5.44 -27.15
CA HIS A 210 28.99 -4.10 -26.61
C HIS A 210 29.26 -3.10 -27.72
N LYS A 211 28.22 -2.78 -28.50
CA LYS A 211 28.40 -1.90 -29.66
C LYS A 211 28.86 -0.49 -29.30
N PRO A 212 28.36 0.17 -28.24
CA PRO A 212 28.86 1.51 -27.91
C PRO A 212 30.36 1.58 -27.64
N SER A 213 31.05 0.44 -27.46
CA SER A 213 32.49 0.44 -27.28
C SER A 213 33.20 -0.48 -28.27
N ASN A 214 32.48 -1.04 -29.25
CA ASN A 214 33.05 -1.92 -30.26
C ASN A 214 33.80 -3.09 -29.63
N THR A 215 33.14 -3.73 -28.67
CA THR A 215 33.71 -4.86 -27.95
C THR A 215 32.95 -6.13 -28.31
N LYS A 216 33.68 -7.13 -28.81
CA LYS A 216 33.11 -8.43 -29.14
C LYS A 216 34.00 -9.49 -28.52
N VAL A 217 33.42 -10.34 -27.67
CA VAL A 217 34.17 -11.32 -26.90
C VAL A 217 33.50 -12.68 -27.02
N ASP A 218 34.31 -13.72 -27.21
CA ASP A 218 33.85 -15.10 -27.20
C ASP A 218 34.61 -15.84 -26.10
N LYS A 219 33.88 -16.33 -25.10
CA LYS A 219 34.49 -16.95 -23.94
C LYS A 219 34.09 -18.41 -23.85
N ARG A 220 35.09 -19.29 -23.77
CA ARG A 220 34.84 -20.72 -23.61
C ARG A 220 34.64 -21.04 -22.13
N VAL A 221 33.57 -21.77 -21.84
CA VAL A 221 33.22 -22.15 -20.48
C VAL A 221 33.37 -23.66 -20.37
N GLU A 222 34.43 -24.09 -19.73
CA GLU A 222 34.72 -25.50 -19.53
C GLU A 222 35.18 -25.75 -18.10
N PRO A 223 34.89 -26.93 -17.54
CA PRO A 223 35.28 -27.25 -16.16
C PRO A 223 36.78 -27.31 -15.96
N ASP B 1 0.64 19.77 -3.54
CA ASP B 1 0.96 18.53 -4.25
C ASP B 1 0.08 17.37 -3.81
N ILE B 2 -0.68 16.83 -4.76
CA ILE B 2 -1.56 15.69 -4.51
C ILE B 2 -0.78 14.41 -4.79
N GLN B 3 -0.87 13.45 -3.87
CA GLN B 3 -0.14 12.20 -3.96
C GLN B 3 -1.14 11.05 -4.12
N MET B 4 -0.87 10.17 -5.08
CA MET B 4 -1.71 9.01 -5.36
C MET B 4 -1.05 7.74 -4.83
N THR B 5 -1.85 6.90 -4.17
CA THR B 5 -1.35 5.68 -3.54
C THR B 5 -2.18 4.50 -4.03
N GLN B 6 -1.54 3.58 -4.76
CA GLN B 6 -2.20 2.40 -5.28
C GLN B 6 -2.03 1.21 -4.34
N SER B 7 -3.01 0.31 -4.37
CA SER B 7 -2.96 -0.92 -3.60
C SER B 7 -3.74 -1.98 -4.36
N PRO B 8 -3.18 -3.17 -4.57
CA PRO B 8 -1.82 -3.54 -4.15
C PRO B 8 -0.75 -3.18 -5.17
N SER B 9 0.51 -3.51 -4.88
CA SER B 9 1.60 -3.28 -5.82
C SER B 9 1.83 -4.47 -6.74
N THR B 10 1.56 -5.69 -6.27
CA THR B 10 1.67 -6.90 -7.07
C THR B 10 0.41 -7.71 -6.89
N LEU B 11 0.02 -8.41 -7.96
CA LEU B 11 -1.24 -9.14 -7.98
C LEU B 11 -1.12 -10.30 -8.96
N SER B 12 -1.26 -11.53 -8.46
CA SER B 12 -1.26 -12.72 -9.32
C SER B 12 -2.69 -13.12 -9.63
N ALA B 13 -2.92 -13.53 -10.88
CA ALA B 13 -4.25 -13.88 -11.34
C ALA B 13 -4.15 -14.77 -12.57
N SER B 14 -5.19 -15.57 -12.79
CA SER B 14 -5.31 -16.41 -13.96
C SER B 14 -6.35 -15.85 -14.92
N VAL B 15 -6.35 -16.39 -16.15
CA VAL B 15 -7.29 -15.93 -17.15
C VAL B 15 -8.71 -16.23 -16.70
N GLY B 16 -9.58 -15.22 -16.77
CA GLY B 16 -10.96 -15.34 -16.35
C GLY B 16 -11.25 -14.78 -14.98
N ASP B 17 -10.22 -14.46 -14.20
CA ASP B 17 -10.43 -13.94 -12.86
C ASP B 17 -10.86 -12.48 -12.91
N ARG B 18 -11.49 -12.03 -11.82
CA ARG B 18 -11.84 -10.63 -11.66
C ARG B 18 -10.74 -9.93 -10.87
N VAL B 19 -10.20 -8.85 -11.44
CA VAL B 19 -9.08 -8.12 -10.86
C VAL B 19 -9.56 -6.75 -10.44
N THR B 20 -9.23 -6.34 -9.21
CA THR B 20 -9.61 -5.05 -8.67
C THR B 20 -8.38 -4.31 -8.19
N ILE B 21 -8.15 -3.11 -8.73
CA ILE B 21 -7.04 -2.25 -8.36
C ILE B 21 -7.60 -0.99 -7.75
N THR B 22 -7.07 -0.59 -6.60
CA THR B 22 -7.51 0.60 -5.89
C THR B 22 -6.44 1.69 -5.97
N CYS B 23 -6.90 2.94 -5.97
CA CYS B 23 -6.01 4.09 -6.10
C CYS B 23 -6.58 5.21 -5.23
N ARG B 24 -5.78 5.69 -4.27
CA ARG B 24 -6.25 6.66 -3.30
C ARG B 24 -5.45 7.95 -3.39
N ALA B 25 -6.13 9.06 -3.19
CA ALA B 25 -5.56 10.40 -3.33
C ALA B 25 -5.41 11.06 -1.97
N SER B 26 -4.33 11.82 -1.80
CA SER B 26 -4.08 12.54 -0.56
C SER B 26 -5.11 13.62 -0.28
N GLN B 27 -5.91 14.01 -1.27
CA GLN B 27 -7.01 14.94 -1.09
C GLN B 27 -7.96 14.76 -2.25
N SER B 28 -9.13 15.39 -2.13
CA SER B 28 -10.17 15.22 -3.15
C SER B 28 -9.69 15.73 -4.50
N ILE B 29 -9.95 14.94 -5.53
CA ILE B 29 -9.58 15.30 -6.90
C ILE B 29 -10.82 15.24 -7.79
N SER B 30 -12.00 15.35 -7.16
CA SER B 30 -13.27 15.21 -7.86
C SER B 30 -13.31 13.90 -8.62
N SER B 31 -13.53 13.97 -9.94
CA SER B 31 -13.49 12.79 -10.79
C SER B 31 -12.36 12.87 -11.82
N TRP B 32 -11.35 13.70 -11.58
CA TRP B 32 -10.26 13.88 -12.53
C TRP B 32 -9.19 12.81 -12.30
N LEU B 33 -9.53 11.58 -12.73
CA LEU B 33 -8.62 10.45 -12.58
C LEU B 33 -8.58 9.66 -13.88
N ALA B 34 -7.40 9.14 -14.20
CA ALA B 34 -7.19 8.35 -15.40
C ALA B 34 -6.50 7.03 -15.05
N TRP B 35 -6.66 6.05 -15.93
CA TRP B 35 -6.02 4.75 -15.78
C TRP B 35 -5.24 4.42 -17.05
N TYR B 36 -4.01 3.94 -16.87
CA TYR B 36 -3.15 3.60 -17.98
C TYR B 36 -2.66 2.16 -17.85
N GLN B 37 -2.38 1.54 -19.00
CA GLN B 37 -1.81 0.21 -19.07
C GLN B 37 -0.46 0.30 -19.74
N GLN B 38 0.56 -0.33 -19.14
CA GLN B 38 1.91 -0.30 -19.68
C GLN B 38 2.52 -1.69 -19.63
N LYS B 39 3.05 -2.14 -20.76
CA LYS B 39 3.75 -3.42 -20.86
C LYS B 39 5.25 -3.18 -21.02
N PRO B 40 6.08 -4.14 -20.64
CA PRO B 40 7.54 -3.89 -20.60
C PRO B 40 8.08 -3.44 -21.94
N GLY B 41 8.79 -2.30 -21.93
CA GLY B 41 9.37 -1.72 -23.10
C GLY B 41 8.45 -0.80 -23.89
N LYS B 42 7.15 -0.94 -23.74
CA LYS B 42 6.18 -0.18 -24.52
C LYS B 42 5.76 1.09 -23.77
N ALA B 43 4.88 1.85 -24.39
CA ALA B 43 4.36 3.10 -23.84
C ALA B 43 3.09 2.83 -23.04
N PRO B 44 2.66 3.79 -22.24
CA PRO B 44 1.35 3.65 -21.58
C PRO B 44 0.21 3.77 -22.57
N LYS B 45 -0.89 3.09 -22.26
CA LYS B 45 -2.12 3.14 -23.03
C LYS B 45 -3.23 3.71 -22.16
N LEU B 46 -3.90 4.75 -22.63
CA LEU B 46 -5.02 5.30 -21.90
C LEU B 46 -6.18 4.31 -21.90
N LEU B 47 -6.66 3.95 -20.71
CA LEU B 47 -7.78 3.04 -20.54
C LEU B 47 -9.05 3.75 -20.12
N ILE B 48 -9.00 4.53 -19.05
CA ILE B 48 -10.17 5.19 -18.48
C ILE B 48 -9.81 6.65 -18.20
N TYR B 49 -10.72 7.55 -18.56
CA TYR B 49 -10.56 8.97 -18.26
C TYR B 49 -11.78 9.47 -17.49
N LYS B 50 -11.56 10.50 -16.68
CA LYS B 50 -12.57 11.06 -15.79
C LYS B 50 -13.24 9.96 -14.96
N ALA B 51 -12.41 9.17 -14.28
CA ALA B 51 -12.82 8.16 -13.32
C ALA B 51 -13.57 6.98 -13.93
N SER B 52 -14.59 7.24 -14.75
CA SER B 52 -15.47 6.18 -15.24
C SER B 52 -15.56 6.05 -16.74
N ASN B 53 -15.21 7.08 -17.51
CA ASN B 53 -15.37 7.02 -18.96
C ASN B 53 -14.32 6.09 -19.56
N LEU B 54 -14.78 5.18 -20.42
CA LEU B 54 -13.91 4.23 -21.08
C LEU B 54 -13.41 4.80 -22.40
N GLU B 55 -12.09 4.79 -22.59
CA GLU B 55 -11.53 5.25 -23.85
C GLU B 55 -11.96 4.32 -24.98
N SER B 56 -12.30 4.90 -26.11
CA SER B 56 -12.80 4.13 -27.25
C SER B 56 -11.78 3.10 -27.70
N GLY B 57 -12.26 1.90 -28.01
CA GLY B 57 -11.39 0.82 -28.41
C GLY B 57 -10.90 -0.07 -27.29
N VAL B 58 -11.24 0.25 -26.05
CA VAL B 58 -10.84 -0.55 -24.89
C VAL B 58 -11.97 -1.54 -24.60
N PRO B 59 -11.67 -2.82 -24.37
CA PRO B 59 -12.73 -3.80 -24.11
C PRO B 59 -13.56 -3.42 -22.88
N LEU B 60 -14.83 -3.84 -22.91
CA LEU B 60 -15.77 -3.50 -21.85
C LEU B 60 -15.46 -4.18 -20.53
N ARG B 61 -14.56 -5.17 -20.52
CA ARG B 61 -14.16 -5.79 -19.26
C ARG B 61 -13.39 -4.83 -18.37
N PHE B 62 -12.92 -3.70 -18.90
CA PHE B 62 -12.29 -2.66 -18.10
C PHE B 62 -13.36 -1.66 -17.68
N SER B 63 -13.61 -1.57 -16.38
CA SER B 63 -14.56 -0.61 -15.83
C SER B 63 -13.87 0.25 -14.78
N GLY B 64 -14.40 1.44 -14.57
CA GLY B 64 -13.84 2.36 -13.59
C GLY B 64 -14.89 3.06 -12.77
N SER B 65 -14.69 3.12 -11.46
CA SER B 65 -15.60 3.80 -10.56
C SER B 65 -14.78 4.69 -9.62
N GLY B 66 -15.49 5.49 -8.84
CA GLY B 66 -14.82 6.32 -7.85
C GLY B 66 -15.08 7.80 -8.02
N SER B 67 -14.90 8.54 -6.93
CA SER B 67 -15.08 9.99 -6.89
C SER B 67 -14.52 10.49 -5.57
N GLY B 68 -13.86 11.65 -5.62
CA GLY B 68 -13.27 12.21 -4.43
C GLY B 68 -11.84 11.76 -4.19
N THR B 69 -11.67 10.72 -3.37
CA THR B 69 -10.34 10.24 -3.01
C THR B 69 -10.11 8.76 -3.25
N GLU B 70 -11.16 7.94 -3.33
CA GLU B 70 -11.02 6.49 -3.47
C GLU B 70 -11.57 6.07 -4.83
N PHE B 71 -10.74 5.38 -5.62
CA PHE B 71 -11.09 4.96 -6.96
C PHE B 71 -10.74 3.49 -7.13
N THR B 72 -11.28 2.89 -8.19
CA THR B 72 -11.15 1.44 -8.39
C THR B 72 -11.13 1.14 -9.88
N LEU B 73 -10.09 0.44 -10.31
CA LEU B 73 -10.05 -0.17 -11.65
C LEU B 73 -10.40 -1.64 -11.51
N THR B 74 -11.39 -2.09 -12.27
CA THR B 74 -11.87 -3.46 -12.21
C THR B 74 -11.78 -4.10 -13.59
N ILE B 75 -11.14 -5.25 -13.66
CA ILE B 75 -11.13 -6.08 -14.87
C ILE B 75 -12.08 -7.23 -14.60
N SER B 76 -13.27 -7.18 -15.21
CA SER B 76 -14.33 -8.12 -14.86
C SER B 76 -13.94 -9.57 -15.16
N SER B 77 -13.19 -9.78 -16.23
CA SER B 77 -12.76 -11.12 -16.61
C SER B 77 -11.40 -11.00 -17.29
N LEU B 78 -10.35 -11.43 -16.59
CA LEU B 78 -9.00 -11.22 -17.08
C LEU B 78 -8.76 -12.00 -18.37
N GLN B 79 -7.94 -11.43 -19.24
CA GLN B 79 -7.58 -12.01 -20.52
C GLN B 79 -6.06 -12.05 -20.63
N PRO B 80 -5.51 -12.93 -21.47
CA PRO B 80 -4.04 -13.04 -21.56
C PRO B 80 -3.35 -11.75 -21.96
N ASP B 81 -4.04 -10.87 -22.68
CA ASP B 81 -3.45 -9.59 -23.08
C ASP B 81 -3.37 -8.60 -21.93
N ASP B 82 -4.13 -8.81 -20.86
CA ASP B 82 -4.25 -7.82 -19.79
C ASP B 82 -3.13 -7.89 -18.76
N PHE B 83 -2.22 -8.87 -18.86
CA PHE B 83 -1.12 -8.96 -17.91
C PHE B 83 -0.11 -7.85 -18.19
N ALA B 84 -0.07 -6.85 -17.33
CA ALA B 84 0.80 -5.69 -17.49
C ALA B 84 0.82 -4.92 -16.17
N THR B 85 1.32 -3.70 -16.21
CA THR B 85 1.34 -2.81 -15.06
C THR B 85 0.36 -1.66 -15.30
N TYR B 86 -0.37 -1.30 -14.25
CA TYR B 86 -1.44 -0.31 -14.35
C TYR B 86 -1.15 0.86 -13.43
N TYR B 87 -1.22 2.08 -13.99
CA TYR B 87 -0.98 3.31 -13.25
C TYR B 87 -2.25 4.15 -13.22
N CYS B 88 -2.51 4.77 -12.07
CA CYS B 88 -3.56 5.78 -11.97
C CYS B 88 -2.93 7.17 -11.95
N GLN B 89 -3.69 8.15 -12.44
CA GLN B 89 -3.18 9.51 -12.60
C GLN B 89 -4.29 10.50 -12.30
N GLN B 90 -3.97 11.52 -11.51
CA GLN B 90 -4.86 12.65 -11.31
C GLN B 90 -4.41 13.81 -12.18
N TYR B 91 -5.38 14.51 -12.76
CA TYR B 91 -5.12 15.72 -13.51
C TYR B 91 -5.99 16.86 -13.01
N ASN B 92 -6.10 16.97 -11.68
CA ASN B 92 -6.83 18.04 -11.02
C ASN B 92 -5.92 19.14 -10.48
N ASN B 93 -4.78 18.78 -9.90
CA ASN B 93 -3.79 19.74 -9.42
C ASN B 93 -2.43 19.30 -9.97
N TYR B 94 -2.03 19.89 -11.08
CA TYR B 94 -0.87 19.44 -11.86
C TYR B 94 -1.11 17.98 -12.23
N TRP B 95 -0.06 17.18 -12.36
CA TRP B 95 -0.19 15.80 -12.82
C TRP B 95 0.74 14.91 -12.03
N THR B 96 0.16 13.96 -11.29
CA THR B 96 0.91 12.96 -10.55
C THR B 96 0.34 11.58 -10.83
N PHE B 97 1.16 10.56 -10.62
CA PHE B 97 0.80 9.19 -10.91
C PHE B 97 0.95 8.32 -9.66
N GLY B 98 0.26 7.19 -9.67
CA GLY B 98 0.48 6.18 -8.66
C GLY B 98 1.74 5.37 -8.94
N GLN B 99 2.17 4.62 -7.94
CA GLN B 99 3.40 3.84 -8.09
C GLN B 99 3.20 2.63 -9.00
N GLY B 100 1.97 2.21 -9.23
CA GLY B 100 1.70 1.17 -10.21
C GLY B 100 1.33 -0.15 -9.56
N THR B 101 0.50 -0.92 -10.27
CA THR B 101 0.12 -2.26 -9.87
C THR B 101 0.49 -3.22 -10.99
N LYS B 102 1.32 -4.21 -10.69
CA LYS B 102 1.76 -5.20 -11.66
C LYS B 102 0.89 -6.44 -11.53
N VAL B 103 0.22 -6.81 -12.61
CA VAL B 103 -0.65 -7.98 -12.65
C VAL B 103 0.16 -9.13 -13.25
N GLU B 104 0.46 -10.13 -12.43
CA GLU B 104 1.30 -11.26 -12.77
C GLU B 104 0.44 -12.50 -13.08
N ILE B 105 0.98 -13.38 -13.90
CA ILE B 105 0.29 -14.62 -14.26
C ILE B 105 0.52 -15.65 -13.15
N LYS B 106 -0.56 -16.31 -12.72
CA LYS B 106 -0.48 -17.30 -11.66
C LYS B 106 -0.29 -18.69 -12.25
N ARG B 107 0.50 -19.51 -11.56
CA ARG B 107 0.70 -20.90 -11.94
C ARG B 107 0.95 -21.71 -10.67
N THR B 108 1.13 -23.01 -10.85
CA THR B 108 1.39 -23.89 -9.71
C THR B 108 2.78 -23.62 -9.14
N VAL B 109 2.95 -23.96 -7.86
CA VAL B 109 4.21 -23.73 -7.18
C VAL B 109 5.30 -24.59 -7.82
N ALA B 110 6.46 -23.98 -8.03
CA ALA B 110 7.62 -24.68 -8.59
C ALA B 110 8.85 -24.25 -7.80
N ALA B 111 9.56 -25.23 -7.24
CA ALA B 111 10.74 -24.93 -6.45
C ALA B 111 11.91 -24.55 -7.36
N PRO B 112 12.80 -23.68 -6.90
CA PRO B 112 13.94 -23.28 -7.72
C PRO B 112 15.06 -24.31 -7.70
N SER B 113 15.81 -24.33 -8.80
CA SER B 113 17.02 -25.15 -8.91
C SER B 113 18.21 -24.24 -8.65
N VAL B 114 18.98 -24.56 -7.61
CA VAL B 114 20.06 -23.71 -7.13
C VAL B 114 21.39 -24.20 -7.67
N PHE B 115 22.23 -23.26 -8.10
CA PHE B 115 23.58 -23.55 -8.55
C PHE B 115 24.52 -22.46 -8.05
N ILE B 116 25.65 -22.85 -7.48
CA ILE B 116 26.63 -21.91 -6.95
C ILE B 116 27.89 -21.97 -7.81
N PHE B 117 28.44 -20.79 -8.10
CA PHE B 117 29.61 -20.68 -8.97
C PHE B 117 30.75 -19.97 -8.24
N PRO B 118 31.86 -20.64 -7.98
CA PRO B 118 33.03 -19.95 -7.42
C PRO B 118 33.59 -18.95 -8.41
N PRO B 119 34.30 -17.92 -7.93
CA PRO B 119 34.87 -16.95 -8.86
C PRO B 119 35.94 -17.58 -9.73
N SER B 120 35.96 -17.17 -11.00
CA SER B 120 36.91 -17.72 -11.96
C SER B 120 38.33 -17.35 -11.57
N ASP B 121 39.29 -18.20 -11.95
CA ASP B 121 40.69 -17.89 -11.74
C ASP B 121 41.11 -16.63 -12.50
N GLU B 122 40.46 -16.37 -13.64
CA GLU B 122 40.80 -15.19 -14.43
C GLU B 122 40.41 -13.90 -13.70
N GLN B 123 39.26 -13.90 -13.04
CA GLN B 123 38.80 -12.69 -12.34
C GLN B 123 39.67 -12.40 -11.12
N LEU B 124 40.14 -13.43 -10.43
CA LEU B 124 41.01 -13.21 -9.27
C LEU B 124 42.32 -12.55 -9.68
N LYS B 125 42.77 -12.77 -10.92
CA LYS B 125 43.97 -12.10 -11.40
C LYS B 125 43.77 -10.60 -11.56
N SER B 126 42.53 -10.13 -11.67
CA SER B 126 42.26 -8.71 -11.82
C SER B 126 42.20 -7.96 -10.50
N GLY B 127 41.80 -8.63 -9.42
CA GLY B 127 41.75 -7.98 -8.13
C GLY B 127 40.41 -8.12 -7.42
N THR B 128 39.35 -8.34 -8.19
CA THR B 128 38.02 -8.55 -7.64
C THR B 128 37.63 -10.01 -7.77
N ALA B 129 36.56 -10.38 -7.06
CA ALA B 129 36.06 -11.75 -7.07
C ALA B 129 34.54 -11.73 -6.90
N SER B 130 33.84 -12.40 -7.80
CA SER B 130 32.39 -12.46 -7.78
C SER B 130 31.93 -13.90 -7.64
N VAL B 131 31.03 -14.14 -6.70
CA VAL B 131 30.44 -15.47 -6.47
C VAL B 131 28.97 -15.40 -6.88
N VAL B 132 28.61 -16.16 -7.90
CA VAL B 132 27.26 -16.18 -8.46
C VAL B 132 26.52 -17.41 -7.98
N CYS B 133 25.26 -17.22 -7.56
CA CYS B 133 24.38 -18.30 -7.15
C CYS B 133 23.04 -18.12 -7.85
N LEU B 134 22.61 -19.13 -8.59
CA LEU B 134 21.51 -19.02 -9.54
C LEU B 134 20.28 -19.79 -9.08
N LEU B 135 19.12 -19.17 -9.25
CA LEU B 135 17.82 -19.81 -9.02
C LEU B 135 17.09 -19.87 -10.36
N ASN B 136 16.82 -21.08 -10.83
CA ASN B 136 16.34 -21.28 -12.20
C ASN B 136 14.93 -21.85 -12.19
N ASN B 137 14.02 -21.18 -12.89
CA ASN B 137 12.66 -21.65 -13.15
C ASN B 137 11.89 -21.98 -11.88
N PHE B 138 11.30 -20.96 -11.25
CA PHE B 138 10.55 -21.15 -10.02
C PHE B 138 9.35 -20.21 -10.00
N TYR B 139 8.43 -20.46 -9.06
CA TYR B 139 7.25 -19.64 -8.85
C TYR B 139 6.74 -19.92 -7.45
N PRO B 140 6.31 -18.90 -6.69
CA PRO B 140 6.25 -17.47 -7.01
C PRO B 140 7.61 -16.80 -6.98
N ARG B 141 7.66 -15.47 -7.21
CA ARG B 141 8.95 -14.80 -7.20
C ARG B 141 9.54 -14.71 -5.80
N GLU B 142 8.69 -14.60 -4.77
CA GLU B 142 9.18 -14.36 -3.41
C GLU B 142 10.17 -15.45 -2.99
N ALA B 143 11.44 -15.09 -2.94
CA ALA B 143 12.51 -16.00 -2.53
C ALA B 143 13.51 -15.22 -1.70
N LYS B 144 14.16 -15.91 -0.77
CA LYS B 144 15.17 -15.31 0.08
C LYS B 144 16.50 -16.02 -0.16
N VAL B 145 17.48 -15.27 -0.67
CA VAL B 145 18.81 -15.79 -0.93
C VAL B 145 19.77 -15.07 0.00
N GLN B 146 20.38 -15.82 0.92
CA GLN B 146 21.30 -15.27 1.91
C GLN B 146 22.68 -15.89 1.73
N TRP B 147 23.71 -15.05 1.72
CA TRP B 147 25.09 -15.51 1.64
C TRP B 147 25.67 -15.69 3.03
N LYS B 148 26.36 -16.81 3.24
CA LYS B 148 27.06 -17.08 4.48
C LYS B 148 28.50 -17.43 4.12
N VAL B 149 29.42 -16.50 4.40
CA VAL B 149 30.85 -16.68 4.13
C VAL B 149 31.47 -17.20 5.42
N ASP B 150 31.93 -18.45 5.39
CA ASP B 150 32.39 -19.15 6.60
C ASP B 150 31.31 -19.11 7.68
N ASN B 151 30.07 -19.33 7.27
CA ASN B 151 28.91 -19.34 8.16
C ASN B 151 28.71 -17.99 8.85
N ALA B 152 29.04 -16.91 8.15
CA ALA B 152 28.80 -15.55 8.63
C ALA B 152 27.87 -14.86 7.64
N LEU B 153 26.70 -14.46 8.12
CA LEU B 153 25.69 -13.87 7.25
C LEU B 153 26.15 -12.53 6.68
N GLN B 154 26.35 -12.47 5.37
CA GLN B 154 26.80 -11.27 4.71
C GLN B 154 25.61 -10.43 4.26
N SER B 155 25.78 -9.12 4.28
CA SER B 155 24.72 -8.21 3.86
C SER B 155 25.33 -6.91 3.36
N GLY B 156 24.87 -6.44 2.21
CA GLY B 156 25.32 -5.20 1.60
C GLY B 156 26.21 -5.38 0.40
N ASN B 157 26.81 -6.56 0.23
CA ASN B 157 27.77 -6.81 -0.84
C ASN B 157 27.18 -7.58 -2.01
N SER B 158 25.93 -8.03 -1.93
CA SER B 158 25.31 -8.82 -2.96
C SER B 158 24.25 -8.02 -3.71
N GLN B 159 23.98 -8.42 -4.95
CA GLN B 159 22.96 -7.80 -5.78
C GLN B 159 22.21 -8.88 -6.54
N GLU B 160 20.88 -8.80 -6.52
CA GLU B 160 20.03 -9.76 -7.19
C GLU B 160 19.53 -9.21 -8.52
N SER B 161 19.16 -10.13 -9.41
CA SER B 161 18.58 -9.78 -10.70
C SER B 161 17.57 -10.86 -11.08
N VAL B 162 16.40 -10.43 -11.54
CA VAL B 162 15.27 -11.31 -11.82
C VAL B 162 14.84 -11.13 -13.26
N THR B 163 14.50 -12.22 -13.93
CA THR B 163 13.97 -12.19 -15.28
C THR B 163 12.46 -11.94 -15.24
N GLU B 164 11.94 -11.42 -16.36
CA GLU B 164 10.50 -11.35 -16.52
C GLU B 164 9.92 -12.76 -16.60
N GLN B 165 8.63 -12.86 -16.31
CA GLN B 165 7.97 -14.16 -16.32
C GLN B 165 8.11 -14.82 -17.69
N ASP B 166 8.43 -16.11 -17.67
CA ASP B 166 8.69 -16.83 -18.90
C ASP B 166 7.44 -16.86 -19.78
N SER B 167 7.62 -16.60 -21.07
CA SER B 167 6.49 -16.57 -21.99
C SER B 167 5.83 -17.94 -22.12
N LYS B 168 6.58 -19.01 -21.87
CA LYS B 168 6.07 -20.36 -22.05
C LYS B 168 5.47 -20.93 -20.76
N ASP B 169 6.28 -21.03 -19.70
CA ASP B 169 5.84 -21.68 -18.47
C ASP B 169 5.56 -20.71 -17.33
N SER B 170 5.72 -19.41 -17.54
CA SER B 170 5.38 -18.39 -16.54
C SER B 170 6.14 -18.58 -15.23
N THR B 171 7.43 -18.86 -15.34
CA THR B 171 8.29 -19.01 -14.18
C THR B 171 9.35 -17.92 -14.15
N TYR B 172 10.00 -17.80 -13.00
CA TYR B 172 11.03 -16.78 -12.77
C TYR B 172 12.40 -17.42 -12.66
N SER B 173 13.42 -16.59 -12.81
CA SER B 173 14.81 -16.99 -12.60
C SER B 173 15.55 -15.84 -11.95
N LEU B 174 16.36 -16.15 -10.94
CA LEU B 174 17.03 -15.15 -10.13
C LEU B 174 18.52 -15.44 -10.09
N SER B 175 19.32 -14.37 -9.99
CA SER B 175 20.77 -14.48 -9.85
C SER B 175 21.24 -13.54 -8.77
N SER B 176 21.78 -14.09 -7.69
CA SER B 176 22.39 -13.31 -6.61
C SER B 176 23.90 -13.34 -6.78
N THR B 177 24.52 -12.17 -6.84
CA THR B 177 25.94 -12.03 -7.14
C THR B 177 26.65 -11.38 -5.97
N LEU B 178 27.41 -12.16 -5.22
CA LEU B 178 28.27 -11.63 -4.16
C LEU B 178 29.58 -11.16 -4.77
N THR B 179 29.93 -9.90 -4.52
CA THR B 179 31.15 -9.29 -5.06
C THR B 179 32.06 -8.91 -3.90
N LEU B 180 33.23 -9.53 -3.85
CA LEU B 180 34.22 -9.27 -2.82
C LEU B 180 35.54 -8.85 -3.45
N SER B 181 36.48 -8.46 -2.59
CA SER B 181 37.84 -8.21 -3.02
C SER B 181 38.65 -9.50 -2.93
N LYS B 182 39.74 -9.54 -3.71
CA LYS B 182 40.62 -10.70 -3.67
C LYS B 182 41.20 -10.90 -2.28
N ALA B 183 41.48 -9.79 -1.58
CA ALA B 183 41.98 -9.89 -0.21
C ALA B 183 40.94 -10.54 0.70
N ASP B 184 39.69 -10.06 0.65
CA ASP B 184 38.65 -10.61 1.51
C ASP B 184 38.29 -12.03 1.11
N TYR B 185 38.34 -12.35 -0.17
CA TYR B 185 37.99 -13.71 -0.62
C TYR B 185 39.02 -14.73 -0.16
N GLU B 186 40.32 -14.36 -0.20
CA GLU B 186 41.37 -15.29 0.16
C GLU B 186 41.44 -15.57 1.66
N LYS B 187 40.73 -14.80 2.48
CA LYS B 187 40.79 -14.96 3.93
C LYS B 187 39.79 -15.97 4.47
N HIS B 188 38.69 -16.21 3.76
CA HIS B 188 37.68 -17.15 4.19
C HIS B 188 37.72 -18.41 3.32
N LYS B 189 37.06 -19.46 3.80
CA LYS B 189 37.17 -20.79 3.20
C LYS B 189 35.89 -21.27 2.55
N VAL B 190 34.75 -21.17 3.25
CA VAL B 190 33.49 -21.78 2.79
C VAL B 190 32.53 -20.68 2.39
N TYR B 191 31.94 -20.81 1.20
CA TYR B 191 31.00 -19.85 0.66
C TYR B 191 29.72 -20.56 0.27
N ALA B 192 28.58 -20.01 0.67
CA ALA B 192 27.30 -20.66 0.44
C ALA B 192 26.20 -19.62 0.27
N CYS B 193 25.23 -19.94 -0.59
CA CYS B 193 23.96 -19.22 -0.67
C CYS B 193 22.87 -20.10 -0.09
N GLU B 194 22.06 -19.54 0.80
CA GLU B 194 20.98 -20.27 1.46
C GLU B 194 19.66 -19.75 0.90
N VAL B 195 18.94 -20.62 0.20
CA VAL B 195 17.73 -20.24 -0.54
C VAL B 195 16.51 -20.69 0.25
N THR B 196 15.64 -19.74 0.58
CA THR B 196 14.33 -20.00 1.18
C THR B 196 13.26 -19.74 0.13
N HIS B 197 12.40 -20.72 -0.10
CA HIS B 197 11.32 -20.56 -1.06
C HIS B 197 10.12 -21.38 -0.62
N GLN B 198 8.96 -21.00 -1.14
CA GLN B 198 7.72 -21.66 -0.77
C GLN B 198 7.72 -23.13 -1.19
N GLY B 199 8.33 -23.43 -2.34
CA GLY B 199 8.36 -24.77 -2.85
C GLY B 199 9.36 -25.70 -2.20
N LEU B 200 10.16 -25.20 -1.26
CA LEU B 200 11.20 -26.00 -0.62
C LEU B 200 10.74 -26.42 0.77
N SER B 201 10.90 -27.71 1.08
CA SER B 201 10.54 -28.23 2.40
C SER B 201 11.26 -27.47 3.50
N SER B 202 12.59 -27.53 3.49
CA SER B 202 13.45 -26.76 4.37
C SER B 202 14.40 -25.92 3.52
N PRO B 203 15.01 -24.88 4.10
CA PRO B 203 15.94 -24.05 3.31
C PRO B 203 17.05 -24.87 2.67
N VAL B 204 17.43 -24.47 1.47
CA VAL B 204 18.40 -25.19 0.65
C VAL B 204 19.71 -24.42 0.63
N THR B 205 20.82 -25.12 0.87
CA THR B 205 22.14 -24.54 0.87
C THR B 205 23.01 -25.21 -0.18
N LYS B 206 23.62 -24.41 -1.06
CA LYS B 206 24.61 -24.86 -2.00
C LYS B 206 25.93 -24.16 -1.67
N SER B 207 27.02 -24.93 -1.58
CA SER B 207 28.26 -24.40 -1.05
C SER B 207 29.45 -25.02 -1.78
N PHE B 208 30.63 -24.49 -1.45
CA PHE B 208 31.89 -24.99 -1.97
C PHE B 208 33.00 -24.52 -1.04
N ASN B 209 34.06 -25.32 -0.95
CA ASN B 209 35.27 -24.90 -0.26
C ASN B 209 36.23 -24.28 -1.28
N ARG B 210 36.80 -23.14 -0.92
CA ARG B 210 37.68 -22.42 -1.85
C ARG B 210 38.88 -23.28 -2.22
N GLY B 211 38.98 -23.61 -3.50
CA GLY B 211 40.11 -24.36 -4.02
C GLY B 211 39.79 -25.81 -4.33
N GLU B 212 38.89 -26.04 -5.27
CA GLU B 212 38.53 -27.40 -5.69
C GLU B 212 38.39 -27.45 -7.21
N GLN C 1 2.28 43.02 0.98
CA GLN C 1 0.98 43.59 1.31
C GLN C 1 0.06 43.64 0.09
N VAL C 2 -0.77 42.62 -0.05
CA VAL C 2 -1.69 42.52 -1.17
C VAL C 2 -2.93 43.36 -0.85
N GLN C 3 -3.25 44.30 -1.75
CA GLN C 3 -4.34 45.24 -1.49
C GLN C 3 -5.07 45.57 -2.78
N LEU C 4 -6.30 46.03 -2.62
CA LEU C 4 -7.12 46.55 -3.71
C LEU C 4 -7.63 47.93 -3.34
N VAL C 5 -7.57 48.86 -4.28
CA VAL C 5 -7.89 50.26 -4.03
C VAL C 5 -8.87 50.71 -5.11
N GLU C 6 -10.15 50.86 -4.74
CA GLU C 6 -11.14 51.45 -5.64
C GLU C 6 -11.02 52.96 -5.63
N SER C 7 -11.44 53.58 -6.74
CA SER C 7 -11.43 55.02 -6.86
C SER C 7 -12.34 55.42 -8.02
N GLY C 8 -12.61 56.72 -8.12
CA GLY C 8 -13.42 57.26 -9.19
C GLY C 8 -14.88 57.46 -8.85
N GLY C 9 -15.30 57.18 -7.61
CA GLY C 9 -16.66 57.41 -7.23
C GLY C 9 -16.95 58.86 -6.90
N GLY C 10 -18.22 59.22 -6.99
CA GLY C 10 -18.61 60.59 -6.71
C GLY C 10 -20.12 60.76 -6.82
N VAL C 11 -20.52 62.01 -7.04
CA VAL C 11 -21.94 62.37 -7.17
C VAL C 11 -22.24 62.60 -8.64
N VAL C 12 -23.31 61.96 -9.13
CA VAL C 12 -23.73 62.08 -10.52
C VAL C 12 -25.25 62.15 -10.56
N GLN C 13 -25.77 62.65 -11.68
CA GLN C 13 -27.21 62.76 -11.89
C GLN C 13 -27.71 61.59 -12.71
N PRO C 14 -29.02 61.30 -12.65
CA PRO C 14 -29.56 60.21 -13.45
C PRO C 14 -29.33 60.43 -14.94
N GLY C 15 -29.06 59.32 -15.65
CA GLY C 15 -28.73 59.37 -17.05
C GLY C 15 -27.26 59.63 -17.35
N ARG C 16 -26.53 60.24 -16.43
CA ARG C 16 -25.12 60.50 -16.63
C ARG C 16 -24.30 59.21 -16.49
N SER C 17 -23.01 59.31 -16.83
CA SER C 17 -22.11 58.18 -16.84
C SER C 17 -20.94 58.42 -15.89
N LEU C 18 -20.38 57.33 -15.37
CA LEU C 18 -19.24 57.38 -14.48
C LEU C 18 -18.37 56.16 -14.72
N ARG C 19 -17.08 56.28 -14.40
CA ARG C 19 -16.12 55.20 -14.60
C ARG C 19 -15.37 54.95 -13.30
N LEU C 20 -15.43 53.72 -12.81
CA LEU C 20 -14.72 53.32 -11.60
C LEU C 20 -13.48 52.52 -11.97
N SER C 21 -12.41 52.73 -11.22
CA SER C 21 -11.16 52.00 -11.42
C SER C 21 -10.68 51.45 -10.09
N CYS C 22 -10.10 50.26 -10.13
CA CYS C 22 -9.65 49.54 -8.94
C CYS C 22 -8.23 49.06 -9.19
N ALA C 23 -7.27 49.59 -8.43
CA ALA C 23 -5.86 49.38 -8.67
C ALA C 23 -5.32 48.30 -7.75
N ALA C 24 -4.75 47.25 -8.34
CA ALA C 24 -4.22 46.11 -7.60
C ALA C 24 -2.72 46.24 -7.40
N SER C 25 -2.24 45.66 -6.30
CA SER C 25 -0.82 45.66 -6.00
C SER C 25 -0.53 44.53 -5.02
N GLY C 26 0.74 44.10 -5.01
CA GLY C 26 1.17 43.06 -4.11
C GLY C 26 1.03 41.65 -4.65
N PHE C 27 0.24 41.44 -5.70
CA PHE C 27 0.07 40.10 -6.28
C PHE C 27 0.12 40.18 -7.80
N THR C 28 -0.15 39.05 -8.46
CA THR C 28 -0.12 38.99 -9.92
C THR C 28 -1.56 39.17 -10.42
N PHE C 29 -1.90 40.42 -10.74
CA PHE C 29 -3.28 40.76 -11.10
C PHE C 29 -3.71 40.06 -12.39
N SER C 30 -2.78 39.74 -13.26
CA SER C 30 -3.11 39.11 -14.54
C SER C 30 -3.45 37.63 -14.39
N ASN C 31 -3.28 37.03 -13.21
CA ASN C 31 -3.64 35.63 -13.01
C ASN C 31 -4.97 35.45 -12.29
N TYR C 32 -5.64 36.52 -11.90
CA TYR C 32 -6.86 36.42 -11.11
C TYR C 32 -8.04 37.01 -11.88
N GLY C 33 -9.17 36.32 -11.80
CA GLY C 33 -10.42 36.92 -12.18
C GLY C 33 -10.93 37.84 -11.09
N MET C 34 -11.64 38.89 -11.51
CA MET C 34 -12.08 39.92 -10.58
C MET C 34 -13.60 40.08 -10.64
N HIS C 35 -14.14 40.61 -9.55
CA HIS C 35 -15.57 40.87 -9.43
C HIS C 35 -15.79 42.32 -9.01
N TRP C 36 -16.99 42.81 -9.31
CA TRP C 36 -17.49 44.07 -8.77
C TRP C 36 -18.70 43.76 -7.90
N VAL C 37 -18.66 44.24 -6.67
CA VAL C 37 -19.74 44.04 -5.71
C VAL C 37 -20.11 45.39 -5.11
N ARG C 38 -21.40 45.72 -5.12
CA ARG C 38 -21.89 46.98 -4.59
C ARG C 38 -22.76 46.74 -3.37
N GLN C 39 -22.85 47.78 -2.54
CA GLN C 39 -23.59 47.71 -1.27
C GLN C 39 -24.34 49.02 -1.09
N ALA C 40 -25.66 48.98 -1.30
CA ALA C 40 -26.49 50.17 -1.15
C ALA C 40 -26.47 50.66 0.29
N PRO C 41 -26.75 51.96 0.50
CA PRO C 41 -26.71 52.51 1.88
C PRO C 41 -27.62 51.77 2.85
N GLY C 42 -27.01 51.10 3.82
CA GLY C 42 -27.75 50.39 4.84
C GLY C 42 -28.41 49.11 4.41
N LYS C 43 -27.91 48.47 3.36
CA LYS C 43 -28.49 47.22 2.86
C LYS C 43 -27.37 46.19 2.69
N GLY C 44 -27.75 45.02 2.16
CA GLY C 44 -26.84 43.91 2.03
C GLY C 44 -25.86 44.08 0.88
N LEU C 45 -25.33 42.94 0.43
CA LEU C 45 -24.35 42.90 -0.64
C LEU C 45 -24.99 42.39 -1.93
N GLU C 46 -24.62 43.01 -3.05
CA GLU C 46 -25.16 42.68 -4.36
C GLU C 46 -24.01 42.53 -5.35
N TRP C 47 -24.07 41.49 -6.16
CA TRP C 47 -23.05 41.23 -7.17
C TRP C 47 -23.37 42.00 -8.45
N VAL C 48 -22.33 42.51 -9.09
CA VAL C 48 -22.45 43.35 -10.29
C VAL C 48 -21.92 42.64 -11.53
N ALA C 49 -20.63 42.31 -11.55
CA ALA C 49 -20.03 41.74 -12.75
C ALA C 49 -18.79 40.95 -12.39
N VAL C 50 -18.36 40.12 -13.34
CA VAL C 50 -17.15 39.32 -13.22
C VAL C 50 -16.41 39.38 -14.55
N ILE C 51 -15.09 39.41 -14.48
CA ILE C 51 -14.24 39.34 -15.67
C ILE C 51 -13.20 38.26 -15.46
N TRP C 52 -12.84 37.59 -16.55
CA TRP C 52 -11.88 36.50 -16.50
C TRP C 52 -10.46 37.05 -16.31
N TYR C 53 -9.51 36.13 -16.08
CA TYR C 53 -8.13 36.54 -15.87
C TYR C 53 -7.53 37.19 -17.11
N ASP C 54 -8.02 36.81 -18.29
CA ASP C 54 -7.54 37.40 -19.54
C ASP C 54 -8.59 38.29 -20.20
N GLY C 55 -9.68 38.59 -19.48
CA GLY C 55 -10.75 39.37 -20.06
C GLY C 55 -11.50 38.71 -21.19
N SER C 56 -11.30 37.41 -21.40
CA SER C 56 -11.98 36.70 -22.48
C SER C 56 -13.45 36.45 -22.20
N LYS C 57 -13.85 36.47 -20.94
CA LYS C 57 -15.25 36.20 -20.57
C LYS C 57 -15.73 37.27 -19.60
N LYS C 58 -16.95 37.75 -19.82
CA LYS C 58 -17.57 38.75 -18.97
C LYS C 58 -19.02 38.36 -18.71
N TYR C 59 -19.45 38.49 -17.46
CA TYR C 59 -20.83 38.23 -17.09
C TYR C 59 -21.31 39.35 -16.19
N TYR C 60 -22.59 39.71 -16.34
CA TYR C 60 -23.17 40.83 -15.62
C TYR C 60 -24.44 40.39 -14.90
N ALA C 61 -24.75 41.08 -13.81
CA ALA C 61 -26.02 40.88 -13.15
C ALA C 61 -27.16 41.46 -13.99
N ASP C 62 -28.33 40.85 -13.87
CA ASP C 62 -29.49 41.30 -14.64
C ASP C 62 -29.85 42.74 -14.34
N SER C 63 -29.47 43.26 -13.18
CA SER C 63 -29.79 44.62 -12.77
C SER C 63 -28.86 45.66 -13.38
N VAL C 64 -27.83 45.25 -14.12
CA VAL C 64 -26.87 46.18 -14.72
C VAL C 64 -26.55 45.77 -16.14
N LYS C 65 -27.10 44.64 -16.59
CA LYS C 65 -26.75 44.12 -17.91
C LYS C 65 -27.21 45.09 -19.00
N GLY C 66 -26.31 45.34 -19.95
CA GLY C 66 -26.53 46.31 -20.99
C GLY C 66 -26.12 47.73 -20.62
N ARG C 67 -26.18 48.07 -19.33
CA ARG C 67 -25.80 49.39 -18.86
C ARG C 67 -24.36 49.46 -18.41
N PHE C 68 -23.86 48.41 -17.76
CA PHE C 68 -22.51 48.40 -17.21
C PHE C 68 -21.58 47.59 -18.12
N THR C 69 -20.30 47.93 -18.06
CA THR C 69 -19.27 47.24 -18.85
C THR C 69 -18.01 47.12 -18.02
N ILE C 70 -17.57 45.88 -17.79
CA ILE C 70 -16.39 45.60 -17.00
C ILE C 70 -15.19 45.42 -17.94
N SER C 71 -14.01 45.79 -17.46
CA SER C 71 -12.80 45.73 -18.27
C SER C 71 -11.60 45.74 -17.34
N ARG C 72 -10.43 45.46 -17.92
CA ARG C 72 -9.20 45.38 -17.12
C ARG C 72 -7.99 45.70 -17.98
N ASP C 73 -6.96 46.22 -17.33
CA ASP C 73 -5.67 46.52 -17.97
C ASP C 73 -4.61 45.74 -17.18
N ASN C 74 -4.22 44.58 -17.71
CA ASN C 74 -3.28 43.72 -16.99
C ASN C 74 -1.85 44.26 -16.99
N SER C 75 -1.55 45.28 -17.80
CA SER C 75 -0.23 45.87 -17.80
C SER C 75 -0.09 47.01 -16.80
N LYS C 76 -1.20 47.55 -16.30
CA LYS C 76 -1.18 48.56 -15.25
C LYS C 76 -1.83 48.05 -13.96
N ASN C 77 -2.22 46.77 -13.92
CA ASN C 77 -2.85 46.15 -12.76
C ASN C 77 -4.06 46.97 -12.30
N THR C 78 -5.03 47.12 -13.20
CA THR C 78 -6.20 47.95 -12.93
C THR C 78 -7.45 47.28 -13.48
N LEU C 79 -8.48 47.21 -12.65
CA LEU C 79 -9.81 46.78 -13.05
C LEU C 79 -10.71 48.00 -13.23
N TYR C 80 -11.60 47.93 -14.22
CA TYR C 80 -12.47 49.04 -14.53
C TYR C 80 -13.93 48.60 -14.49
N LEU C 81 -14.81 49.60 -14.42
CA LEU C 81 -16.25 49.37 -14.48
C LEU C 81 -16.90 50.62 -15.05
N GLN C 82 -17.37 50.54 -16.29
CA GLN C 82 -18.03 51.66 -16.95
C GLN C 82 -19.53 51.58 -16.69
N MET C 83 -20.07 52.61 -16.06
CA MET C 83 -21.48 52.65 -15.66
C MET C 83 -22.20 53.70 -16.50
N ASN C 84 -22.97 53.23 -17.49
CA ASN C 84 -23.75 54.10 -18.35
C ASN C 84 -25.23 54.08 -17.94
N SER C 85 -25.90 55.20 -18.19
CA SER C 85 -27.32 55.36 -17.87
C SER C 85 -27.59 55.03 -16.40
N LEU C 86 -26.88 55.73 -15.52
CA LEU C 86 -26.97 55.50 -14.09
C LEU C 86 -28.36 55.83 -13.56
N ARG C 87 -28.80 55.06 -12.57
CA ARG C 87 -30.10 55.22 -11.94
C ARG C 87 -29.92 55.49 -10.45
N ALA C 88 -31.00 55.94 -9.81
CA ALA C 88 -30.95 56.21 -8.38
C ALA C 88 -30.69 54.95 -7.58
N GLU C 89 -31.29 53.82 -7.97
CA GLU C 89 -31.07 52.57 -7.27
C GLU C 89 -29.66 52.05 -7.40
N ASP C 90 -28.87 52.59 -8.35
CA ASP C 90 -27.47 52.23 -8.46
C ASP C 90 -26.61 52.87 -7.38
N THR C 91 -27.17 53.77 -6.58
CA THR C 91 -26.41 54.40 -5.51
C THR C 91 -25.95 53.36 -4.50
N ALA C 92 -24.63 53.24 -4.33
CA ALA C 92 -24.05 52.23 -3.46
C ALA C 92 -22.55 52.50 -3.35
N VAL C 93 -21.91 51.79 -2.45
CA VAL C 93 -20.45 51.70 -2.40
C VAL C 93 -20.05 50.48 -3.23
N TYR C 94 -19.03 50.66 -4.08
CA TYR C 94 -18.64 49.64 -5.03
C TYR C 94 -17.29 49.04 -4.63
N TYR C 95 -17.28 47.74 -4.38
CA TYR C 95 -16.07 46.99 -4.04
C TYR C 95 -15.60 46.18 -5.23
N CYS C 96 -14.28 46.01 -5.34
CA CYS C 96 -13.68 45.04 -6.25
C CYS C 96 -13.11 43.90 -5.40
N ALA C 97 -13.41 42.67 -5.79
CA ALA C 97 -13.00 41.50 -5.04
C ALA C 97 -12.23 40.54 -5.95
N ARG C 98 -11.36 39.74 -5.32
CA ARG C 98 -10.48 38.81 -6.02
C ARG C 98 -10.93 37.39 -5.74
N VAL C 99 -11.08 36.59 -6.81
CA VAL C 99 -11.46 35.19 -6.65
C VAL C 99 -10.29 34.41 -6.09
N ARG C 100 -10.53 33.66 -5.01
CA ARG C 100 -9.50 32.83 -4.42
C ARG C 100 -9.00 31.81 -5.44
N ASP C 101 -7.70 31.54 -5.42
CA ASP C 101 -7.06 30.75 -6.46
C ASP C 101 -7.16 29.26 -6.16
N SER C 102 -7.62 28.49 -7.15
CA SER C 102 -7.67 27.05 -7.07
C SER C 102 -7.40 26.48 -8.46
N SER C 103 -6.87 25.26 -8.50
CA SER C 103 -6.64 24.58 -9.76
C SER C 103 -7.87 23.81 -10.25
N ASP C 104 -8.98 23.91 -9.53
CA ASP C 104 -10.18 23.15 -9.86
C ASP C 104 -10.96 23.82 -10.99
N TYR C 105 -11.99 23.13 -11.45
CA TYR C 105 -12.83 23.59 -12.56
C TYR C 105 -13.70 24.77 -12.19
N TYR C 106 -13.99 24.98 -10.90
CA TYR C 106 -14.94 25.99 -10.46
C TYR C 106 -14.23 27.11 -9.70
N GLY C 107 -14.86 28.28 -9.70
CA GLY C 107 -14.34 29.41 -8.96
C GLY C 107 -14.64 29.31 -7.48
N ASP C 108 -13.92 30.12 -6.71
CA ASP C 108 -13.99 30.07 -5.25
C ASP C 108 -14.53 31.39 -4.71
N ALA C 109 -14.40 31.58 -3.40
CA ALA C 109 -14.90 32.77 -2.74
C ALA C 109 -13.99 33.96 -3.03
N PHE C 110 -14.45 35.14 -2.62
CA PHE C 110 -13.71 36.39 -2.83
C PHE C 110 -12.79 36.57 -1.63
N ASP C 111 -11.49 36.31 -1.83
CA ASP C 111 -10.55 36.27 -0.70
C ASP C 111 -9.86 37.60 -0.42
N ILE C 112 -10.00 38.58 -1.31
CA ILE C 112 -9.40 39.90 -1.12
C ILE C 112 -10.39 40.96 -1.59
N TRP C 113 -10.64 41.96 -0.74
CA TRP C 113 -11.56 43.05 -1.06
C TRP C 113 -10.83 44.38 -0.96
N GLY C 114 -11.38 45.38 -1.66
CA GLY C 114 -10.89 46.74 -1.55
C GLY C 114 -11.64 47.51 -0.48
N GLN C 115 -11.24 48.77 -0.30
CA GLN C 115 -11.88 49.63 0.68
C GLN C 115 -13.20 50.21 0.20
N GLY C 116 -13.50 50.11 -1.10
CA GLY C 116 -14.75 50.59 -1.64
C GLY C 116 -14.68 52.03 -2.12
N THR C 117 -15.66 52.39 -2.96
CA THR C 117 -15.80 53.75 -3.44
C THR C 117 -17.30 54.07 -3.53
N MET C 118 -17.66 55.27 -3.06
CA MET C 118 -19.06 55.65 -2.94
C MET C 118 -19.54 56.31 -4.22
N VAL C 119 -20.63 55.78 -4.78
CA VAL C 119 -21.28 56.35 -5.96
C VAL C 119 -22.69 56.77 -5.56
N THR C 120 -22.99 58.06 -5.74
CA THR C 120 -24.29 58.61 -5.37
C THR C 120 -24.96 59.17 -6.63
N VAL C 121 -26.15 58.66 -6.93
CA VAL C 121 -26.91 59.09 -8.11
C VAL C 121 -28.18 59.77 -7.61
N SER C 122 -28.24 61.09 -7.80
CA SER C 122 -29.40 61.86 -7.39
C SER C 122 -29.50 63.11 -8.25
N SER C 123 -30.72 63.44 -8.66
CA SER C 123 -30.94 64.64 -9.46
C SER C 123 -30.75 65.92 -8.64
N ALA C 124 -30.79 65.82 -7.32
CA ALA C 124 -30.69 67.00 -6.46
C ALA C 124 -29.34 67.68 -6.64
N SER C 125 -29.37 69.01 -6.74
CA SER C 125 -28.14 69.78 -6.85
C SER C 125 -27.57 70.09 -5.47
N THR C 126 -26.33 70.55 -5.45
CA THR C 126 -25.64 70.82 -4.19
C THR C 126 -26.35 71.94 -3.43
N LYS C 127 -26.50 71.73 -2.12
CA LYS C 127 -27.15 72.70 -1.25
C LYS C 127 -26.55 72.62 0.14
N GLY C 128 -26.34 73.78 0.76
CA GLY C 128 -25.80 73.85 2.10
C GLY C 128 -26.88 73.69 3.15
N PRO C 129 -26.49 73.29 4.35
CA PRO C 129 -27.48 73.02 5.40
C PRO C 129 -27.86 74.25 6.21
N SER C 130 -29.09 74.21 6.72
CA SER C 130 -29.57 75.15 7.72
C SER C 130 -29.42 74.52 9.09
N VAL C 131 -29.05 75.33 10.08
CA VAL C 131 -28.79 74.85 11.43
C VAL C 131 -29.80 75.50 12.37
N PHE C 132 -30.62 74.67 13.01
CA PHE C 132 -31.63 75.15 13.94
C PHE C 132 -31.35 74.63 15.34
N PRO C 133 -31.58 75.44 16.37
CA PRO C 133 -31.23 75.02 17.74
C PRO C 133 -32.32 74.18 18.38
N LEU C 134 -31.89 73.17 19.13
CA LEU C 134 -32.77 72.35 19.95
C LEU C 134 -32.57 72.80 21.40
N ALA C 135 -33.47 73.65 21.88
CA ALA C 135 -33.29 74.29 23.17
C ALA C 135 -33.78 73.38 24.31
N PRO C 136 -33.08 73.39 25.43
CA PRO C 136 -33.50 72.59 26.58
C PRO C 136 -34.60 73.27 27.38
N SER C 137 -35.55 72.47 27.85
CA SER C 137 -36.64 72.94 28.69
C SER C 137 -36.59 72.23 30.03
N SER C 138 -36.88 72.99 31.09
CA SER C 138 -36.98 72.51 32.47
C SER C 138 -37.12 71.00 32.67
N GLY C 144 -31.56 66.76 36.89
CA GLY C 144 -30.16 67.04 37.13
C GLY C 144 -29.33 67.08 35.85
N THR C 145 -29.89 66.52 34.78
CA THR C 145 -29.23 66.50 33.48
C THR C 145 -30.24 66.95 32.42
N ALA C 146 -29.81 67.87 31.56
CA ALA C 146 -30.63 68.40 30.48
C ALA C 146 -30.00 68.11 29.13
N ALA C 147 -30.83 68.12 28.09
CA ALA C 147 -30.39 67.80 26.74
C ALA C 147 -30.65 68.96 25.80
N LEU C 148 -29.74 69.16 24.86
CA LEU C 148 -29.87 70.18 23.83
C LEU C 148 -29.11 69.70 22.59
N GLY C 149 -29.32 70.39 21.47
CA GLY C 149 -28.67 69.97 20.26
C GLY C 149 -28.91 70.92 19.11
N CYS C 150 -28.54 70.45 17.91
CA CYS C 150 -28.62 71.22 16.68
C CYS C 150 -29.24 70.35 15.59
N LEU C 151 -30.16 70.94 14.82
CA LEU C 151 -30.79 70.27 13.69
C LEU C 151 -30.12 70.73 12.40
N VAL C 152 -29.45 69.81 11.73
CA VAL C 152 -28.74 70.11 10.48
C VAL C 152 -29.62 69.59 9.36
N LYS C 153 -30.52 70.43 8.88
CA LYS C 153 -31.58 70.03 7.96
C LYS C 153 -31.31 70.55 6.55
N ASP C 154 -31.67 69.74 5.56
CA ASP C 154 -31.67 70.12 4.14
C ASP C 154 -30.28 70.46 3.62
N TYR C 155 -29.48 69.43 3.32
CA TYR C 155 -28.21 69.61 2.65
C TYR C 155 -27.99 68.48 1.67
N PHE C 156 -27.06 68.71 0.74
CA PHE C 156 -26.71 67.71 -0.28
C PHE C 156 -25.39 68.13 -0.90
N PRO C 157 -24.45 67.20 -1.12
CA PRO C 157 -24.57 65.80 -0.71
C PRO C 157 -23.97 65.52 0.66
N GLU C 158 -23.80 64.24 0.99
CA GLU C 158 -23.11 63.86 2.19
C GLU C 158 -21.62 64.11 2.04
N PRO C 159 -20.89 64.30 3.16
CA PRO C 159 -21.38 64.37 4.53
C PRO C 159 -21.25 65.75 5.16
N VAL C 160 -21.60 65.85 6.45
CA VAL C 160 -21.31 67.01 7.27
C VAL C 160 -20.64 66.53 8.55
N THR C 161 -19.89 67.43 9.17
CA THR C 161 -19.26 67.18 10.45
C THR C 161 -19.75 68.20 11.47
N VAL C 162 -20.06 67.72 12.66
CA VAL C 162 -20.59 68.56 13.73
C VAL C 162 -19.71 68.41 14.96
N SER C 163 -19.29 69.54 15.53
CA SER C 163 -18.56 69.57 16.78
C SER C 163 -19.20 70.62 17.68
N TRP C 164 -18.91 70.54 18.97
CA TRP C 164 -19.50 71.42 19.98
C TRP C 164 -18.43 72.20 20.69
N ASN C 165 -18.66 73.50 20.85
CA ASN C 165 -17.72 74.42 21.50
C ASN C 165 -16.34 74.36 20.84
N SER C 166 -16.34 74.26 19.51
CA SER C 166 -15.12 74.20 18.70
C SER C 166 -14.22 73.03 19.14
N GLY C 167 -14.84 71.87 19.34
CA GLY C 167 -14.12 70.68 19.73
C GLY C 167 -13.91 70.51 21.22
N ALA C 168 -14.26 71.51 22.03
CA ALA C 168 -14.03 71.41 23.47
C ALA C 168 -14.97 70.41 24.13
N LEU C 169 -16.18 70.25 23.59
CA LEU C 169 -17.20 69.40 24.19
C LEU C 169 -17.31 68.10 23.39
N THR C 170 -17.06 66.98 24.06
CA THR C 170 -17.14 65.66 23.45
C THR C 170 -17.97 64.67 24.27
N SER C 171 -17.89 64.73 25.59
CA SER C 171 -18.58 63.76 26.44
C SER C 171 -20.09 63.99 26.41
N GLY C 172 -20.84 62.92 26.17
CA GLY C 172 -22.29 63.00 26.09
C GLY C 172 -22.83 63.45 24.75
N VAL C 173 -21.97 63.60 23.75
CA VAL C 173 -22.39 64.07 22.42
C VAL C 173 -22.86 62.88 21.60
N HIS C 174 -24.00 63.05 20.93
CA HIS C 174 -24.54 62.05 20.01
C HIS C 174 -24.84 62.74 18.69
N THR C 175 -24.06 62.45 17.66
CA THR C 175 -24.32 62.93 16.30
C THR C 175 -24.95 61.80 15.52
N PHE C 176 -26.25 61.91 15.24
CA PHE C 176 -26.98 60.83 14.63
C PHE C 176 -26.64 60.69 13.15
N PRO C 177 -26.72 59.48 12.60
CA PRO C 177 -26.54 59.31 11.16
C PRO C 177 -27.62 60.03 10.39
N ALA C 178 -27.22 60.60 9.25
CA ALA C 178 -28.16 61.36 8.43
C ALA C 178 -29.23 60.44 7.86
N VAL C 179 -30.39 61.03 7.56
CA VAL C 179 -31.48 60.33 6.90
C VAL C 179 -31.83 61.09 5.64
N LEU C 180 -32.18 60.36 4.58
CA LEU C 180 -32.47 60.95 3.28
C LEU C 180 -33.94 61.31 3.22
N GLN C 181 -34.23 62.60 3.20
CA GLN C 181 -35.61 63.07 3.09
C GLN C 181 -36.15 62.80 1.69
N SER C 182 -37.49 62.79 1.59
CA SER C 182 -38.15 62.55 0.31
C SER C 182 -37.88 63.65 -0.71
N SER C 183 -37.31 64.78 -0.29
CA SER C 183 -36.94 65.85 -1.21
C SER C 183 -35.61 65.59 -1.91
N GLY C 184 -34.87 64.57 -1.51
CA GLY C 184 -33.55 64.33 -2.02
C GLY C 184 -32.44 64.99 -1.23
N LEU C 185 -32.77 65.67 -0.12
CA LEU C 185 -31.79 66.34 0.72
C LEU C 185 -31.61 65.55 2.01
N TYR C 186 -30.42 65.68 2.59
CA TYR C 186 -30.09 64.97 3.82
C TYR C 186 -30.38 65.85 5.03
N SER C 187 -30.45 65.21 6.19
CA SER C 187 -30.76 65.91 7.44
C SER C 187 -30.39 65.01 8.60
N LEU C 188 -29.60 65.54 9.54
CA LEU C 188 -29.23 64.82 10.75
C LEU C 188 -29.38 65.74 11.95
N SER C 189 -29.20 65.16 13.14
CA SER C 189 -29.24 65.89 14.39
C SER C 189 -28.01 65.54 15.21
N SER C 190 -27.61 66.48 16.07
CA SER C 190 -26.51 66.27 17.00
C SER C 190 -26.95 66.77 18.36
N VAL C 191 -26.96 65.89 19.35
CA VAL C 191 -27.45 66.22 20.69
C VAL C 191 -26.34 65.96 21.70
N VAL C 192 -26.49 66.57 22.88
CA VAL C 192 -25.53 66.41 23.97
C VAL C 192 -26.25 66.69 25.28
N THR C 193 -26.05 65.80 26.26
CA THR C 193 -26.61 65.97 27.59
C THR C 193 -25.61 66.67 28.50
N VAL C 194 -26.09 67.69 29.21
CA VAL C 194 -25.23 68.50 30.08
C VAL C 194 -25.95 68.72 31.40
N PRO C 195 -25.19 68.98 32.47
CA PRO C 195 -25.81 69.29 33.76
C PRO C 195 -26.69 70.53 33.67
N SER C 196 -27.93 70.39 34.13
CA SER C 196 -28.90 71.48 34.04
C SER C 196 -28.50 72.69 34.88
N SER C 197 -27.63 72.50 35.87
CA SER C 197 -27.16 73.63 36.67
C SER C 197 -26.27 74.56 35.86
N SER C 198 -25.55 74.02 34.87
CA SER C 198 -24.63 74.80 34.05
C SER C 198 -25.29 75.38 32.81
N LEU C 199 -26.62 75.35 32.72
CA LEU C 199 -27.29 75.89 31.54
C LEU C 199 -27.15 77.40 31.45
N GLY C 200 -27.05 78.09 32.58
CA GLY C 200 -26.90 79.52 32.57
C GLY C 200 -25.44 79.97 32.53
N THR C 201 -24.58 79.24 33.25
CA THR C 201 -23.17 79.61 33.32
C THR C 201 -22.47 79.37 31.97
N GLN C 202 -22.58 78.15 31.46
CA GLN C 202 -21.86 77.77 30.24
C GLN C 202 -22.73 78.00 29.01
N THR C 203 -22.10 78.51 27.95
CA THR C 203 -22.75 78.69 26.66
C THR C 203 -22.36 77.54 25.74
N TYR C 204 -23.32 77.08 24.94
CA TYR C 204 -23.14 75.92 24.07
C TYR C 204 -23.33 76.32 22.61
N ILE C 205 -22.35 75.96 21.78
CA ILE C 205 -22.36 76.28 20.36
C ILE C 205 -21.94 75.04 19.58
N CYS C 206 -22.76 74.67 18.59
CA CYS C 206 -22.43 73.58 17.70
C CYS C 206 -21.79 74.11 16.43
N ASN C 207 -20.88 73.32 15.87
CA ASN C 207 -20.08 73.73 14.71
C ASN C 207 -20.36 72.79 13.55
N VAL C 208 -21.23 73.22 12.65
CA VAL C 208 -21.56 72.43 11.45
C VAL C 208 -20.62 72.83 10.33
N ASN C 209 -20.12 71.85 9.60
CA ASN C 209 -19.18 72.08 8.51
C ASN C 209 -19.58 71.18 7.34
N HIS C 210 -19.93 71.79 6.22
CA HIS C 210 -20.34 71.08 5.01
C HIS C 210 -19.35 71.45 3.90
N LYS C 211 -18.27 70.67 3.79
CA LYS C 211 -17.24 70.96 2.80
C LYS C 211 -17.71 70.93 1.35
N PRO C 212 -18.58 70.00 0.92
CA PRO C 212 -18.99 70.00 -0.50
C PRO C 212 -19.67 71.28 -0.97
N SER C 213 -20.07 72.18 -0.07
CA SER C 213 -20.66 73.46 -0.48
C SER C 213 -19.97 74.65 0.15
N ASN C 214 -18.85 74.44 0.83
CA ASN C 214 -18.09 75.51 1.50
C ASN C 214 -19.00 76.28 2.46
N THR C 215 -19.76 75.53 3.26
CA THR C 215 -20.69 76.10 4.23
C THR C 215 -20.18 75.78 5.64
N LYS C 216 -19.96 76.82 6.43
CA LYS C 216 -19.55 76.69 7.83
C LYS C 216 -20.49 77.51 8.68
N VAL C 217 -21.17 76.87 9.63
CA VAL C 217 -22.16 77.52 10.47
C VAL C 217 -21.87 77.18 11.93
N ASP C 218 -21.92 78.20 12.79
CA ASP C 218 -21.83 78.04 14.23
C ASP C 218 -23.09 78.63 14.85
N LYS C 219 -23.89 77.79 15.49
CA LYS C 219 -25.16 78.21 16.07
C LYS C 219 -25.10 78.12 17.58
N ARG C 220 -25.45 79.21 18.25
CA ARG C 220 -25.54 79.22 19.70
C ARG C 220 -26.86 78.60 20.14
N VAL C 221 -26.79 77.66 21.08
CA VAL C 221 -27.96 76.96 21.59
C VAL C 221 -28.20 77.43 23.01
N GLU C 222 -29.23 78.24 23.19
CA GLU C 222 -29.59 78.80 24.49
C GLU C 222 -31.05 78.53 24.78
N PRO C 223 -31.43 78.39 26.06
CA PRO C 223 -32.83 78.15 26.39
C PRO C 223 -33.70 79.36 26.05
N LYS C 224 -34.79 79.11 25.35
CA LYS C 224 -35.74 80.13 24.97
C LYS C 224 -36.55 80.60 26.18
N SER C 225 -37.04 81.83 26.09
CA SER C 225 -37.80 82.42 27.19
C SER C 225 -39.30 82.39 26.87
N ASP D 1 -32.59 31.97 -9.95
CA ASP D 1 -31.99 32.90 -9.00
C ASP D 1 -32.08 32.33 -7.58
N ILE D 2 -30.93 32.11 -6.96
CA ILE D 2 -30.85 31.52 -5.63
C ILE D 2 -30.87 32.64 -4.59
N GLN D 3 -31.70 32.47 -3.56
CA GLN D 3 -31.83 33.44 -2.49
C GLN D 3 -31.32 32.84 -1.18
N MET D 4 -30.52 33.62 -0.46
CA MET D 4 -29.93 33.19 0.81
C MET D 4 -30.65 33.88 1.95
N THR D 5 -31.00 33.12 2.99
CA THR D 5 -31.77 33.63 4.13
C THR D 5 -31.01 33.31 5.41
N GLN D 6 -30.56 34.35 6.11
CA GLN D 6 -29.83 34.18 7.36
C GLN D 6 -30.78 34.36 8.55
N SER D 7 -30.46 33.64 9.64
CA SER D 7 -31.21 33.75 10.87
C SER D 7 -30.22 33.54 12.01
N PRO D 8 -30.25 34.39 13.05
CA PRO D 8 -31.18 35.53 13.15
C PRO D 8 -30.68 36.75 12.41
N SER D 9 -31.46 37.85 12.48
CA SER D 9 -31.02 39.12 11.90
C SER D 9 -30.18 39.93 12.87
N THR D 10 -30.47 39.82 14.17
CA THR D 10 -29.68 40.45 15.23
C THR D 10 -29.45 39.42 16.32
N LEU D 11 -28.32 39.53 17.00
CA LEU D 11 -27.93 38.55 18.01
C LEU D 11 -27.10 39.24 19.08
N SER D 12 -27.58 39.22 20.32
CA SER D 12 -26.83 39.77 21.44
C SER D 12 -26.03 38.66 22.13
N ALA D 13 -24.79 38.98 22.48
CA ALA D 13 -23.90 38.01 23.11
C ALA D 13 -22.80 38.74 23.85
N SER D 14 -22.25 38.08 24.86
CA SER D 14 -21.13 38.58 25.63
C SER D 14 -19.85 37.85 25.24
N VAL D 15 -18.72 38.43 25.66
CA VAL D 15 -17.42 37.83 25.36
C VAL D 15 -17.33 36.47 26.04
N GLY D 16 -16.92 35.46 25.27
CA GLY D 16 -16.80 34.11 25.77
C GLY D 16 -17.94 33.19 25.40
N ASP D 17 -19.03 33.73 24.86
CA ASP D 17 -20.16 32.90 24.48
C ASP D 17 -19.87 32.11 23.20
N ARG D 18 -20.60 31.01 23.05
CA ARG D 18 -20.58 30.25 21.80
C ARG D 18 -21.73 30.75 20.93
N VAL D 19 -21.40 31.23 19.73
CA VAL D 19 -22.37 31.87 18.85
C VAL D 19 -22.55 31.00 17.61
N THR D 20 -23.81 30.77 17.25
CA THR D 20 -24.16 29.96 16.08
C THR D 20 -25.09 30.77 15.17
N ILE D 21 -24.68 30.93 13.92
CA ILE D 21 -25.46 31.64 12.91
C ILE D 21 -25.80 30.65 11.80
N THR D 22 -27.05 30.65 11.37
CA THR D 22 -27.51 29.75 10.32
C THR D 22 -27.78 30.51 9.04
N CYS D 23 -27.65 29.81 7.91
CA CYS D 23 -27.83 30.39 6.59
C CYS D 23 -28.48 29.34 5.69
N ARG D 24 -29.64 29.68 5.13
CA ARG D 24 -30.43 28.75 4.34
C ARG D 24 -30.52 29.21 2.90
N ALA D 25 -30.38 28.28 1.97
CA ALA D 25 -30.44 28.55 0.54
C ALA D 25 -31.75 28.04 -0.04
N SER D 26 -32.29 28.77 -1.03
CA SER D 26 -33.54 28.40 -1.65
C SER D 26 -33.45 27.09 -2.43
N GLN D 27 -32.24 26.60 -2.68
CA GLN D 27 -32.05 25.32 -3.36
C GLN D 27 -30.64 24.83 -3.06
N SER D 28 -30.38 23.58 -3.41
CA SER D 28 -29.10 22.95 -3.09
C SER D 28 -27.95 23.66 -3.81
N ILE D 29 -26.87 23.90 -3.07
CA ILE D 29 -25.68 24.56 -3.62
C ILE D 29 -24.44 23.74 -3.29
N SER D 30 -24.65 22.45 -2.98
CA SER D 30 -23.57 21.56 -2.56
C SER D 30 -22.82 22.17 -1.38
N SER D 31 -21.51 22.39 -1.54
CA SER D 31 -20.69 23.05 -0.54
C SER D 31 -20.11 24.37 -1.04
N TRP D 32 -20.70 24.94 -2.09
CA TRP D 32 -20.23 26.21 -2.64
C TRP D 32 -20.81 27.36 -1.82
N LEU D 33 -20.28 27.52 -0.60
CA LEU D 33 -20.74 28.56 0.30
C LEU D 33 -19.56 29.22 0.98
N ALA D 34 -19.69 30.52 1.23
CA ALA D 34 -18.65 31.31 1.89
C ALA D 34 -19.28 32.12 3.03
N TRP D 35 -18.43 32.49 3.99
CA TRP D 35 -18.83 33.33 5.12
C TRP D 35 -17.93 34.54 5.17
N TYR D 36 -18.52 35.72 5.35
CA TYR D 36 -17.76 36.96 5.41
C TYR D 36 -18.09 37.70 6.70
N GLN D 37 -17.15 38.53 7.15
CA GLN D 37 -17.35 39.41 8.30
C GLN D 37 -17.15 40.85 7.86
N GLN D 38 -18.07 41.71 8.25
CA GLN D 38 -18.01 43.12 7.91
C GLN D 38 -18.33 43.97 9.12
N LYS D 39 -17.47 44.94 9.40
CA LYS D 39 -17.67 45.94 10.43
C LYS D 39 -18.10 47.26 9.81
N PRO D 40 -18.82 48.11 10.53
CA PRO D 40 -19.36 49.34 9.93
C PRO D 40 -18.26 50.22 9.35
N GLY D 41 -18.43 50.57 8.08
CA GLY D 41 -17.48 51.40 7.37
C GLY D 41 -16.35 50.65 6.69
N LYS D 42 -16.00 49.47 7.17
CA LYS D 42 -14.89 48.71 6.60
C LYS D 42 -15.39 47.77 5.51
N ALA D 43 -14.47 47.00 4.95
CA ALA D 43 -14.75 46.06 3.87
C ALA D 43 -15.10 44.68 4.42
N PRO D 44 -15.74 43.83 3.63
CA PRO D 44 -15.96 42.45 4.07
C PRO D 44 -14.65 41.67 4.12
N LYS D 45 -14.64 40.64 4.96
CA LYS D 45 -13.46 39.82 5.19
C LYS D 45 -13.82 38.36 5.08
N LEU D 46 -13.12 37.64 4.21
CA LEU D 46 -13.40 36.22 4.03
C LEU D 46 -13.02 35.42 5.27
N LEU D 47 -13.97 34.64 5.77
CA LEU D 47 -13.77 33.74 6.91
C LEU D 47 -13.74 32.28 6.48
N ILE D 48 -14.81 31.80 5.89
CA ILE D 48 -14.99 30.40 5.53
C ILE D 48 -15.26 30.31 4.03
N TYR D 49 -14.58 29.40 3.36
CA TYR D 49 -14.82 29.11 1.95
C TYR D 49 -15.12 27.62 1.79
N LYS D 50 -15.93 27.30 0.79
CA LYS D 50 -16.36 25.92 0.55
C LYS D 50 -16.96 25.28 1.81
N ALA D 51 -17.91 26.00 2.41
CA ALA D 51 -18.73 25.53 3.52
C ALA D 51 -17.97 25.37 4.83
N SER D 52 -16.83 24.69 4.82
CA SER D 52 -16.14 24.34 6.06
C SER D 52 -14.70 24.80 6.16
N ASN D 53 -14.05 25.15 5.06
CA ASN D 53 -12.62 25.46 5.10
C ASN D 53 -12.39 26.82 5.74
N LEU D 54 -11.37 26.88 6.60
CA LEU D 54 -11.02 28.12 7.29
C LEU D 54 -10.00 28.88 6.46
N GLU D 55 -10.31 30.15 6.17
CA GLU D 55 -9.38 30.98 5.41
C GLU D 55 -8.10 31.21 6.21
N SER D 56 -6.97 31.18 5.50
CA SER D 56 -5.68 31.38 6.14
C SER D 56 -5.62 32.75 6.80
N GLY D 57 -5.05 32.80 8.01
CA GLY D 57 -5.01 34.02 8.77
C GLY D 57 -6.25 34.30 9.61
N VAL D 58 -7.29 33.48 9.50
CA VAL D 58 -8.52 33.68 10.28
C VAL D 58 -8.43 32.80 11.51
N PRO D 59 -8.78 33.31 12.69
CA PRO D 59 -8.62 32.51 13.92
C PRO D 59 -9.37 31.20 13.90
N LEU D 60 -8.81 30.19 14.59
CA LEU D 60 -9.36 28.84 14.61
C LEU D 60 -10.72 28.76 15.30
N ARG D 61 -11.08 29.76 16.11
CA ARG D 61 -12.38 29.74 16.77
C ARG D 61 -13.53 29.90 15.78
N PHE D 62 -13.24 30.21 14.52
CA PHE D 62 -14.25 30.29 13.46
C PHE D 62 -14.34 28.95 12.75
N SER D 63 -15.52 28.31 12.82
CA SER D 63 -15.78 27.07 12.11
C SER D 63 -17.01 27.24 11.23
N GLY D 64 -17.07 26.45 10.18
CA GLY D 64 -18.22 26.42 9.30
C GLY D 64 -18.63 25.00 9.02
N SER D 65 -19.93 24.75 9.10
CA SER D 65 -20.48 23.43 8.81
C SER D 65 -21.65 23.59 7.85
N GLY D 66 -22.11 22.47 7.32
CA GLY D 66 -23.26 22.48 6.43
C GLY D 66 -22.96 22.02 5.03
N SER D 67 -24.01 21.63 4.32
CA SER D 67 -23.94 21.13 2.95
C SER D 67 -25.35 21.06 2.40
N GLY D 68 -25.52 21.45 1.15
CA GLY D 68 -26.84 21.42 0.53
C GLY D 68 -27.60 22.73 0.69
N THR D 69 -28.45 22.82 1.71
CA THR D 69 -29.28 24.00 1.91
C THR D 69 -29.18 24.63 3.29
N GLU D 70 -28.69 23.91 4.30
CA GLU D 70 -28.59 24.43 5.66
C GLU D 70 -27.13 24.51 6.06
N PHE D 71 -26.70 25.70 6.46
CA PHE D 71 -25.30 25.95 6.81
C PHE D 71 -25.23 26.67 8.16
N THR D 72 -24.03 26.68 8.73
CA THR D 72 -23.84 27.19 10.09
C THR D 72 -22.46 27.79 10.23
N LEU D 73 -22.40 29.05 10.63
CA LEU D 73 -21.17 29.69 11.08
C LEU D 73 -21.16 29.70 12.61
N THR D 74 -20.11 29.14 13.20
CA THR D 74 -19.99 29.02 14.64
C THR D 74 -18.72 29.71 15.12
N ILE D 75 -18.87 30.61 16.08
CA ILE D 75 -17.76 31.21 16.79
C ILE D 75 -17.68 30.54 18.16
N SER D 76 -16.67 29.69 18.34
CA SER D 76 -16.63 28.82 19.52
C SER D 76 -16.58 29.64 20.82
N SER D 77 -15.89 30.77 20.80
CA SER D 77 -15.77 31.62 21.97
C SER D 77 -15.66 33.06 21.49
N LEU D 78 -16.71 33.84 21.67
CA LEU D 78 -16.76 35.20 21.13
C LEU D 78 -15.67 36.06 21.75
N GLN D 79 -15.12 36.95 20.95
CA GLN D 79 -14.05 37.84 21.34
C GLN D 79 -14.46 39.29 21.08
N PRO D 80 -13.87 40.25 21.78
CA PRO D 80 -14.27 41.65 21.60
C PRO D 80 -14.13 42.15 20.17
N ASP D 81 -13.22 41.57 19.38
CA ASP D 81 -13.02 41.94 17.97
C ASP D 81 -14.05 41.32 17.04
N ASP D 82 -14.90 40.43 17.54
CA ASP D 82 -15.85 39.68 16.71
C ASP D 82 -17.23 40.33 16.60
N PHE D 83 -17.49 41.40 17.35
CA PHE D 83 -18.78 42.09 17.23
C PHE D 83 -18.85 42.83 15.90
N ALA D 84 -19.62 42.29 14.97
CA ALA D 84 -19.75 42.83 13.62
C ALA D 84 -20.93 42.14 12.95
N THR D 85 -21.04 42.30 11.64
CA THR D 85 -22.09 41.69 10.84
C THR D 85 -21.49 40.61 9.96
N TYR D 86 -22.19 39.48 9.84
CA TYR D 86 -21.69 38.32 9.13
C TYR D 86 -22.61 37.98 7.97
N TYR D 87 -22.03 37.78 6.78
CA TYR D 87 -22.76 37.48 5.57
C TYR D 87 -22.37 36.10 5.04
N CYS D 88 -23.35 35.35 4.57
CA CYS D 88 -23.10 34.12 3.84
C CYS D 88 -23.36 34.35 2.36
N GLN D 89 -22.66 33.59 1.52
CA GLN D 89 -22.72 33.77 0.08
C GLN D 89 -22.65 32.42 -0.62
N GLN D 90 -23.50 32.22 -1.62
CA GLN D 90 -23.42 31.07 -2.49
C GLN D 90 -22.74 31.48 -3.80
N TYR D 91 -21.87 30.61 -4.30
CA TYR D 91 -21.24 30.80 -5.60
C TYR D 91 -21.39 29.55 -6.45
N ASN D 92 -22.60 29.00 -6.45
CA ASN D 92 -22.97 27.85 -7.28
C ASN D 92 -23.68 28.25 -8.56
N ASN D 93 -24.62 29.19 -8.48
CA ASN D 93 -25.33 29.72 -9.65
C ASN D 93 -25.25 31.24 -9.55
N TYR D 94 -24.30 31.83 -10.27
CA TYR D 94 -23.94 33.24 -10.13
C TYR D 94 -23.53 33.48 -8.67
N TRP D 95 -23.77 34.68 -8.14
CA TRP D 95 -23.31 35.03 -6.80
C TRP D 95 -24.40 35.84 -6.10
N THR D 96 -24.92 35.31 -5.00
CA THR D 96 -25.89 36.00 -4.18
C THR D 96 -25.47 35.91 -2.71
N PHE D 97 -25.94 36.88 -1.92
CA PHE D 97 -25.56 37.00 -0.52
C PHE D 97 -26.80 37.00 0.36
N GLY D 98 -26.59 36.66 1.63
CA GLY D 98 -27.64 36.81 2.63
C GLY D 98 -27.73 38.24 3.13
N GLN D 99 -28.82 38.52 3.86
CA GLN D 99 -29.02 39.88 4.34
C GLN D 99 -28.12 40.21 5.53
N GLY D 100 -27.58 39.21 6.20
CA GLY D 100 -26.58 39.44 7.22
C GLY D 100 -27.13 39.26 8.63
N THR D 101 -26.23 38.86 9.54
CA THR D 101 -26.54 38.73 10.95
C THR D 101 -25.57 39.62 11.72
N LYS D 102 -26.11 40.54 12.52
CA LYS D 102 -25.31 41.46 13.31
C LYS D 102 -25.13 40.88 14.71
N VAL D 103 -23.89 40.68 15.12
CA VAL D 103 -23.56 40.19 16.45
C VAL D 103 -23.32 41.39 17.35
N GLU D 104 -24.24 41.62 18.28
CA GLU D 104 -24.28 42.78 19.15
C GLU D 104 -23.78 42.41 20.55
N ILE D 105 -23.28 43.42 21.26
CA ILE D 105 -22.82 43.23 22.63
C ILE D 105 -24.01 43.24 23.57
N LYS D 106 -24.08 42.26 24.47
CA LYS D 106 -25.17 42.16 25.43
C LYS D 106 -24.81 42.90 26.70
N ARG D 107 -25.80 43.56 27.30
CA ARG D 107 -25.62 44.26 28.57
C ARG D 107 -26.94 44.25 29.31
N THR D 108 -26.92 44.81 30.52
CA THR D 108 -28.12 44.91 31.33
C THR D 108 -29.10 45.91 30.72
N VAL D 109 -30.38 45.73 31.06
CA VAL D 109 -31.42 46.62 30.55
C VAL D 109 -31.20 48.03 31.07
N ALA D 110 -31.34 49.01 30.19
CA ALA D 110 -31.22 50.42 30.55
C ALA D 110 -32.36 51.19 29.88
N ALA D 111 -33.16 51.87 30.68
CA ALA D 111 -34.28 52.62 30.13
C ALA D 111 -33.79 53.91 29.46
N PRO D 112 -34.47 54.36 28.41
CA PRO D 112 -34.05 55.59 27.74
C PRO D 112 -34.50 56.84 28.47
N SER D 113 -33.72 57.91 28.29
CA SER D 113 -34.08 59.24 28.75
C SER D 113 -34.69 60.00 27.58
N VAL D 114 -35.95 60.41 27.73
CA VAL D 114 -36.71 60.98 26.63
C VAL D 114 -36.67 62.50 26.70
N PHE D 115 -36.49 63.13 25.54
CA PHE D 115 -36.48 64.58 25.42
C PHE D 115 -37.22 64.98 24.15
N ILE D 116 -38.11 65.95 24.24
CA ILE D 116 -38.84 66.46 23.10
C ILE D 116 -38.41 67.90 22.85
N PHE D 117 -38.23 68.24 21.57
CA PHE D 117 -37.74 69.55 21.18
C PHE D 117 -38.74 70.22 20.23
N PRO D 118 -39.35 71.33 20.61
CA PRO D 118 -40.24 72.05 19.69
C PRO D 118 -39.47 72.63 18.53
N PRO D 119 -40.12 72.90 17.40
CA PRO D 119 -39.42 73.51 16.26
C PRO D 119 -38.97 74.92 16.61
N SER D 120 -37.78 75.28 16.12
CA SER D 120 -37.21 76.59 16.41
C SER D 120 -38.05 77.69 15.77
N ASP D 121 -38.02 78.87 16.37
CA ASP D 121 -38.69 80.02 15.78
C ASP D 121 -38.05 80.41 14.45
N GLU D 122 -36.74 80.17 14.30
CA GLU D 122 -36.07 80.48 13.04
C GLU D 122 -36.58 79.59 11.91
N GLN D 123 -36.78 78.30 12.18
CA GLN D 123 -37.28 77.39 11.15
C GLN D 123 -38.70 77.71 10.77
N LEU D 124 -39.53 78.10 11.76
CA LEU D 124 -40.87 78.55 11.42
C LEU D 124 -40.84 79.77 10.51
N LYS D 125 -39.89 80.69 10.70
CA LYS D 125 -39.83 81.81 9.76
C LYS D 125 -39.62 81.36 8.31
N SER D 126 -39.12 80.14 8.10
CA SER D 126 -38.86 79.65 6.75
C SER D 126 -40.07 79.00 6.09
N GLY D 127 -40.96 78.37 6.86
CA GLY D 127 -42.15 77.79 6.27
C GLY D 127 -42.39 76.34 6.66
N THR D 128 -41.35 75.64 7.08
CA THR D 128 -41.46 74.25 7.52
C THR D 128 -41.25 74.17 9.02
N ALA D 129 -41.58 73.01 9.58
CA ALA D 129 -41.48 72.80 11.02
C ALA D 129 -41.21 71.33 11.29
N SER D 130 -40.16 71.06 12.07
CA SER D 130 -39.78 69.71 12.42
C SER D 130 -39.69 69.58 13.94
N VAL D 131 -40.28 68.51 14.48
CA VAL D 131 -40.30 68.26 15.92
C VAL D 131 -39.44 67.03 16.19
N VAL D 132 -38.40 67.22 17.00
CA VAL D 132 -37.44 66.17 17.32
C VAL D 132 -37.71 65.64 18.72
N CYS D 133 -37.67 64.32 18.86
CA CYS D 133 -37.81 63.64 20.14
C CYS D 133 -36.71 62.60 20.27
N LEU D 134 -35.97 62.65 21.37
CA LEU D 134 -34.71 61.92 21.52
C LEU D 134 -34.84 60.82 22.56
N LEU D 135 -34.27 59.66 22.25
CA LEU D 135 -34.11 58.56 23.19
C LEU D 135 -32.63 58.38 23.46
N ASN D 136 -32.23 58.58 24.72
CA ASN D 136 -30.81 58.71 25.07
C ASN D 136 -30.36 57.53 25.91
N ASN D 137 -29.32 56.84 25.43
CA ASN D 137 -28.61 55.81 26.19
C ASN D 137 -29.54 54.72 26.73
N PHE D 138 -29.86 53.72 25.89
CA PHE D 138 -30.76 52.65 26.29
C PHE D 138 -30.30 51.34 25.69
N TYR D 139 -30.85 50.24 26.23
CA TYR D 139 -30.60 48.89 25.76
C TYR D 139 -31.75 48.01 26.23
N PRO D 140 -32.26 47.09 25.40
CA PRO D 140 -31.84 46.79 24.03
C PRO D 140 -32.28 47.87 23.02
N ARG D 141 -31.96 47.64 21.74
CA ARG D 141 -32.25 48.65 20.73
C ARG D 141 -33.74 48.75 20.45
N GLU D 142 -34.48 47.65 20.59
CA GLU D 142 -35.90 47.62 20.25
C GLU D 142 -36.69 48.66 21.04
N ALA D 143 -37.17 49.70 20.36
CA ALA D 143 -37.96 50.74 20.98
C ALA D 143 -39.02 51.21 19.98
N LYS D 144 -40.14 51.69 20.52
CA LYS D 144 -41.28 52.13 19.72
C LYS D 144 -41.60 53.57 20.06
N VAL D 145 -41.53 54.46 19.07
CA VAL D 145 -41.79 55.88 19.24
C VAL D 145 -42.96 56.26 18.36
N GLN D 146 -44.04 56.75 18.98
CA GLN D 146 -45.23 57.18 18.26
C GLN D 146 -45.50 58.65 18.53
N TRP D 147 -45.81 59.40 17.47
CA TRP D 147 -46.13 60.81 17.59
C TRP D 147 -47.63 61.02 17.69
N LYS D 148 -48.04 61.93 18.57
CA LYS D 148 -49.44 62.29 18.76
C LYS D 148 -49.57 63.79 18.68
N VAL D 149 -50.18 64.28 17.60
CA VAL D 149 -50.48 65.69 17.44
C VAL D 149 -51.93 65.92 17.86
N ASP D 150 -52.12 66.61 18.98
CA ASP D 150 -53.45 66.81 19.57
C ASP D 150 -54.17 65.48 19.77
N ASN D 151 -53.41 64.49 20.27
CA ASN D 151 -53.93 63.14 20.55
C ASN D 151 -54.47 62.46 19.29
N ALA D 152 -53.86 62.74 18.14
CA ALA D 152 -54.13 62.03 16.90
C ALA D 152 -52.85 61.32 16.50
N LEU D 153 -52.88 59.99 16.50
CA LEU D 153 -51.69 59.20 16.24
C LEU D 153 -51.23 59.43 14.80
N GLN D 154 -50.04 60.00 14.64
CA GLN D 154 -49.49 60.31 13.33
C GLN D 154 -48.68 59.13 12.80
N SER D 155 -48.74 58.96 11.48
CA SER D 155 -47.98 57.91 10.81
C SER D 155 -47.68 58.34 9.38
N GLY D 156 -46.43 58.16 8.97
CA GLY D 156 -45.98 58.52 7.64
C GLY D 156 -45.15 59.79 7.60
N ASN D 157 -45.18 60.61 8.64
CA ASN D 157 -44.49 61.88 8.67
C ASN D 157 -43.20 61.86 9.49
N SER D 158 -42.84 60.74 10.09
CA SER D 158 -41.68 60.66 10.96
C SER D 158 -40.56 59.87 10.32
N GLN D 159 -39.33 60.17 10.76
CA GLN D 159 -38.13 59.48 10.33
C GLN D 159 -37.22 59.28 11.53
N GLU D 160 -36.75 58.06 11.73
CA GLU D 160 -35.89 57.73 12.87
C GLU D 160 -34.45 57.54 12.43
N SER D 161 -33.55 57.72 13.38
CA SER D 161 -32.12 57.53 13.18
C SER D 161 -31.50 57.02 14.47
N VAL D 162 -30.64 56.02 14.37
CA VAL D 162 -30.08 55.33 15.53
C VAL D 162 -28.57 55.35 15.46
N THR D 163 -27.93 55.47 16.61
CA THR D 163 -26.48 55.42 16.72
C THR D 163 -26.01 53.99 16.90
N GLU D 164 -24.74 53.75 16.55
CA GLU D 164 -24.12 52.47 16.86
C GLU D 164 -23.93 52.34 18.37
N GLN D 165 -23.73 51.09 18.81
CA GLN D 165 -23.55 50.83 20.23
C GLN D 165 -22.37 51.62 20.76
N ASP D 166 -22.56 52.23 21.93
CA ASP D 166 -21.55 53.12 22.50
C ASP D 166 -20.29 52.33 22.85
N SER D 167 -19.13 52.91 22.51
CA SER D 167 -17.87 52.26 22.80
C SER D 167 -17.63 52.11 24.29
N LYS D 168 -18.25 52.97 25.11
CA LYS D 168 -18.01 52.98 26.55
C LYS D 168 -19.02 52.10 27.29
N ASP D 169 -20.32 52.40 27.17
CA ASP D 169 -21.34 51.71 27.93
C ASP D 169 -22.20 50.77 27.09
N SER D 170 -21.93 50.65 25.79
CA SER D 170 -22.63 49.69 24.91
C SER D 170 -24.13 49.93 24.89
N THR D 171 -24.54 51.19 24.79
CA THR D 171 -25.95 51.55 24.72
C THR D 171 -26.25 52.22 23.37
N TYR D 172 -27.53 52.37 23.10
CA TYR D 172 -28.02 52.96 21.86
C TYR D 172 -28.66 54.32 22.14
N SER D 173 -28.84 55.09 21.06
CA SER D 173 -29.54 56.36 21.13
C SER D 173 -30.28 56.57 19.83
N LEU D 174 -31.53 57.04 19.93
CA LEU D 174 -32.41 57.16 18.77
C LEU D 174 -32.98 58.58 18.71
N SER D 175 -33.27 59.03 17.49
CA SER D 175 -33.87 60.34 17.26
C SER D 175 -35.00 60.20 16.25
N SER D 176 -36.22 60.49 16.68
CA SER D 176 -37.38 60.48 15.81
C SER D 176 -37.77 61.92 15.49
N THR D 177 -37.93 62.22 14.20
CA THR D 177 -38.17 63.58 13.73
C THR D 177 -39.51 63.64 13.01
N LEU D 178 -40.51 64.23 13.66
CA LEU D 178 -41.79 64.51 13.02
C LEU D 178 -41.69 65.83 12.27
N THR D 179 -42.04 65.81 10.98
CA THR D 179 -41.96 67.00 10.15
C THR D 179 -43.35 67.39 9.69
N LEU D 180 -43.77 68.60 10.02
CA LEU D 180 -45.06 69.16 9.63
C LEU D 180 -44.84 70.39 8.76
N SER D 181 -45.93 70.86 8.17
CA SER D 181 -45.95 72.18 7.56
C SER D 181 -46.25 73.22 8.63
N LYS D 182 -45.71 74.42 8.44
CA LYS D 182 -46.05 75.52 9.35
C LYS D 182 -47.56 75.75 9.40
N ALA D 183 -48.24 75.60 8.27
CA ALA D 183 -49.69 75.73 8.24
C ALA D 183 -50.33 74.80 9.26
N ASP D 184 -50.03 73.50 9.18
CA ASP D 184 -50.60 72.51 10.09
C ASP D 184 -50.00 72.57 11.48
N TYR D 185 -48.74 73.00 11.62
CA TYR D 185 -48.15 73.17 12.94
C TYR D 185 -48.77 74.31 13.74
N GLU D 186 -49.05 75.46 13.10
CA GLU D 186 -49.61 76.61 13.80
C GLU D 186 -51.03 76.40 14.30
N LYS D 187 -51.74 75.41 13.78
CA LYS D 187 -53.15 75.24 14.12
C LYS D 187 -53.40 74.31 15.28
N HIS D 188 -52.46 73.43 15.59
CA HIS D 188 -52.62 72.48 16.67
C HIS D 188 -51.83 72.92 17.90
N LYS D 189 -52.05 72.20 19.01
CA LYS D 189 -51.64 72.68 20.32
C LYS D 189 -50.69 71.73 21.02
N VAL D 190 -51.02 70.44 21.08
CA VAL D 190 -50.30 69.47 21.90
C VAL D 190 -49.56 68.51 20.98
N TYR D 191 -48.25 68.35 21.23
CA TYR D 191 -47.39 67.46 20.47
C TYR D 191 -46.67 66.55 21.45
N ALA D 192 -46.65 65.25 21.16
CA ALA D 192 -46.08 64.28 22.08
C ALA D 192 -45.49 63.10 21.32
N CYS D 193 -44.37 62.59 21.83
CA CYS D 193 -43.84 61.30 21.44
C CYS D 193 -44.01 60.33 22.59
N GLU D 194 -44.55 59.14 22.30
CA GLU D 194 -44.79 58.11 23.30
C GLU D 194 -43.79 56.99 23.10
N VAL D 195 -42.92 56.77 24.09
CA VAL D 195 -41.82 55.84 23.98
C VAL D 195 -42.17 54.56 24.73
N THR D 196 -42.11 53.44 24.02
CA THR D 196 -42.25 52.11 24.61
C THR D 196 -40.90 51.42 24.59
N HIS D 197 -40.46 50.94 25.75
CA HIS D 197 -39.17 50.25 25.83
C HIS D 197 -39.25 49.20 26.92
N GLN D 198 -38.36 48.21 26.83
CA GLN D 198 -38.35 47.11 27.78
C GLN D 198 -38.05 47.58 29.21
N GLY D 199 -37.21 48.59 29.35
CA GLY D 199 -36.87 49.11 30.66
C GLY D 199 -37.90 50.00 31.31
N LEU D 200 -39.00 50.29 30.63
CA LEU D 200 -40.04 51.19 31.14
C LEU D 200 -41.22 50.39 31.65
N SER D 201 -41.65 50.69 32.88
CA SER D 201 -42.82 50.04 33.45
C SER D 201 -44.03 50.19 32.53
N SER D 202 -44.45 51.41 32.29
CA SER D 202 -45.47 51.77 31.33
C SER D 202 -44.88 52.72 30.30
N PRO D 203 -45.51 52.86 29.13
CA PRO D 203 -44.98 53.78 28.12
C PRO D 203 -44.84 55.20 28.66
N VAL D 204 -43.76 55.86 28.24
CA VAL D 204 -43.41 57.20 28.71
C VAL D 204 -43.73 58.20 27.61
N THR D 205 -44.43 59.28 27.97
CA THR D 205 -44.79 60.34 27.03
C THR D 205 -44.15 61.64 27.46
N LYS D 206 -43.44 62.28 26.53
CA LYS D 206 -42.91 63.62 26.71
C LYS D 206 -43.61 64.54 25.71
N SER D 207 -44.12 65.67 26.20
CA SER D 207 -44.97 66.51 25.37
C SER D 207 -44.73 67.98 25.71
N PHE D 208 -45.35 68.84 24.91
CA PHE D 208 -45.35 70.27 25.15
C PHE D 208 -46.58 70.87 24.48
N ASN D 209 -47.10 71.93 25.08
CA ASN D 209 -48.12 72.76 24.44
C ASN D 209 -47.45 73.86 23.65
N ARG D 210 -47.92 74.07 22.42
CA ARG D 210 -47.29 75.04 21.53
C ARG D 210 -47.34 76.44 22.09
N GLY D 211 -46.17 77.05 22.29
CA GLY D 211 -46.11 78.41 22.78
C GLY D 211 -46.10 78.52 24.28
N GLU D 212 -45.31 77.67 24.94
CA GLU D 212 -45.21 77.70 26.39
C GLU D 212 -43.75 77.70 26.84
N GLN E 1 -4.11 -9.15 38.89
CA GLN E 1 -3.14 -8.26 38.26
C GLN E 1 -2.15 -9.05 37.40
N VAL E 2 -2.53 -9.28 36.15
CA VAL E 2 -1.67 -10.00 35.20
C VAL E 2 -0.81 -8.97 34.47
N GLN E 3 0.51 -9.11 34.59
CA GLN E 3 1.40 -8.08 34.08
C GLN E 3 2.74 -8.69 33.67
N LEU E 4 3.39 -7.99 32.73
CA LEU E 4 4.78 -8.24 32.35
C LEU E 4 5.54 -6.92 32.47
N VAL E 5 6.73 -6.98 33.07
CA VAL E 5 7.51 -5.78 33.36
C VAL E 5 8.91 -5.96 32.79
N GLU E 6 9.22 -5.26 31.70
CA GLU E 6 10.54 -5.29 31.11
C GLU E 6 11.48 -4.34 31.86
N SER E 7 12.78 -4.66 31.81
CA SER E 7 13.79 -3.82 32.43
C SER E 7 15.16 -4.22 31.87
N GLY E 8 16.15 -3.38 32.13
CA GLY E 8 17.51 -3.66 31.75
C GLY E 8 18.00 -2.99 30.48
N GLY E 9 17.17 -2.15 29.85
CA GLY E 9 17.61 -1.45 28.66
C GLY E 9 18.41 -0.21 28.96
N GLY E 10 19.18 0.24 27.98
CA GLY E 10 20.01 1.40 28.17
C GLY E 10 20.73 1.78 26.89
N VAL E 11 21.80 2.57 27.05
CA VAL E 11 22.60 3.07 25.95
C VAL E 11 23.94 2.35 25.96
N VAL E 12 24.35 1.86 24.78
CA VAL E 12 25.62 1.16 24.62
C VAL E 12 26.22 1.51 23.27
N GLN E 13 27.51 1.20 23.14
CA GLN E 13 28.24 1.35 21.90
C GLN E 13 28.19 0.07 21.08
N PRO E 14 28.45 0.14 19.78
CA PRO E 14 28.45 -1.08 18.96
C PRO E 14 29.44 -2.11 19.49
N GLY E 15 29.04 -3.38 19.42
CA GLY E 15 29.83 -4.48 19.92
C GLY E 15 29.61 -4.84 21.37
N ARG E 16 29.12 -3.90 22.18
CA ARG E 16 28.89 -4.15 23.59
C ARG E 16 27.66 -5.05 23.78
N SER E 17 27.45 -5.49 25.02
CA SER E 17 26.42 -6.46 25.35
C SER E 17 25.47 -5.91 26.41
N LEU E 18 24.24 -6.41 26.36
CA LEU E 18 23.20 -6.13 27.34
C LEU E 18 22.38 -7.38 27.58
N ARG E 19 21.75 -7.46 28.75
CA ARG E 19 20.85 -8.56 29.08
C ARG E 19 19.56 -7.98 29.65
N LEU E 20 18.43 -8.34 29.05
CA LEU E 20 17.13 -7.85 29.47
C LEU E 20 16.43 -8.87 30.35
N SER E 21 15.59 -8.38 31.25
CA SER E 21 14.85 -9.21 32.18
C SER E 21 13.37 -8.86 32.11
N CYS E 22 12.51 -9.86 32.26
CA CYS E 22 11.06 -9.66 32.20
C CYS E 22 10.40 -10.34 33.38
N ALA E 23 9.71 -9.55 34.21
CA ALA E 23 9.10 -10.03 35.44
C ALA E 23 7.61 -10.25 35.21
N ALA E 24 7.16 -11.49 35.40
CA ALA E 24 5.77 -11.87 35.22
C ALA E 24 5.06 -11.97 36.56
N SER E 25 3.75 -11.73 36.52
CA SER E 25 2.92 -11.83 37.71
C SER E 25 1.46 -11.96 37.27
N GLY E 26 0.65 -12.53 38.16
CA GLY E 26 -0.78 -12.64 37.95
C GLY E 26 -1.23 -13.91 37.27
N PHE E 27 -0.32 -14.66 36.65
CA PHE E 27 -0.68 -15.90 35.97
C PHE E 27 0.39 -16.93 36.33
N THR E 28 0.28 -18.11 35.70
CA THR E 28 1.24 -19.19 35.91
C THR E 28 2.29 -19.09 34.81
N PHE E 29 3.37 -18.36 35.10
CA PHE E 29 4.43 -18.13 34.12
C PHE E 29 5.05 -19.43 33.64
N SER E 30 4.98 -20.49 34.44
CA SER E 30 5.57 -21.77 34.09
C SER E 30 4.77 -22.52 33.03
N ASN E 31 3.59 -22.03 32.64
CA ASN E 31 2.72 -22.75 31.72
C ASN E 31 2.58 -22.08 30.36
N TYR E 32 3.03 -20.84 30.21
CA TYR E 32 2.87 -20.09 28.96
C TYR E 32 4.21 -19.92 28.26
N GLY E 33 4.20 -20.08 26.94
CA GLY E 33 5.37 -19.74 26.15
C GLY E 33 5.51 -18.25 25.96
N MET E 34 6.75 -17.79 25.79
CA MET E 34 7.05 -16.38 25.77
C MET E 34 7.70 -15.98 24.45
N HIS E 35 7.56 -14.70 24.12
CA HIS E 35 8.16 -14.12 22.92
C HIS E 35 8.88 -12.83 23.28
N TRP E 36 9.83 -12.45 22.42
CA TRP E 36 10.45 -11.14 22.45
C TRP E 36 10.15 -10.44 21.14
N VAL E 37 9.61 -9.22 21.22
CA VAL E 37 9.25 -8.42 20.05
C VAL E 37 9.83 -7.03 20.24
N ARG E 38 10.54 -6.53 19.24
CA ARG E 38 11.16 -5.22 19.32
C ARG E 38 10.56 -4.28 18.28
N GLN E 39 10.64 -2.99 18.57
CA GLN E 39 10.05 -1.95 17.74
C GLN E 39 11.03 -0.79 17.66
N ALA E 40 11.65 -0.62 16.49
CA ALA E 40 12.59 0.47 16.27
C ALA E 40 11.85 1.82 16.38
N PRO E 41 12.59 2.90 16.69
CA PRO E 41 11.95 4.22 16.85
C PRO E 41 11.12 4.63 15.65
N GLY E 42 9.80 4.70 15.83
CA GLY E 42 8.92 5.14 14.78
C GLY E 42 8.66 4.13 13.69
N LYS E 43 8.76 2.84 14.00
CA LYS E 43 8.59 1.78 13.01
C LYS E 43 7.57 0.77 13.52
N GLY E 44 7.33 -0.27 12.72
CA GLY E 44 6.39 -1.32 13.07
C GLY E 44 6.95 -2.30 14.08
N LEU E 45 6.37 -3.49 14.07
CA LEU E 45 6.74 -4.54 15.02
C LEU E 45 7.58 -5.61 14.33
N GLU E 46 8.62 -6.07 15.02
CA GLU E 46 9.51 -7.09 14.53
C GLU E 46 9.69 -8.16 15.60
N TRP E 47 9.62 -9.43 15.19
CA TRP E 47 9.77 -10.55 16.11
C TRP E 47 11.24 -10.89 16.29
N VAL E 48 11.61 -11.24 17.51
CA VAL E 48 13.00 -11.52 17.88
C VAL E 48 13.20 -13.00 18.21
N ALA E 49 12.50 -13.50 19.23
CA ALA E 49 12.74 -14.85 19.72
C ALA E 49 11.51 -15.39 20.41
N VAL E 50 11.49 -16.72 20.55
CA VAL E 50 10.43 -17.44 21.24
C VAL E 50 11.08 -18.53 22.08
N ILE E 51 10.47 -18.81 23.24
CA ILE E 51 10.92 -19.88 24.12
C ILE E 51 9.71 -20.68 24.58
N TRP E 52 9.86 -21.99 24.67
CA TRP E 52 8.79 -22.86 25.11
C TRP E 52 8.51 -22.66 26.60
N TYR E 53 7.43 -23.29 27.07
CA TYR E 53 7.06 -23.16 28.48
C TYR E 53 8.12 -23.74 29.40
N ASP E 54 8.85 -24.76 28.95
CA ASP E 54 9.90 -25.39 29.73
C ASP E 54 11.29 -25.04 29.24
N GLY E 55 11.42 -24.10 28.31
CA GLY E 55 12.72 -23.66 27.84
C GLY E 55 13.47 -24.70 27.05
N SER E 56 12.79 -25.78 26.66
CA SER E 56 13.45 -26.86 25.95
C SER E 56 13.70 -26.54 24.48
N LYS E 57 12.97 -25.59 23.90
CA LYS E 57 13.08 -25.26 22.49
C LYS E 57 13.14 -23.75 22.31
N LYS E 58 14.02 -23.31 21.40
CA LYS E 58 14.25 -21.89 21.15
C LYS E 58 14.35 -21.64 19.65
N TYR E 59 13.76 -20.54 19.20
CA TYR E 59 13.85 -20.09 17.82
C TYR E 59 14.14 -18.60 17.81
N TYR E 60 14.96 -18.17 16.85
CA TYR E 60 15.38 -16.78 16.75
C TYR E 60 15.14 -16.27 15.33
N ALA E 61 15.03 -14.94 15.22
CA ALA E 61 14.98 -14.31 13.92
C ALA E 61 16.34 -14.39 13.23
N ASP E 62 16.31 -14.47 11.90
CA ASP E 62 17.55 -14.65 11.15
C ASP E 62 18.51 -13.48 11.34
N SER E 63 17.99 -12.30 11.66
CA SER E 63 18.82 -11.11 11.79
C SER E 63 19.50 -10.99 13.14
N VAL E 64 19.28 -11.93 14.06
CA VAL E 64 19.88 -11.85 15.39
C VAL E 64 20.45 -13.21 15.80
N LYS E 65 20.34 -14.20 14.90
CA LYS E 65 20.80 -15.54 15.22
C LYS E 65 22.29 -15.55 15.52
N GLY E 66 22.66 -16.24 16.60
CA GLY E 66 24.02 -16.30 17.08
C GLY E 66 24.42 -15.18 18.02
N ARG E 67 23.75 -14.03 17.94
CA ARG E 67 24.06 -12.89 18.80
C ARG E 67 23.16 -12.84 20.03
N PHE E 68 21.90 -13.27 19.90
CA PHE E 68 20.94 -13.21 20.98
C PHE E 68 20.74 -14.59 21.60
N THR E 69 20.37 -14.60 22.88
CA THR E 69 20.14 -15.84 23.61
C THR E 69 18.95 -15.63 24.54
N ILE E 70 17.90 -16.41 24.35
CA ILE E 70 16.70 -16.33 25.18
C ILE E 70 16.77 -17.41 26.25
N SER E 71 16.18 -17.12 27.40
CA SER E 71 16.23 -18.03 28.54
C SER E 71 15.12 -17.64 29.51
N ARG E 72 14.88 -18.51 30.49
CA ARG E 72 13.80 -18.28 31.45
C ARG E 72 14.11 -18.99 32.75
N ASP E 73 13.57 -18.44 33.84
CA ASP E 73 13.65 -19.02 35.17
C ASP E 73 12.22 -19.18 35.67
N ASN E 74 11.68 -20.40 35.54
CA ASN E 74 10.28 -20.64 35.86
C ASN E 74 9.98 -20.59 37.36
N SER E 75 11.00 -20.56 38.21
CA SER E 75 10.78 -20.53 39.65
C SER E 75 10.74 -19.13 40.23
N LYS E 76 11.26 -18.13 39.51
CA LYS E 76 11.14 -16.74 39.92
C LYS E 76 10.33 -15.91 38.94
N ASN E 77 9.68 -16.56 37.97
CA ASN E 77 8.82 -15.89 37.00
C ASN E 77 9.56 -14.77 36.27
N THR E 78 10.62 -15.17 35.55
CA THR E 78 11.48 -14.20 34.89
C THR E 78 11.93 -14.73 33.53
N LEU E 79 11.77 -13.90 32.51
CA LEU E 79 12.27 -14.16 31.16
C LEU E 79 13.51 -13.30 30.91
N TYR E 80 14.45 -13.85 30.15
CA TYR E 80 15.72 -13.18 29.89
C TYR E 80 15.97 -13.08 28.39
N LEU E 81 16.92 -12.21 28.04
CA LEU E 81 17.36 -12.06 26.66
C LEU E 81 18.78 -11.50 26.68
N GLN E 82 19.75 -12.33 26.30
CA GLN E 82 21.14 -11.93 26.24
C GLN E 82 21.45 -11.35 24.86
N MET E 83 21.88 -10.10 24.82
CA MET E 83 22.11 -9.38 23.57
C MET E 83 23.61 -9.10 23.45
N ASN E 84 24.29 -9.88 22.62
CA ASN E 84 25.73 -9.77 22.42
C ASN E 84 26.03 -9.18 21.06
N SER E 85 27.17 -8.48 20.97
CA SER E 85 27.67 -7.88 19.73
C SER E 85 26.59 -7.01 19.08
N LEU E 86 26.13 -6.02 19.85
CA LEU E 86 25.03 -5.18 19.42
C LEU E 86 25.43 -4.30 18.24
N ARG E 87 24.46 -4.03 17.37
CA ARG E 87 24.64 -3.18 16.21
C ARG E 87 23.68 -1.98 16.32
N ALA E 88 23.88 -1.02 15.41
CA ALA E 88 23.05 0.18 15.42
C ALA E 88 21.59 -0.16 15.12
N GLU E 89 21.36 -1.10 14.19
CA GLU E 89 20.00 -1.47 13.83
C GLU E 89 19.26 -2.15 14.97
N ASP E 90 19.97 -2.59 16.01
CA ASP E 90 19.30 -3.20 17.16
C ASP E 90 18.60 -2.19 18.05
N THR E 91 18.79 -0.89 17.81
CA THR E 91 18.13 0.13 18.61
C THR E 91 16.62 0.03 18.46
N ALA E 92 15.94 -0.24 19.57
CA ALA E 92 14.50 -0.45 19.56
C ALA E 92 14.00 -0.54 21.00
N VAL E 93 12.68 -0.54 21.14
CA VAL E 93 12.01 -0.90 22.39
C VAL E 93 11.71 -2.40 22.33
N TYR E 94 12.00 -3.11 23.41
CA TYR E 94 11.88 -4.56 23.45
C TYR E 94 10.69 -4.96 24.32
N TYR E 95 9.74 -5.66 23.73
CA TYR E 95 8.51 -6.08 24.40
C TYR E 95 8.56 -7.56 24.74
N CYS E 96 7.89 -7.93 25.83
CA CYS E 96 7.61 -9.32 26.15
C CYS E 96 6.14 -9.61 25.85
N ALA E 97 5.89 -10.76 25.25
CA ALA E 97 4.54 -11.17 24.89
C ALA E 97 4.28 -12.58 25.41
N ARG E 98 3.03 -12.82 25.78
CA ARG E 98 2.58 -14.12 26.29
C ARG E 98 1.71 -14.78 25.22
N VAL E 99 1.99 -16.06 24.93
CA VAL E 99 1.21 -16.80 23.95
C VAL E 99 -0.15 -17.13 24.54
N ARG E 100 -1.21 -16.81 23.79
CA ARG E 100 -2.56 -17.08 24.26
C ARG E 100 -2.77 -18.59 24.38
N ASP E 101 -3.59 -18.97 25.37
CA ASP E 101 -3.87 -20.37 25.62
C ASP E 101 -5.02 -20.84 24.73
N SER E 102 -4.80 -21.95 24.02
CA SER E 102 -5.80 -22.54 23.15
C SER E 102 -5.79 -24.05 23.33
N SER E 103 -6.92 -24.67 23.02
CA SER E 103 -7.08 -26.11 23.17
C SER E 103 -6.56 -26.90 21.98
N ASP E 104 -6.16 -26.24 20.90
CA ASP E 104 -5.66 -26.94 19.74
C ASP E 104 -4.15 -27.17 19.87
N TYR E 105 -3.60 -27.93 18.92
CA TYR E 105 -2.19 -28.27 18.92
C TYR E 105 -1.31 -27.16 18.38
N TYR E 106 -1.90 -26.03 17.98
CA TYR E 106 -1.17 -24.94 17.33
C TYR E 106 -1.03 -23.76 18.29
N GLY E 107 -0.01 -22.94 18.02
CA GLY E 107 0.19 -21.74 18.81
C GLY E 107 -0.79 -20.64 18.46
N ASP E 108 -0.90 -19.67 19.36
CA ASP E 108 -1.91 -18.62 19.25
C ASP E 108 -1.23 -17.25 19.18
N ALA E 109 -2.04 -16.19 19.27
CA ALA E 109 -1.55 -14.83 19.21
C ALA E 109 -0.96 -14.41 20.56
N PHE E 110 -0.36 -13.23 20.58
CA PHE E 110 0.27 -12.68 21.78
C PHE E 110 -0.79 -11.84 22.50
N ASP E 111 -1.35 -12.38 23.58
CA ASP E 111 -2.54 -11.78 24.19
C ASP E 111 -2.22 -10.84 25.34
N ILE E 112 -0.99 -10.82 25.84
CA ILE E 112 -0.60 -9.93 26.92
C ILE E 112 0.82 -9.43 26.67
N TRP E 113 1.02 -8.13 26.80
CA TRP E 113 2.30 -7.49 26.52
C TRP E 113 2.77 -6.70 27.73
N GLY E 114 4.09 -6.47 27.80
CA GLY E 114 4.66 -5.55 28.76
C GLY E 114 4.81 -4.16 28.17
N GLN E 115 5.30 -3.24 29.01
CA GLN E 115 5.45 -1.85 28.58
C GLN E 115 6.74 -1.58 27.82
N GLY E 116 7.68 -2.52 27.84
CA GLY E 116 8.89 -2.39 27.03
C GLY E 116 10.03 -1.70 27.76
N THR E 117 11.22 -1.85 27.19
CA THR E 117 12.42 -1.18 27.69
C THR E 117 13.25 -0.73 26.48
N MET E 118 13.81 0.48 26.59
CA MET E 118 14.47 1.12 25.46
C MET E 118 15.95 0.73 25.41
N VAL E 119 16.39 0.26 24.25
CA VAL E 119 17.78 -0.10 24.01
C VAL E 119 18.32 0.80 22.92
N THR E 120 19.40 1.53 23.23
CA THR E 120 19.99 2.49 22.31
C THR E 120 21.43 2.07 22.03
N VAL E 121 21.75 1.87 20.76
CA VAL E 121 23.10 1.49 20.33
C VAL E 121 23.62 2.61 19.43
N SER E 122 24.62 3.33 19.93
CA SER E 122 25.21 4.44 19.18
C SER E 122 26.63 4.66 19.66
N SER E 123 27.53 4.92 18.70
CA SER E 123 28.92 5.19 19.04
C SER E 123 29.12 6.53 19.71
N ALA E 124 28.16 7.45 19.56
CA ALA E 124 28.30 8.79 20.12
C ALA E 124 28.36 8.72 21.65
N SER E 125 29.28 9.48 22.22
CA SER E 125 29.38 9.59 23.67
C SER E 125 28.41 10.66 24.18
N THR E 126 28.17 10.63 25.49
CA THR E 126 27.22 11.55 26.10
C THR E 126 27.68 12.99 25.93
N LYS E 127 26.75 13.87 25.55
CA LYS E 127 27.04 15.28 25.40
C LYS E 127 25.79 16.08 25.76
N GLY E 128 26.00 17.20 26.44
CA GLY E 128 24.91 18.09 26.80
C GLY E 128 24.51 18.99 25.65
N PRO E 129 23.28 19.50 25.69
CA PRO E 129 22.77 20.31 24.58
C PRO E 129 23.12 21.78 24.68
N SER E 130 23.21 22.41 23.51
CA SER E 130 23.31 23.86 23.40
C SER E 130 21.92 24.42 23.16
N VAL E 131 21.63 25.57 23.77
CA VAL E 131 20.32 26.19 23.68
C VAL E 131 20.47 27.54 22.98
N PHE E 132 19.88 27.66 21.80
CA PHE E 132 19.93 28.91 21.04
C PHE E 132 18.54 29.52 20.94
N PRO E 133 18.42 30.84 21.06
CA PRO E 133 17.10 31.47 21.05
C PRO E 133 16.56 31.63 19.64
N LEU E 134 15.26 31.38 19.50
CA LEU E 134 14.52 31.68 18.27
C LEU E 134 13.77 32.98 18.52
N ALA E 135 14.27 34.08 17.96
CA ALA E 135 13.80 35.42 18.32
C ALA E 135 12.47 35.72 17.63
N PRO E 136 11.57 36.45 18.30
CA PRO E 136 10.28 36.78 17.69
C PRO E 136 10.40 37.92 16.69
N SER E 137 9.58 37.84 15.65
CA SER E 137 9.52 38.87 14.64
C SER E 137 8.43 39.88 14.96
N SER E 138 8.75 41.17 14.79
CA SER E 138 7.75 42.21 14.94
C SER E 138 6.73 42.11 13.82
N LYS E 139 7.14 42.45 12.61
CA LYS E 139 6.31 42.33 11.41
C LYS E 139 4.96 43.02 11.56
N GLY E 143 -0.69 41.02 12.73
CA GLY E 143 0.34 40.67 13.69
C GLY E 143 -0.06 40.96 15.13
N GLY E 144 -1.00 40.17 15.65
CA GLY E 144 -1.45 40.31 17.02
C GLY E 144 -0.87 39.26 17.94
N THR E 145 -0.36 38.18 17.34
CA THR E 145 0.29 37.10 18.08
C THR E 145 1.61 36.77 17.40
N ALA E 146 2.68 36.66 18.20
CA ALA E 146 4.00 36.36 17.70
C ALA E 146 4.49 35.04 18.28
N ALA E 147 5.47 34.45 17.59
CA ALA E 147 6.01 33.15 17.98
C ALA E 147 7.48 33.28 18.34
N LEU E 148 7.90 32.47 19.31
CA LEU E 148 9.30 32.40 19.73
C LEU E 148 9.57 30.99 20.23
N GLY E 149 10.84 30.69 20.44
CA GLY E 149 11.19 29.34 20.88
C GLY E 149 12.65 29.20 21.20
N CYS E 150 13.06 27.94 21.37
CA CYS E 150 14.42 27.58 21.74
C CYS E 150 14.89 26.42 20.89
N LEU E 151 16.13 26.51 20.40
CA LEU E 151 16.75 25.45 19.63
C LEU E 151 17.66 24.64 20.55
N VAL E 152 17.30 23.38 20.76
CA VAL E 152 18.06 22.49 21.64
C VAL E 152 18.87 21.58 20.72
N LYS E 153 20.08 22.02 20.38
CA LYS E 153 20.89 21.38 19.35
C LYS E 153 22.04 20.59 19.97
N ASP E 154 22.33 19.44 19.35
CA ASP E 154 23.52 18.63 19.67
C ASP E 154 23.52 18.12 21.10
N TYR E 155 22.78 17.04 21.36
CA TYR E 155 22.84 16.35 22.65
C TYR E 155 22.73 14.85 22.41
N PHE E 156 23.14 14.09 23.43
CA PHE E 156 23.07 12.63 23.43
C PHE E 156 23.27 12.12 24.84
N PRO E 157 22.49 11.13 25.29
CA PRO E 157 21.39 10.53 24.54
C PRO E 157 20.05 11.17 24.85
N GLU E 158 18.97 10.53 24.40
CA GLU E 158 17.63 10.96 24.76
C GLU E 158 17.35 10.59 26.22
N PRO E 159 16.40 11.28 26.87
CA PRO E 159 15.62 12.43 26.39
C PRO E 159 15.98 13.75 27.06
N VAL E 160 15.28 14.81 26.67
CA VAL E 160 15.34 16.09 27.37
C VAL E 160 13.92 16.56 27.60
N THR E 161 13.75 17.40 28.63
CA THR E 161 12.46 17.99 28.95
C THR E 161 12.58 19.50 28.89
N VAL E 162 11.56 20.15 28.32
CA VAL E 162 11.55 21.59 28.11
C VAL E 162 10.29 22.17 28.75
N SER E 163 10.46 23.21 29.56
CA SER E 163 9.36 23.98 30.11
C SER E 163 9.64 25.46 29.90
N TRP E 164 8.59 26.27 30.01
CA TRP E 164 8.67 27.71 29.75
C TRP E 164 8.30 28.49 31.01
N ASN E 165 9.11 29.52 31.31
CA ASN E 165 8.89 30.38 32.47
C ASN E 165 8.78 29.57 33.76
N SER E 166 9.64 28.55 33.87
CA SER E 166 9.68 27.67 35.04
C SER E 166 8.33 26.99 35.27
N GLY E 167 7.72 26.51 34.19
CA GLY E 167 6.45 25.82 34.25
C GLY E 167 5.22 26.71 34.27
N ALA E 168 5.40 28.03 34.36
CA ALA E 168 4.25 28.93 34.43
C ALA E 168 3.49 28.98 33.11
N LEU E 169 4.19 28.84 31.99
CA LEU E 169 3.59 28.94 30.67
C LEU E 169 3.44 27.54 30.07
N THR E 170 2.21 27.14 29.79
CA THR E 170 1.90 25.84 29.23
C THR E 170 1.02 25.91 27.99
N SER E 171 0.06 26.84 27.96
CA SER E 171 -0.87 26.92 26.84
C SER E 171 -0.17 27.45 25.59
N GLY E 172 -0.34 26.75 24.47
CA GLY E 172 0.25 27.16 23.22
C GLY E 172 1.67 26.70 22.98
N VAL E 173 2.23 25.90 23.88
CA VAL E 173 3.59 25.42 23.75
C VAL E 173 3.62 24.14 22.93
N HIS E 174 4.56 24.06 22.00
CA HIS E 174 4.78 22.86 21.19
C HIS E 174 6.24 22.45 21.31
N THR E 175 6.49 21.32 21.95
CA THR E 175 7.83 20.75 22.05
C THR E 175 7.95 19.62 21.04
N PHE E 176 8.71 19.86 19.97
CA PHE E 176 8.77 18.92 18.87
C PHE E 176 9.53 17.65 19.26
N PRO E 177 9.20 16.52 18.65
CA PRO E 177 10.02 15.32 18.84
C PRO E 177 11.42 15.54 18.28
N ALA E 178 12.41 14.97 18.98
CA ALA E 178 13.79 15.12 18.57
C ALA E 178 14.02 14.47 17.21
N VAL E 179 14.99 15.00 16.47
CA VAL E 179 15.42 14.44 15.19
C VAL E 179 16.91 14.18 15.27
N LEU E 180 17.35 13.08 14.68
CA LEU E 180 18.74 12.64 14.76
C LEU E 180 19.52 13.20 13.58
N GLN E 181 20.44 14.12 13.85
CA GLN E 181 21.30 14.64 12.81
C GLN E 181 22.32 13.58 12.38
N SER E 182 22.89 13.79 11.19
CA SER E 182 23.83 12.82 10.63
C SER E 182 25.11 12.69 11.46
N SER E 183 25.33 13.58 12.42
CA SER E 183 26.49 13.49 13.29
C SER E 183 26.32 12.50 14.43
N GLY E 184 25.12 11.95 14.61
CA GLY E 184 24.83 11.09 15.74
C GLY E 184 24.28 11.80 16.94
N LEU E 185 24.07 13.11 16.87
CA LEU E 185 23.52 13.89 17.96
C LEU E 185 22.08 14.29 17.64
N TYR E 186 21.29 14.46 18.70
CA TYR E 186 19.89 14.82 18.56
C TYR E 186 19.72 16.34 18.61
N SER E 187 18.55 16.79 18.15
CA SER E 187 18.26 18.22 18.09
C SER E 187 16.75 18.41 17.93
N LEU E 188 16.15 19.19 18.82
CA LEU E 188 14.73 19.49 18.76
C LEU E 188 14.52 20.98 18.97
N SER E 189 13.26 21.40 18.82
CA SER E 189 12.85 22.77 19.04
C SER E 189 11.61 22.78 19.92
N SER E 190 11.45 23.87 20.66
CA SER E 190 10.25 24.07 21.49
C SER E 190 9.77 25.50 21.25
N VAL E 191 8.54 25.63 20.77
CA VAL E 191 7.99 26.92 20.38
C VAL E 191 6.72 27.19 21.18
N VAL E 192 6.34 28.47 21.24
CA VAL E 192 5.14 28.91 21.93
C VAL E 192 4.67 30.21 21.29
N THR E 193 3.37 30.29 21.01
CA THR E 193 2.76 31.50 20.47
C THR E 193 2.16 32.30 21.60
N VAL E 194 2.45 33.60 21.63
CA VAL E 194 1.99 34.49 22.69
C VAL E 194 1.48 35.79 22.07
N PRO E 195 0.63 36.52 22.78
CA PRO E 195 0.18 37.83 22.28
C PRO E 195 1.36 38.76 22.10
N SER E 196 1.47 39.34 20.90
CA SER E 196 2.60 40.19 20.56
C SER E 196 2.64 41.47 21.38
N SER E 197 1.51 41.87 21.98
CA SER E 197 1.51 43.06 22.82
C SER E 197 2.32 42.85 24.10
N SER E 198 2.38 41.61 24.60
CA SER E 198 3.12 41.30 25.80
C SER E 198 4.58 40.91 25.53
N LEU E 199 5.08 41.17 24.33
CA LEU E 199 6.46 40.81 24.00
C LEU E 199 7.47 41.59 24.84
N GLY E 200 7.15 42.84 25.20
CA GLY E 200 8.07 43.64 25.97
C GLY E 200 7.84 43.57 27.46
N THR E 201 6.56 43.54 27.87
CA THR E 201 6.23 43.51 29.28
C THR E 201 6.66 42.19 29.92
N GLN E 202 6.18 41.07 29.37
CA GLN E 202 6.47 39.75 29.92
C GLN E 202 7.75 39.20 29.31
N THR E 203 8.58 38.58 30.16
CA THR E 203 9.82 37.95 29.74
C THR E 203 9.61 36.45 29.60
N TYR E 204 10.21 35.86 28.57
CA TYR E 204 10.03 34.45 28.25
C TYR E 204 11.38 33.74 28.31
N ILE E 205 11.43 32.65 29.08
CA ILE E 205 12.64 31.85 29.25
C ILE E 205 12.26 30.38 29.15
N CYS E 206 12.97 29.63 28.31
CA CYS E 206 12.76 28.20 28.19
C CYS E 206 13.69 27.45 29.13
N ASN E 207 13.22 26.32 29.63
CA ASN E 207 13.93 25.55 30.66
C ASN E 207 14.22 24.16 30.12
N VAL E 208 15.43 23.95 29.63
CA VAL E 208 15.87 22.65 29.12
C VAL E 208 16.50 21.87 30.26
N ASN E 209 16.19 20.57 30.31
CA ASN E 209 16.70 19.69 31.36
C ASN E 209 17.14 18.38 30.71
N HIS E 210 18.43 18.08 30.80
CA HIS E 210 19.02 16.87 30.21
C HIS E 210 19.67 16.06 31.33
N LYS E 211 18.89 15.15 31.91
CA LYS E 211 19.39 14.35 33.03
C LYS E 211 20.57 13.45 32.68
N PRO E 212 20.61 12.76 31.53
CA PRO E 212 21.77 11.89 31.25
C PRO E 212 23.12 12.62 31.22
N SER E 213 23.14 13.95 31.20
CA SER E 213 24.41 14.69 31.21
C SER E 213 24.47 15.73 32.31
N ASN E 214 23.49 15.76 33.22
CA ASN E 214 23.44 16.74 34.30
C ASN E 214 23.52 18.16 33.77
N THR E 215 22.75 18.44 32.72
CA THR E 215 22.74 19.73 32.05
C THR E 215 21.39 20.40 32.29
N LYS E 216 21.42 21.59 32.88
CA LYS E 216 20.24 22.43 33.04
C LYS E 216 20.58 23.83 32.53
N VAL E 217 19.81 24.30 31.55
CA VAL E 217 20.07 25.57 30.89
C VAL E 217 18.79 26.37 30.84
N ASP E 218 18.88 27.67 31.15
CA ASP E 218 17.78 28.61 31.02
C ASP E 218 18.23 29.73 30.10
N LYS E 219 17.59 29.86 28.95
CA LYS E 219 17.95 30.85 27.94
C LYS E 219 16.84 31.87 27.79
N ARG E 220 17.18 33.14 27.89
CA ARG E 220 16.21 34.21 27.70
C ARG E 220 15.97 34.45 26.22
N VAL E 221 14.70 34.45 25.83
CA VAL E 221 14.30 34.66 24.44
C VAL E 221 13.65 36.03 24.36
N GLU E 222 14.37 37.00 23.82
CA GLU E 222 13.90 38.36 23.69
C GLU E 222 14.13 38.86 22.27
N PRO E 223 13.30 39.77 21.78
CA PRO E 223 13.45 40.27 20.40
C PRO E 223 14.79 40.98 20.22
N LYS E 224 15.13 41.21 18.95
CA LYS E 224 16.38 41.87 18.58
C LYS E 224 16.11 43.29 18.10
N SER E 225 17.04 43.85 17.34
CA SER E 225 16.94 45.24 16.86
C SER E 225 17.90 45.53 15.72
N ASP F 1 9.91 -16.88 4.17
CA ASP F 1 9.48 -15.69 4.90
C ASP F 1 8.18 -15.12 4.34
N ILE F 2 7.16 -15.08 5.18
CA ILE F 2 5.86 -14.54 4.80
C ILE F 2 5.83 -13.06 5.15
N GLN F 3 5.38 -12.23 4.20
CA GLN F 3 5.35 -10.79 4.36
C GLN F 3 3.91 -10.30 4.34
N MET F 4 3.56 -9.45 5.31
CA MET F 4 2.22 -8.89 5.43
C MET F 4 2.22 -7.44 4.99
N THR F 5 1.25 -7.06 4.17
CA THR F 5 1.17 -5.71 3.61
C THR F 5 -0.21 -5.13 3.88
N GLN F 6 -0.26 -4.06 4.66
CA GLN F 6 -1.52 -3.42 5.01
C GLN F 6 -1.85 -2.29 4.06
N SER F 7 -3.14 -2.00 3.92
CA SER F 7 -3.61 -0.89 3.11
C SER F 7 -4.92 -0.40 3.71
N PRO F 8 -5.06 0.91 3.97
CA PRO F 8 -4.00 1.90 3.76
C PRO F 8 -3.06 2.00 4.96
N SER F 9 -2.08 2.90 4.87
CA SER F 9 -1.16 3.14 5.98
C SER F 9 -1.66 4.22 6.92
N THR F 10 -2.37 5.22 6.39
CA THR F 10 -2.97 6.27 7.20
C THR F 10 -4.42 6.44 6.77
N LEU F 11 -5.25 6.92 7.70
CA LEU F 11 -6.69 6.96 7.47
C LEU F 11 -7.30 8.00 8.39
N SER F 12 -7.92 9.02 7.81
CA SER F 12 -8.65 10.03 8.59
C SER F 12 -10.12 9.64 8.67
N ALA F 13 -10.72 9.84 9.84
CA ALA F 13 -12.11 9.46 10.05
C ALA F 13 -12.66 10.21 11.25
N SER F 14 -13.97 10.39 11.26
CA SER F 14 -14.68 11.03 12.35
C SER F 14 -15.43 9.99 13.16
N VAL F 15 -15.88 10.40 14.36
CA VAL F 15 -16.61 9.49 15.24
C VAL F 15 -17.91 9.08 14.57
N GLY F 16 -18.17 7.77 14.56
CA GLY F 16 -19.35 7.22 13.93
C GLY F 16 -19.12 6.63 12.56
N ASP F 17 -17.97 6.89 11.94
CA ASP F 17 -17.70 6.37 10.62
C ASP F 17 -17.30 4.90 10.67
N ARG F 18 -17.45 4.22 9.54
CA ARG F 18 -17.05 2.84 9.40
C ARG F 18 -15.64 2.78 8.82
N VAL F 19 -14.74 2.09 9.51
CA VAL F 19 -13.33 2.01 9.13
C VAL F 19 -13.01 0.58 8.73
N THR F 20 -12.36 0.43 7.58
CA THR F 20 -11.99 -0.88 7.06
C THR F 20 -10.48 -0.88 6.78
N ILE F 21 -9.78 -1.84 7.37
CA ILE F 21 -8.34 -2.01 7.19
C ILE F 21 -8.11 -3.37 6.52
N THR F 22 -7.31 -3.37 5.47
CA THR F 22 -6.98 -4.59 4.73
C THR F 22 -5.54 -5.01 5.04
N CYS F 23 -5.30 -6.32 5.03
CA CYS F 23 -4.00 -6.89 5.35
C CYS F 23 -3.79 -8.09 4.45
N ARG F 24 -2.77 -8.05 3.60
CA ARG F 24 -2.55 -9.07 2.60
C ARG F 24 -1.26 -9.84 2.87
N ALA F 25 -1.31 -11.15 2.62
CA ALA F 25 -0.20 -12.06 2.85
C ALA F 25 0.48 -12.44 1.53
N SER F 26 1.81 -12.69 1.61
CA SER F 26 2.57 -13.15 0.45
C SER F 26 2.28 -14.59 0.07
N GLN F 27 1.69 -15.36 0.98
CA GLN F 27 1.28 -16.73 0.71
C GLN F 27 0.20 -17.12 1.71
N SER F 28 -0.52 -18.19 1.37
CA SER F 28 -1.63 -18.63 2.22
C SER F 28 -1.17 -18.90 3.64
N ILE F 29 -1.93 -18.39 4.60
CA ILE F 29 -1.63 -18.56 6.02
C ILE F 29 -2.85 -19.13 6.73
N SER F 30 -3.75 -19.75 5.95
CA SER F 30 -5.03 -20.23 6.46
C SER F 30 -5.77 -19.11 7.18
N SER F 31 -6.10 -19.31 8.46
CA SER F 31 -6.73 -18.28 9.27
C SER F 31 -5.86 -17.88 10.46
N TRP F 32 -4.54 -18.10 10.36
CA TRP F 32 -3.62 -17.79 11.45
C TRP F 32 -3.20 -16.33 11.36
N LEU F 33 -4.13 -15.45 11.74
CA LEU F 33 -3.91 -14.01 11.68
C LEU F 33 -4.42 -13.35 12.95
N ALA F 34 -3.71 -12.31 13.39
CA ALA F 34 -4.07 -11.56 14.58
C ALA F 34 -4.09 -10.07 14.29
N TRP F 35 -4.81 -9.33 15.12
CA TRP F 35 -4.90 -7.88 15.02
C TRP F 35 -4.54 -7.26 16.37
N TYR F 36 -3.73 -6.20 16.33
CA TYR F 36 -3.31 -5.51 17.55
C TYR F 36 -3.61 -4.02 17.41
N GLN F 37 -3.82 -3.39 18.56
CA GLN F 37 -4.02 -1.94 18.66
C GLN F 37 -2.93 -1.36 19.53
N GLN F 38 -2.27 -0.30 19.04
CA GLN F 38 -1.19 0.32 19.79
C GLN F 38 -1.34 1.83 19.74
N LYS F 39 -1.29 2.46 20.91
CA LYS F 39 -1.33 3.91 21.06
C LYS F 39 0.04 4.44 21.46
N PRO F 40 0.35 5.71 21.18
CA PRO F 40 1.71 6.21 21.38
C PRO F 40 2.18 6.04 22.83
N GLY F 41 3.34 5.40 22.98
CA GLY F 41 3.95 5.18 24.27
C GLY F 41 3.53 3.91 24.97
N LYS F 42 2.33 3.41 24.68
CA LYS F 42 1.82 2.22 25.35
C LYS F 42 2.15 0.97 24.55
N ALA F 43 1.70 -0.17 25.06
CA ALA F 43 1.99 -1.48 24.47
C ALA F 43 0.89 -1.86 23.50
N PRO F 44 1.14 -2.85 22.64
CA PRO F 44 0.07 -3.36 21.78
C PRO F 44 -0.97 -4.12 22.58
N LYS F 45 -2.19 -4.13 22.05
CA LYS F 45 -3.33 -4.78 22.68
C LYS F 45 -3.94 -5.76 21.69
N LEU F 46 -4.03 -7.03 22.08
CA LEU F 46 -4.61 -8.03 21.18
C LEU F 46 -6.10 -7.78 21.01
N LEU F 47 -6.54 -7.69 19.76
CA LEU F 47 -7.94 -7.46 19.43
C LEU F 47 -8.62 -8.70 18.85
N ILE F 48 -8.05 -9.27 17.79
CA ILE F 48 -8.67 -10.39 17.09
C ILE F 48 -7.62 -11.47 16.88
N TYR F 49 -8.01 -12.72 17.14
CA TYR F 49 -7.17 -13.88 16.86
C TYR F 49 -7.93 -14.85 15.96
N LYS F 50 -7.18 -15.66 15.23
CA LYS F 50 -7.74 -16.62 14.28
C LYS F 50 -8.67 -15.91 13.28
N ALA F 51 -8.15 -14.82 12.70
CA ALA F 51 -8.82 -14.07 11.65
C ALA F 51 -10.12 -13.39 12.11
N SER F 52 -11.01 -14.11 12.77
CA SER F 52 -12.34 -13.60 13.09
C SER F 52 -12.71 -13.60 14.55
N ASN F 53 -12.04 -14.40 15.39
CA ASN F 53 -12.43 -14.51 16.79
C ASN F 53 -12.06 -13.24 17.54
N LEU F 54 -13.02 -12.70 18.30
CA LEU F 54 -12.83 -11.48 19.06
C LEU F 54 -12.33 -11.81 20.46
N GLU F 55 -11.19 -11.21 20.83
CA GLU F 55 -10.67 -11.41 22.18
C GLU F 55 -11.65 -10.85 23.20
N SER F 56 -11.82 -11.57 24.30
CA SER F 56 -12.82 -11.21 25.30
C SER F 56 -12.56 -9.81 25.85
N GLY F 57 -13.64 -9.05 26.01
CA GLY F 57 -13.56 -7.70 26.51
C GLY F 57 -13.42 -6.63 25.45
N VAL F 58 -13.31 -7.00 24.18
CA VAL F 58 -13.20 -6.04 23.09
C VAL F 58 -14.60 -5.73 22.57
N PRO F 59 -14.93 -4.45 22.33
CA PRO F 59 -16.28 -4.11 21.87
C PRO F 59 -16.62 -4.79 20.56
N LEU F 60 -17.91 -5.05 20.37
CA LEU F 60 -18.40 -5.78 19.19
C LEU F 60 -18.28 -4.98 17.91
N ARG F 61 -18.03 -3.67 17.98
CA ARG F 61 -17.81 -2.90 16.76
C ARG F 61 -16.54 -3.29 16.04
N PHE F 62 -15.64 -4.03 16.69
CA PHE F 62 -14.45 -4.58 16.05
C PHE F 62 -14.79 -5.97 15.51
N SER F 63 -14.76 -6.12 14.19
CA SER F 63 -15.00 -7.39 13.54
C SER F 63 -13.83 -7.74 12.64
N GLY F 64 -13.66 -9.04 12.39
CA GLY F 64 -12.59 -9.51 11.54
C GLY F 64 -13.03 -10.60 10.59
N SER F 65 -12.61 -10.51 9.34
CA SER F 65 -12.92 -11.51 8.33
C SER F 65 -11.64 -11.86 7.58
N GLY F 66 -11.74 -12.88 6.73
CA GLY F 66 -10.62 -13.24 5.89
C GLY F 66 -10.13 -14.66 6.06
N SER F 67 -9.45 -15.16 5.02
CA SER F 67 -8.89 -16.51 5.00
C SER F 67 -7.96 -16.60 3.80
N GLY F 68 -6.85 -17.30 3.97
CA GLY F 68 -5.89 -17.45 2.89
C GLY F 68 -4.86 -16.35 2.85
N THR F 69 -5.09 -15.33 2.03
CA THR F 69 -4.14 -14.24 1.88
C THR F 69 -4.73 -12.85 2.09
N GLU F 70 -6.04 -12.66 1.98
CA GLU F 70 -6.67 -11.36 2.09
C GLU F 70 -7.54 -11.32 3.34
N PHE F 71 -7.27 -10.35 4.22
CA PHE F 71 -7.98 -10.21 5.48
C PHE F 71 -8.45 -8.77 5.66
N THR F 72 -9.37 -8.57 6.59
CA THR F 72 -10.01 -7.27 6.75
C THR F 72 -10.38 -7.04 8.21
N LEU F 73 -9.90 -5.94 8.77
CA LEU F 73 -10.35 -5.44 10.06
C LEU F 73 -11.36 -4.33 9.84
N THR F 74 -12.54 -4.47 10.43
CA THR F 74 -13.62 -3.51 10.26
C THR F 74 -14.04 -2.96 11.60
N ILE F 75 -14.08 -1.63 11.72
CA ILE F 75 -14.65 -0.95 12.86
C ILE F 75 -15.99 -0.39 12.42
N SER F 76 -17.09 -1.03 12.86
CA SER F 76 -18.41 -0.72 12.32
C SER F 76 -18.80 0.72 12.59
N SER F 77 -18.42 1.25 13.74
CA SER F 77 -18.75 2.62 14.12
C SER F 77 -17.63 3.16 14.98
N LEU F 78 -16.82 4.07 14.42
CA LEU F 78 -15.62 4.53 15.12
C LEU F 78 -16.00 5.30 16.37
N GLN F 79 -15.16 5.16 17.40
CA GLN F 79 -15.34 5.79 18.69
C GLN F 79 -14.06 6.52 19.07
N PRO F 80 -14.15 7.51 19.97
CA PRO F 80 -12.95 8.32 20.30
C PRO F 80 -11.79 7.50 20.86
N ASP F 81 -12.08 6.37 21.51
CA ASP F 81 -11.04 5.48 22.01
C ASP F 81 -10.29 4.76 20.90
N ASP F 82 -10.90 4.63 19.72
CA ASP F 82 -10.35 3.78 18.67
C ASP F 82 -9.27 4.45 17.84
N PHE F 83 -9.01 5.75 18.05
CA PHE F 83 -7.96 6.42 17.29
C PHE F 83 -6.60 5.95 17.76
N ALA F 84 -5.94 5.14 16.95
CA ALA F 84 -4.63 4.57 17.29
C ALA F 84 -4.04 3.97 16.02
N THR F 85 -2.99 3.17 16.18
CA THR F 85 -2.36 2.44 15.09
C THR F 85 -2.67 0.96 15.21
N TYR F 86 -2.97 0.32 14.09
CA TYR F 86 -3.42 -1.06 14.06
C TYR F 86 -2.46 -1.91 13.24
N TYR F 87 -2.02 -3.03 13.81
CA TYR F 87 -1.10 -3.95 13.16
C TYR F 87 -1.76 -5.31 12.98
N CYS F 88 -1.52 -5.93 11.83
CA CYS F 88 -1.90 -7.32 11.61
C CYS F 88 -0.67 -8.21 11.72
N GLN F 89 -0.90 -9.45 12.13
CA GLN F 89 0.19 -10.37 12.39
C GLN F 89 -0.22 -11.77 11.99
N GLN F 90 0.66 -12.48 11.29
CA GLN F 90 0.47 -13.89 10.98
C GLN F 90 1.36 -14.72 11.91
N TYR F 91 0.83 -15.84 12.37
CA TYR F 91 1.59 -16.79 13.17
C TYR F 91 1.49 -18.18 12.59
N ASN F 92 1.61 -18.28 11.26
CA ASN F 92 1.59 -19.55 10.55
C ASN F 92 2.99 -20.03 10.17
N ASN F 93 3.87 -19.13 9.72
CA ASN F 93 5.26 -19.44 9.41
C ASN F 93 6.10 -18.42 10.17
N TYR F 94 6.57 -18.81 11.35
CA TYR F 94 7.21 -17.90 12.31
C TYR F 94 6.21 -16.78 12.62
N TRP F 95 6.69 -15.57 12.90
CA TRP F 95 5.82 -14.48 13.30
C TRP F 95 6.29 -13.20 12.63
N THR F 96 5.44 -12.64 11.77
CA THR F 96 5.70 -11.39 11.09
C THR F 96 4.49 -10.47 11.23
N PHE F 97 4.73 -9.17 11.11
CA PHE F 97 3.71 -8.16 11.31
C PHE F 97 3.56 -7.29 10.06
N GLY F 98 2.41 -6.65 9.95
CA GLY F 98 2.22 -5.61 8.96
C GLY F 98 2.87 -4.31 9.41
N GLN F 99 3.02 -3.38 8.45
CA GLN F 99 3.67 -2.11 8.78
C GLN F 99 2.77 -1.21 9.61
N GLY F 100 1.48 -1.45 9.63
CA GLY F 100 0.59 -0.73 10.51
C GLY F 100 -0.28 0.28 9.78
N THR F 101 -1.46 0.53 10.32
CA THR F 101 -2.39 1.53 9.80
C THR F 101 -2.73 2.50 10.93
N LYS F 102 -2.47 3.78 10.71
CA LYS F 102 -2.76 4.82 11.69
C LYS F 102 -4.11 5.44 11.38
N VAL F 103 -5.02 5.40 12.35
CA VAL F 103 -6.34 5.99 12.22
C VAL F 103 -6.31 7.36 12.87
N GLU F 104 -6.42 8.39 12.04
CA GLU F 104 -6.30 9.79 12.44
C GLU F 104 -7.67 10.44 12.58
N ILE F 105 -7.76 11.45 13.42
CA ILE F 105 -9.00 12.19 13.62
C ILE F 105 -9.15 13.21 12.50
N LYS F 106 -10.33 13.24 11.88
CA LYS F 106 -10.62 14.19 10.81
C LYS F 106 -11.23 15.47 11.38
N ARG F 107 -10.86 16.60 10.78
CA ARG F 107 -11.45 17.89 11.12
C ARG F 107 -11.45 18.76 9.87
N THR F 108 -11.98 19.96 10.00
CA THR F 108 -12.02 20.90 8.89
C THR F 108 -10.62 21.40 8.55
N VAL F 109 -10.44 21.82 7.30
CA VAL F 109 -9.14 22.28 6.85
C VAL F 109 -8.73 23.54 7.60
N ALA F 110 -7.47 23.58 8.03
CA ALA F 110 -6.91 24.75 8.71
C ALA F 110 -5.52 25.01 8.15
N ALA F 111 -5.32 26.21 7.59
CA ALA F 111 -4.03 26.55 7.02
C ALA F 111 -3.01 26.83 8.13
N PRO F 112 -1.73 26.54 7.88
CA PRO F 112 -0.71 26.78 8.90
C PRO F 112 -0.30 28.24 8.99
N SER F 113 0.13 28.62 10.18
CA SER F 113 0.73 29.92 10.43
C SER F 113 2.24 29.75 10.41
N VAL F 114 2.91 30.41 9.46
CA VAL F 114 4.32 30.19 9.20
C VAL F 114 5.15 31.25 9.89
N PHE F 115 6.26 30.83 10.49
CA PHE F 115 7.20 31.73 11.15
C PHE F 115 8.62 31.27 10.83
N ILE F 116 9.47 32.20 10.43
CA ILE F 116 10.86 31.91 10.10
C ILE F 116 11.77 32.56 11.13
N PHE F 117 12.81 31.84 11.54
CA PHE F 117 13.72 32.30 12.57
C PHE F 117 15.14 32.34 12.05
N PRO F 118 15.77 33.51 11.93
CA PRO F 118 17.18 33.57 11.54
C PRO F 118 18.06 32.95 12.62
N PRO F 119 19.27 32.52 12.27
CA PRO F 119 20.15 31.90 13.28
C PRO F 119 20.56 32.91 14.33
N SER F 120 20.60 32.46 15.58
CA SER F 120 20.94 33.33 16.70
C SER F 120 22.39 33.78 16.60
N ASP F 121 22.66 34.96 17.18
CA ASP F 121 24.04 35.44 17.25
C ASP F 121 24.91 34.53 18.10
N GLU F 122 24.31 33.86 19.09
CA GLU F 122 25.08 32.97 19.97
C GLU F 122 25.59 31.76 19.20
N GLN F 123 24.75 31.18 18.34
CA GLN F 123 25.18 30.02 17.56
C GLN F 123 26.22 30.39 16.51
N LEU F 124 26.11 31.58 15.92
CA LEU F 124 27.05 31.99 14.89
C LEU F 124 28.46 32.12 15.44
N LYS F 125 28.61 32.36 16.75
CA LYS F 125 29.92 32.42 17.36
C LYS F 125 30.64 31.07 17.34
N SER F 126 29.90 29.97 17.19
CA SER F 126 30.48 28.64 17.18
C SER F 126 30.99 28.23 15.81
N GLY F 127 30.35 28.70 14.74
CA GLY F 127 30.74 28.37 13.38
C GLY F 127 29.63 27.79 12.53
N THR F 128 28.60 27.23 13.14
CA THR F 128 27.45 26.69 12.41
C THR F 128 26.27 27.63 12.52
N ALA F 129 25.26 27.39 11.68
CA ALA F 129 24.08 28.24 11.65
C ALA F 129 22.87 27.39 11.28
N SER F 130 21.80 27.51 12.08
CA SER F 130 20.56 26.78 11.85
C SER F 130 19.42 27.77 11.67
N VAL F 131 18.62 27.57 10.62
CA VAL F 131 17.48 28.42 10.32
C VAL F 131 16.21 27.59 10.52
N VAL F 132 15.37 28.02 11.44
CA VAL F 132 14.15 27.30 11.81
C VAL F 132 12.95 27.97 11.14
N CYS F 133 12.07 27.16 10.56
CA CYS F 133 10.82 27.60 9.98
C CYS F 133 9.69 26.77 10.58
N LEU F 134 8.70 27.45 11.15
CA LEU F 134 7.66 26.81 11.96
C LEU F 134 6.32 26.85 11.24
N LEU F 135 5.63 25.72 11.23
CA LEU F 135 4.25 25.60 10.77
C LEU F 135 3.39 25.22 11.97
N ASN F 136 2.49 26.11 12.37
CA ASN F 136 1.79 25.98 13.64
C ASN F 136 0.29 25.73 13.40
N ASN F 137 -0.23 24.65 13.99
CA ASN F 137 -1.65 24.36 14.04
C ASN F 137 -2.29 24.32 12.66
N PHE F 138 -2.18 23.19 11.97
CA PHE F 138 -2.74 23.04 10.64
C PHE F 138 -3.32 21.65 10.46
N TYR F 139 -4.13 21.50 9.41
CA TYR F 139 -4.74 20.22 9.05
C TYR F 139 -5.14 20.30 7.58
N PRO F 140 -4.94 19.24 6.80
CA PRO F 140 -4.33 17.95 7.16
C PRO F 140 -2.82 18.01 7.34
N ARG F 141 -2.20 16.85 7.60
CA ARG F 141 -0.77 16.83 7.90
C ARG F 141 0.07 17.08 6.65
N GLU F 142 -0.40 16.64 5.49
CA GLU F 142 0.36 16.74 4.24
C GLU F 142 0.77 18.18 3.97
N ALA F 143 2.07 18.46 4.06
CA ALA F 143 2.61 19.80 3.82
C ALA F 143 3.97 19.68 3.17
N LYS F 144 4.31 20.67 2.35
CA LYS F 144 5.58 20.72 1.64
C LYS F 144 6.30 22.00 2.03
N VAL F 145 7.50 21.86 2.60
CA VAL F 145 8.32 22.99 3.03
C VAL F 145 9.62 22.95 2.24
N GLN F 146 9.87 24.01 1.47
CA GLN F 146 11.06 24.10 0.63
C GLN F 146 11.88 25.32 1.03
N TRP F 147 13.19 25.13 1.15
CA TRP F 147 14.10 26.22 1.47
C TRP F 147 14.71 26.79 0.19
N LYS F 148 14.78 28.11 0.12
CA LYS F 148 15.40 28.81 -1.01
C LYS F 148 16.36 29.86 -0.46
N VAL F 149 17.65 29.63 -0.64
CA VAL F 149 18.70 30.55 -0.20
C VAL F 149 19.06 31.42 -1.40
N ASP F 150 18.74 32.71 -1.30
CA ASP F 150 18.90 33.65 -2.42
C ASP F 150 18.21 33.13 -3.67
N ASN F 151 17.00 32.60 -3.48
CA ASN F 151 16.17 32.06 -4.56
C ASN F 151 16.84 30.86 -5.23
N ALA F 152 17.59 30.07 -4.46
CA ALA F 152 18.17 28.82 -4.92
C ALA F 152 17.58 27.69 -4.11
N LEU F 153 16.89 26.77 -4.78
CA LEU F 153 16.16 25.70 -4.09
C LEU F 153 17.13 24.79 -3.36
N GLN F 154 16.99 24.70 -2.04
CA GLN F 154 17.85 23.89 -1.21
C GLN F 154 17.33 22.46 -1.12
N SER F 155 18.26 21.51 -1.02
CA SER F 155 17.90 20.11 -0.85
C SER F 155 19.06 19.38 -0.18
N GLY F 156 18.75 18.65 0.88
CA GLY F 156 19.72 17.87 1.61
C GLY F 156 20.15 18.46 2.94
N ASN F 157 19.90 19.74 3.17
CA ASN F 157 20.38 20.43 4.37
C ASN F 157 19.31 20.59 5.44
N SER F 158 18.07 20.24 5.17
CA SER F 158 16.97 20.48 6.09
C SER F 158 16.48 19.18 6.71
N GLN F 159 15.86 19.32 7.88
CA GLN F 159 15.25 18.20 8.59
C GLN F 159 13.94 18.66 9.22
N GLU F 160 12.88 17.89 9.02
CA GLU F 160 11.56 18.22 9.52
C GLU F 160 11.22 17.39 10.76
N SER F 161 10.29 17.91 11.56
CA SER F 161 9.78 17.22 12.73
C SER F 161 8.33 17.65 12.93
N VAL F 162 7.45 16.69 13.20
CA VAL F 162 6.03 16.95 13.29
C VAL F 162 5.52 16.45 14.64
N THR F 163 4.52 17.13 15.17
CA THR F 163 3.91 16.75 16.45
C THR F 163 2.74 15.79 16.22
N GLU F 164 2.39 15.08 17.28
CA GLU F 164 1.17 14.29 17.26
C GLU F 164 -0.04 15.21 17.25
N GLN F 165 -1.18 14.65 16.84
CA GLN F 165 -2.40 15.45 16.72
C GLN F 165 -2.78 16.04 18.08
N ASP F 166 -3.17 17.31 18.06
CA ASP F 166 -3.48 18.01 19.29
C ASP F 166 -4.70 17.42 19.96
N SER F 167 -4.63 17.27 21.29
CA SER F 167 -5.74 16.68 22.03
C SER F 167 -6.98 17.56 21.97
N LYS F 168 -6.81 18.87 21.77
CA LYS F 168 -7.93 19.81 21.80
C LYS F 168 -8.54 20.01 20.41
N ASP F 169 -7.74 20.50 19.45
CA ASP F 169 -8.25 20.85 18.13
C ASP F 169 -7.85 19.87 17.03
N SER F 170 -7.10 18.82 17.37
CA SER F 170 -6.74 17.76 16.41
C SER F 170 -5.96 18.32 15.21
N THR F 171 -5.01 19.21 15.49
CA THR F 171 -4.18 19.80 14.45
C THR F 171 -2.72 19.39 14.64
N TYR F 172 -1.92 19.65 13.61
CA TYR F 172 -0.51 19.29 13.59
C TYR F 172 0.35 20.54 13.64
N SER F 173 1.63 20.34 13.93
CA SER F 173 2.62 21.40 13.89
C SER F 173 3.95 20.82 13.44
N LEU F 174 4.62 21.53 12.53
CA LEU F 174 5.83 21.03 11.89
C LEU F 174 6.93 22.08 11.97
N SER F 175 8.18 21.62 12.01
CA SER F 175 9.34 22.49 12.06
C SER F 175 10.40 21.96 11.13
N SER F 176 10.76 22.75 10.11
CA SER F 176 11.84 22.40 9.20
C SER F 176 13.06 23.26 9.53
N THR F 177 14.21 22.60 9.71
CA THR F 177 15.42 23.26 10.19
C THR F 177 16.52 23.12 9.13
N LEU F 178 16.81 24.22 8.45
CA LEU F 178 17.92 24.25 7.50
C LEU F 178 19.21 24.59 8.23
N THR F 179 20.24 23.76 8.04
CA THR F 179 21.52 23.93 8.71
C THR F 179 22.61 24.11 7.67
N LEU F 180 23.26 25.28 7.69
CA LEU F 180 24.37 25.58 6.81
C LEU F 180 25.58 25.99 7.64
N SER F 181 26.70 26.20 6.96
CA SER F 181 27.89 26.72 7.62
C SER F 181 27.87 28.25 7.59
N LYS F 182 28.61 28.85 8.52
CA LYS F 182 28.69 30.31 8.57
C LYS F 182 29.27 30.87 7.28
N ALA F 183 30.19 30.14 6.64
CA ALA F 183 30.76 30.60 5.38
C ALA F 183 29.68 30.80 4.32
N ASP F 184 28.82 29.79 4.13
CA ASP F 184 27.74 29.92 3.17
C ASP F 184 26.70 30.94 3.63
N TYR F 185 26.49 31.06 4.94
CA TYR F 185 25.46 31.96 5.44
C TYR F 185 25.87 33.43 5.25
N GLU F 186 27.12 33.77 5.55
CA GLU F 186 27.56 35.15 5.44
C GLU F 186 27.71 35.60 4.00
N LYS F 187 27.72 34.69 3.03
CA LYS F 187 27.90 35.05 1.64
C LYS F 187 26.58 35.33 0.93
N HIS F 188 25.46 34.81 1.43
CA HIS F 188 24.16 35.02 0.83
C HIS F 188 23.34 36.02 1.63
N LYS F 189 22.29 36.54 1.01
CA LYS F 189 21.51 37.64 1.55
C LYS F 189 20.10 37.23 1.97
N VAL F 190 19.37 36.53 1.11
CA VAL F 190 17.95 36.25 1.30
C VAL F 190 17.76 34.78 1.60
N TYR F 191 17.04 34.48 2.69
CA TYR F 191 16.71 33.12 3.09
C TYR F 191 15.20 33.04 3.27
N ALA F 192 14.59 32.00 2.72
CA ALA F 192 13.13 31.96 2.64
C ALA F 192 12.61 30.56 2.92
N CYS F 193 11.44 30.51 3.53
CA CYS F 193 10.67 29.29 3.72
C CYS F 193 9.42 29.38 2.86
N GLU F 194 9.23 28.39 1.98
CA GLU F 194 8.08 28.34 1.09
C GLU F 194 7.19 27.18 1.50
N VAL F 195 5.98 27.48 1.97
CA VAL F 195 5.06 26.50 2.52
C VAL F 195 3.94 26.27 1.51
N THR F 196 3.77 25.01 1.11
CA THR F 196 2.64 24.59 0.30
C THR F 196 1.72 23.74 1.17
N HIS F 197 0.44 24.11 1.19
CA HIS F 197 -0.54 23.38 2.00
C HIS F 197 -1.89 23.44 1.32
N GLN F 198 -2.75 22.48 1.68
CA GLN F 198 -4.08 22.41 1.08
C GLN F 198 -4.90 23.65 1.42
N GLY F 199 -4.72 24.19 2.63
CA GLY F 199 -5.46 25.36 3.04
C GLY F 199 -4.97 26.68 2.51
N LEU F 200 -3.87 26.69 1.75
CA LEU F 200 -3.28 27.91 1.22
C LEU F 200 -3.67 28.09 -0.24
N SER F 201 -4.14 29.29 -0.58
CA SER F 201 -4.51 29.60 -1.96
C SER F 201 -3.35 29.34 -2.91
N SER F 202 -2.26 30.08 -2.72
CA SER F 202 -1.00 29.89 -3.42
C SER F 202 0.09 29.64 -2.39
N PRO F 203 1.24 29.09 -2.79
CA PRO F 203 2.33 28.86 -1.84
C PRO F 203 2.72 30.14 -1.09
N VAL F 204 3.02 29.97 0.20
CA VAL F 204 3.33 31.08 1.11
C VAL F 204 4.83 31.12 1.34
N THR F 205 5.42 32.30 1.21
CA THR F 205 6.84 32.49 1.42
C THR F 205 7.07 33.42 2.61
N LYS F 206 7.87 32.97 3.57
CA LYS F 206 8.35 33.77 4.68
C LYS F 206 9.87 33.87 4.56
N SER F 207 10.39 35.10 4.62
CA SER F 207 11.81 35.31 4.35
C SER F 207 12.36 36.41 5.26
N PHE F 208 13.67 36.60 5.18
CA PHE F 208 14.36 37.64 5.92
C PHE F 208 15.68 37.93 5.23
N ASN F 209 16.12 39.19 5.32
CA ASN F 209 17.44 39.58 4.85
C ASN F 209 18.42 39.54 6.01
N ARG F 210 19.59 38.96 5.77
CA ARG F 210 20.59 38.80 6.82
C ARG F 210 21.05 40.16 7.31
N GLY F 211 20.80 40.44 8.59
CA GLY F 211 21.24 41.67 9.21
C GLY F 211 20.16 42.73 9.31
N GLU F 212 19.05 42.39 9.97
CA GLU F 212 17.96 43.34 10.15
C GLU F 212 17.48 43.34 11.59
N GLN G 1 23.61 -36.31 2.02
CA GLN G 1 23.40 -37.75 1.93
C GLN G 1 22.10 -38.17 2.61
N VAL G 2 20.98 -37.60 2.18
CA VAL G 2 19.69 -37.90 2.80
C VAL G 2 19.22 -39.27 2.31
N GLN G 3 18.97 -40.17 3.25
CA GLN G 3 18.80 -41.58 2.92
C GLN G 3 18.01 -42.29 4.00
N LEU G 4 17.30 -43.34 3.61
CA LEU G 4 16.62 -44.24 4.52
C LEU G 4 16.96 -45.67 4.13
N VAL G 5 17.33 -46.49 5.11
CA VAL G 5 17.81 -47.85 4.89
C VAL G 5 17.06 -48.77 5.83
N GLU G 6 16.09 -49.51 5.29
CA GLU G 6 15.40 -50.53 6.07
C GLU G 6 16.24 -51.80 6.11
N SER G 7 16.06 -52.57 7.18
CA SER G 7 16.76 -53.84 7.35
C SER G 7 16.05 -54.65 8.41
N GLY G 8 16.43 -55.92 8.53
CA GLY G 8 15.85 -56.81 9.51
C GLY G 8 14.72 -57.68 9.01
N GLY G 9 14.35 -57.58 7.73
CA GLY G 9 13.32 -58.43 7.20
C GLY G 9 13.83 -59.82 6.85
N GLY G 10 12.91 -60.76 6.75
CA GLY G 10 13.27 -62.13 6.44
C GLY G 10 12.07 -63.02 6.31
N VAL G 11 12.29 -64.31 6.47
CA VAL G 11 11.26 -65.33 6.33
C VAL G 11 10.91 -65.85 7.73
N VAL G 12 9.62 -65.86 8.05
CA VAL G 12 9.12 -66.36 9.32
C VAL G 12 7.82 -67.11 9.08
N GLN G 13 7.44 -67.91 10.07
CA GLN G 13 6.18 -68.64 10.03
C GLN G 13 5.12 -67.91 10.83
N PRO G 14 3.84 -68.20 10.59
CA PRO G 14 2.78 -67.47 11.31
C PRO G 14 2.91 -67.62 12.82
N GLY G 15 2.53 -66.55 13.52
CA GLY G 15 2.60 -66.50 14.96
C GLY G 15 3.89 -65.94 15.53
N ARG G 16 4.99 -66.01 14.78
CA ARG G 16 6.26 -65.51 15.26
C ARG G 16 6.30 -63.99 15.17
N SER G 17 7.35 -63.41 15.76
CA SER G 17 7.51 -61.96 15.84
C SER G 17 8.81 -61.54 15.17
N LEU G 18 8.83 -60.29 14.71
CA LEU G 18 9.99 -59.72 14.04
C LEU G 18 10.11 -58.25 14.41
N ARG G 19 11.33 -57.73 14.30
CA ARG G 19 11.62 -56.33 14.57
C ARG G 19 12.39 -55.75 13.40
N LEU G 20 11.83 -54.73 12.77
CA LEU G 20 12.46 -54.07 11.63
C LEU G 20 13.09 -52.75 12.07
N SER G 21 14.21 -52.40 11.44
CA SER G 21 14.92 -51.18 11.73
C SER G 21 15.17 -50.41 10.44
N CYS G 22 15.02 -49.09 10.51
CA CYS G 22 15.17 -48.21 9.36
C CYS G 22 16.08 -47.05 9.79
N ALA G 23 17.28 -47.00 9.22
CA ALA G 23 18.34 -46.10 9.67
C ALA G 23 18.37 -44.86 8.78
N ALA G 24 18.22 -43.69 9.40
CA ALA G 24 18.21 -42.42 8.70
C ALA G 24 19.59 -41.77 8.74
N SER G 25 19.90 -41.00 7.71
CA SER G 25 21.17 -40.30 7.63
C SER G 25 21.04 -39.14 6.65
N GLY G 26 21.92 -38.15 6.80
CA GLY G 26 21.94 -37.00 5.93
C GLY G 26 21.00 -35.88 6.31
N PHE G 27 20.02 -36.13 7.18
CA PHE G 27 19.13 -35.08 7.66
C PHE G 27 18.98 -35.18 9.16
N THR G 28 18.10 -34.38 9.74
CA THR G 28 17.89 -34.36 11.20
C THR G 28 16.70 -35.25 11.50
N PHE G 29 16.98 -36.53 11.79
CA PHE G 29 15.92 -37.49 12.07
C PHE G 29 15.09 -37.08 13.28
N SER G 30 15.68 -36.30 14.20
CA SER G 30 14.99 -35.91 15.42
C SER G 30 13.89 -34.88 15.19
N ASN G 31 13.75 -34.36 13.97
CA ASN G 31 12.78 -33.31 13.68
C ASN G 31 11.61 -33.77 12.82
N TYR G 32 11.69 -34.95 12.21
CA TYR G 32 10.66 -35.43 11.29
C TYR G 32 9.86 -36.57 11.90
N GLY G 33 8.55 -36.52 11.72
CA GLY G 33 7.73 -37.68 12.00
C GLY G 33 7.86 -38.72 10.89
N MET G 34 7.73 -39.98 11.27
CA MET G 34 8.00 -41.09 10.36
C MET G 34 6.78 -41.98 10.20
N HIS G 35 6.74 -42.69 9.08
CA HIS G 35 5.67 -43.62 8.76
C HIS G 35 6.26 -44.98 8.40
N TRP G 36 5.44 -46.01 8.52
CA TRP G 36 5.73 -47.32 7.97
C TRP G 36 4.68 -47.63 6.91
N VAL G 37 5.13 -48.02 5.73
CA VAL G 37 4.25 -48.35 4.62
C VAL G 37 4.69 -49.69 4.04
N ARG G 38 3.74 -50.61 3.89
CA ARG G 38 4.01 -51.92 3.33
C ARG G 38 3.32 -52.07 1.97
N GLN G 39 3.88 -52.95 1.15
CA GLN G 39 3.35 -53.21 -0.19
C GLN G 39 3.43 -54.71 -0.44
N ALA G 40 2.28 -55.38 -0.41
CA ALA G 40 2.22 -56.81 -0.65
C ALA G 40 2.68 -57.12 -2.08
N PRO G 41 3.20 -58.33 -2.32
CA PRO G 41 3.69 -58.69 -3.66
C PRO G 41 2.64 -58.52 -4.75
N GLY G 42 2.87 -57.58 -5.65
CA GLY G 42 1.99 -57.38 -6.78
C GLY G 42 0.69 -56.67 -6.47
N LYS G 43 0.65 -55.86 -5.41
CA LYS G 43 -0.55 -55.14 -5.01
C LYS G 43 -0.21 -53.66 -4.82
N GLY G 44 -1.22 -52.89 -4.43
CA GLY G 44 -1.06 -51.46 -4.22
C GLY G 44 -0.29 -51.14 -2.95
N LEU G 45 -0.48 -49.92 -2.47
CA LEU G 45 0.17 -49.43 -1.27
C LEU G 45 -0.81 -49.37 -0.12
N GLU G 46 -0.35 -49.79 1.06
CA GLU G 46 -1.15 -49.80 2.27
C GLU G 46 -0.35 -49.15 3.40
N TRP G 47 -1.01 -48.29 4.16
CA TRP G 47 -0.36 -47.59 5.26
C TRP G 47 -0.43 -48.42 6.53
N VAL G 48 0.63 -48.34 7.34
CA VAL G 48 0.78 -49.17 8.54
C VAL G 48 0.71 -48.33 9.81
N ALA G 49 1.66 -47.42 10.01
CA ALA G 49 1.74 -46.71 11.28
C ALA G 49 2.46 -45.39 11.10
N VAL G 50 2.30 -44.51 12.09
CA VAL G 50 2.95 -43.20 12.14
C VAL G 50 3.38 -42.93 13.58
N ILE G 51 4.52 -42.25 13.72
CA ILE G 51 5.03 -41.84 15.03
C ILE G 51 5.49 -40.39 14.93
N TRP G 52 5.26 -39.64 16.01
CA TRP G 52 5.63 -38.23 16.05
C TRP G 52 7.14 -38.07 16.11
N TYR G 53 7.58 -36.82 15.98
CA TYR G 53 9.01 -36.54 16.02
C TYR G 53 9.62 -36.86 17.38
N ASP G 54 8.82 -36.74 18.45
CA ASP G 54 9.28 -37.05 19.80
C ASP G 54 8.65 -38.34 20.33
N GLY G 55 7.97 -39.10 19.48
CA GLY G 55 7.37 -40.37 19.89
C GLY G 55 6.23 -40.21 20.88
N SER G 56 5.73 -38.99 21.03
CA SER G 56 4.65 -38.73 21.98
C SER G 56 3.31 -39.25 21.50
N LYS G 57 3.13 -39.42 20.19
CA LYS G 57 1.85 -39.87 19.65
C LYS G 57 2.10 -40.98 18.63
N LYS G 58 1.24 -42.01 18.67
CA LYS G 58 1.32 -43.13 17.76
C LYS G 58 -0.08 -43.48 17.29
N TYR G 59 -0.21 -43.72 15.98
CA TYR G 59 -1.47 -44.14 15.37
C TYR G 59 -1.19 -45.29 14.42
N TYR G 60 -2.09 -46.26 14.40
CA TYR G 60 -1.90 -47.47 13.62
C TYR G 60 -3.10 -47.72 12.72
N ALA G 61 -2.86 -48.43 11.63
CA ALA G 61 -3.95 -48.89 10.78
C ALA G 61 -4.74 -49.98 11.49
N ASP G 62 -6.04 -50.05 11.19
CA ASP G 62 -6.92 -51.01 11.85
C ASP G 62 -6.49 -52.45 11.60
N SER G 63 -5.77 -52.71 10.52
CA SER G 63 -5.39 -54.07 10.16
C SER G 63 -4.17 -54.57 10.93
N VAL G 64 -3.57 -53.74 11.78
CA VAL G 64 -2.37 -54.15 12.51
C VAL G 64 -2.47 -53.68 13.97
N LYS G 65 -3.57 -53.02 14.30
CA LYS G 65 -3.71 -52.46 15.65
C LYS G 65 -3.72 -53.56 16.70
N GLY G 66 -2.95 -53.35 17.77
CA GLY G 66 -2.76 -54.35 18.80
C GLY G 66 -1.65 -55.34 18.48
N ARG G 67 -1.38 -55.58 17.20
CA ARG G 67 -0.34 -56.52 16.80
C ARG G 67 0.98 -55.83 16.51
N PHE G 68 0.95 -54.63 15.94
CA PHE G 68 2.16 -53.89 15.60
C PHE G 68 2.43 -52.79 16.62
N THR G 69 3.71 -52.44 16.75
CA THR G 69 4.14 -51.39 17.67
C THR G 69 5.28 -50.62 17.03
N ILE G 70 5.07 -49.32 16.83
CA ILE G 70 6.07 -48.44 16.22
C ILE G 70 6.85 -47.76 17.32
N SER G 71 8.12 -47.47 17.03
CA SER G 71 9.02 -46.88 18.02
C SER G 71 10.18 -46.23 17.28
N ARG G 72 10.94 -45.41 18.01
CA ARG G 72 12.04 -44.68 17.40
C ARG G 72 13.11 -44.37 18.44
N ASP G 73 14.34 -44.21 17.94
CA ASP G 73 15.51 -43.86 18.75
C ASP G 73 16.11 -42.59 18.16
N ASN G 74 15.76 -41.44 18.73
CA ASN G 74 16.21 -40.16 18.19
C ASN G 74 17.69 -39.91 18.42
N SER G 75 18.35 -40.70 19.26
CA SER G 75 19.79 -40.53 19.49
C SER G 75 20.65 -41.36 18.56
N LYS G 76 20.08 -42.38 17.91
CA LYS G 76 20.77 -43.18 16.91
C LYS G 76 20.18 -43.01 15.52
N ASN G 77 19.20 -42.12 15.36
CA ASN G 77 18.53 -41.86 14.09
C ASN G 77 18.03 -43.16 13.46
N THR G 78 17.15 -43.83 14.20
CA THR G 78 16.64 -45.13 13.78
C THR G 78 15.16 -45.26 14.13
N LEU G 79 14.37 -45.70 13.15
CA LEU G 79 12.97 -46.02 13.35
C LEU G 79 12.81 -47.54 13.44
N TYR G 80 11.87 -47.97 14.29
CA TYR G 80 11.65 -49.39 14.52
C TYR G 80 10.20 -49.75 14.24
N LEU G 81 9.94 -51.05 14.12
CA LEU G 81 8.59 -51.57 13.92
C LEU G 81 8.55 -52.98 14.50
N GLN G 82 7.84 -53.14 15.62
CA GLN G 82 7.69 -54.44 16.26
C GLN G 82 6.44 -55.12 15.71
N MET G 83 6.61 -56.30 15.13
CA MET G 83 5.54 -57.03 14.46
C MET G 83 5.28 -58.32 15.24
N ASN G 84 4.19 -58.33 16.01
CA ASN G 84 3.79 -59.48 16.81
C ASN G 84 2.60 -60.19 16.18
N SER G 85 2.53 -61.50 16.39
CA SER G 85 1.45 -62.35 15.89
C SER G 85 1.28 -62.17 14.38
N LEU G 86 2.36 -62.44 13.66
CA LEU G 86 2.39 -62.23 12.22
C LEU G 86 1.45 -63.17 11.50
N ARG G 87 0.86 -62.69 10.41
CA ARG G 87 -0.05 -63.44 9.58
C ARG G 87 0.48 -63.49 8.14
N ALA G 88 -0.11 -64.36 7.34
CA ALA G 88 0.32 -64.50 5.95
C ALA G 88 0.06 -63.22 5.15
N GLU G 89 -1.07 -62.57 5.40
CA GLU G 89 -1.38 -61.34 4.67
C GLU G 89 -0.45 -60.20 5.05
N ASP G 90 0.29 -60.32 6.14
CA ASP G 90 1.31 -59.33 6.48
C ASP G 90 2.54 -59.42 5.57
N THR G 91 2.62 -60.45 4.74
CA THR G 91 3.75 -60.58 3.82
C THR G 91 3.78 -59.41 2.84
N ALA G 92 4.87 -58.65 2.87
CA ALA G 92 5.00 -57.46 2.05
C ALA G 92 6.44 -56.95 2.18
N VAL G 93 6.77 -55.99 1.33
CA VAL G 93 7.98 -55.19 1.52
C VAL G 93 7.59 -53.96 2.33
N TYR G 94 8.41 -53.63 3.32
CA TYR G 94 8.09 -52.59 4.29
C TYR G 94 9.00 -51.38 4.06
N TYR G 95 8.38 -50.24 3.74
CA TYR G 95 9.08 -48.99 3.52
C TYR G 95 8.87 -48.07 4.72
N CYS G 96 9.90 -47.30 5.06
CA CYS G 96 9.78 -46.20 6.01
C CYS G 96 9.82 -44.89 5.24
N ALA G 97 8.89 -43.98 5.55
CA ALA G 97 8.74 -42.74 4.83
C ALA G 97 8.82 -41.56 5.79
N ARG G 98 9.27 -40.42 5.27
CA ARG G 98 9.45 -39.20 6.03
C ARG G 98 8.39 -38.19 5.65
N VAL G 99 7.73 -37.61 6.65
CA VAL G 99 6.75 -36.55 6.40
C VAL G 99 7.48 -35.28 5.98
N ARG G 100 7.06 -34.72 4.85
CA ARG G 100 7.63 -33.47 4.38
C ARG G 100 7.45 -32.37 5.43
N ASP G 101 8.46 -31.53 5.58
CA ASP G 101 8.49 -30.57 6.68
C ASP G 101 7.70 -29.32 6.34
N SER G 102 6.80 -28.93 7.24
CA SER G 102 5.99 -27.73 7.08
C SER G 102 5.77 -27.09 8.44
N SER G 103 5.57 -25.77 8.44
CA SER G 103 5.24 -25.04 9.65
C SER G 103 3.74 -25.00 9.92
N ASP G 104 2.94 -25.65 9.09
CA ASP G 104 1.50 -25.61 9.20
C ASP G 104 1.00 -26.60 10.26
N TYR G 105 -0.30 -26.54 10.54
CA TYR G 105 -0.93 -27.40 11.53
C TYR G 105 -1.03 -28.86 11.09
N TYR G 106 -0.98 -29.12 9.78
CA TYR G 106 -1.20 -30.46 9.25
C TYR G 106 0.08 -31.02 8.65
N GLY G 107 0.14 -32.36 8.62
CA GLY G 107 1.25 -33.03 7.97
C GLY G 107 1.10 -33.05 6.46
N ASP G 108 2.20 -33.33 5.79
CA ASP G 108 2.26 -33.31 4.33
C ASP G 108 2.51 -34.73 3.81
N ALA G 109 2.82 -34.81 2.51
CA ALA G 109 3.06 -36.09 1.87
C ALA G 109 4.39 -36.68 2.31
N PHE G 110 4.62 -37.94 1.94
CA PHE G 110 5.84 -38.66 2.28
C PHE G 110 6.88 -38.33 1.22
N ASP G 111 7.86 -37.49 1.57
CA ASP G 111 8.77 -36.96 0.57
C ASP G 111 10.04 -37.79 0.40
N ILE G 112 10.31 -38.74 1.28
CA ILE G 112 11.51 -39.58 1.18
C ILE G 112 11.16 -40.99 1.63
N TRP G 113 11.58 -41.97 0.83
CA TRP G 113 11.32 -43.38 1.11
C TRP G 113 12.64 -44.13 1.17
N GLY G 114 12.60 -45.30 1.83
CA GLY G 114 13.74 -46.19 1.88
C GLY G 114 13.72 -47.19 0.74
N GLN G 115 14.75 -48.03 0.70
CA GLN G 115 14.85 -49.06 -0.32
C GLN G 115 13.96 -50.26 -0.04
N GLY G 116 13.43 -50.38 1.17
CA GLY G 116 12.51 -51.44 1.50
C GLY G 116 13.20 -52.68 2.08
N THR G 117 12.40 -53.49 2.76
CA THR G 117 12.85 -54.77 3.30
C THR G 117 11.71 -55.77 3.19
N MET G 118 12.02 -56.97 2.72
CA MET G 118 11.02 -57.98 2.43
C MET G 118 10.75 -58.86 3.64
N VAL G 119 9.48 -58.95 4.02
CA VAL G 119 9.03 -59.81 5.11
C VAL G 119 8.07 -60.84 4.51
N THR G 120 8.40 -62.12 4.67
CA THR G 120 7.62 -63.22 4.14
C THR G 120 7.14 -64.09 5.28
N VAL G 121 5.82 -64.26 5.39
CA VAL G 121 5.20 -65.07 6.44
C VAL G 121 4.54 -66.27 5.79
N SER G 122 5.10 -67.45 6.00
CA SER G 122 4.56 -68.68 5.45
C SER G 122 4.99 -69.85 6.32
N SER G 123 4.06 -70.77 6.55
CA SER G 123 4.36 -71.96 7.35
C SER G 123 5.28 -72.92 6.62
N ALA G 124 5.40 -72.80 5.30
CA ALA G 124 6.20 -73.73 4.52
C ALA G 124 7.66 -73.68 4.95
N SER G 125 8.27 -74.86 5.08
CA SER G 125 9.68 -74.95 5.41
C SER G 125 10.51 -74.86 4.13
N THR G 126 11.81 -74.63 4.31
CA THR G 126 12.72 -74.47 3.18
C THR G 126 12.78 -75.77 2.37
N LYS G 127 12.71 -75.63 1.05
CA LYS G 127 12.78 -76.77 0.14
C LYS G 127 13.41 -76.34 -1.17
N GLY G 128 14.33 -77.16 -1.67
CA GLY G 128 14.97 -76.90 -2.94
C GLY G 128 14.12 -77.34 -4.11
N PRO G 129 14.35 -76.74 -5.28
CA PRO G 129 13.52 -77.04 -6.45
C PRO G 129 14.02 -78.22 -7.25
N SER G 130 13.06 -78.89 -7.90
CA SER G 130 13.35 -79.86 -8.95
C SER G 130 13.22 -79.17 -10.30
N VAL G 131 14.07 -79.56 -11.23
CA VAL G 131 14.16 -78.90 -12.54
C VAL G 131 13.76 -79.92 -13.60
N PHE G 132 12.67 -79.62 -14.32
CA PHE G 132 12.19 -80.48 -15.39
C PHE G 132 12.38 -79.80 -16.74
N PRO G 133 12.77 -80.55 -17.77
CA PRO G 133 13.04 -79.92 -19.06
C PRO G 133 11.78 -79.76 -19.90
N LEU G 134 11.71 -78.63 -20.60
CA LEU G 134 10.66 -78.36 -21.58
C LEU G 134 11.28 -78.60 -22.95
N ALA G 135 11.01 -79.77 -23.52
CA ALA G 135 11.71 -80.19 -24.74
C ALA G 135 11.04 -79.60 -25.98
N PRO G 136 11.83 -79.20 -26.97
CA PRO G 136 11.26 -78.69 -28.22
C PRO G 136 10.81 -79.82 -29.13
N SER G 137 9.70 -79.58 -29.83
CA SER G 137 9.17 -80.55 -30.78
C SER G 137 9.16 -79.93 -32.18
N SER G 138 9.49 -80.76 -33.16
CA SER G 138 9.47 -80.46 -34.60
C SER G 138 8.70 -79.20 -35.00
N GLY G 144 11.05 -72.41 -38.41
CA GLY G 144 12.46 -72.05 -38.50
C GLY G 144 13.07 -71.75 -37.14
N THR G 145 12.23 -71.49 -36.16
CA THR G 145 12.66 -71.20 -34.79
C THR G 145 11.86 -72.06 -33.83
N ALA G 146 12.55 -72.70 -32.89
CA ALA G 146 11.92 -73.57 -31.91
C ALA G 146 12.18 -73.03 -30.50
N ALA G 147 11.33 -73.44 -29.57
CA ALA G 147 11.40 -72.98 -28.19
C ALA G 147 11.64 -74.15 -27.25
N LEU G 148 12.40 -73.89 -26.19
CA LEU G 148 12.65 -74.87 -25.14
C LEU G 148 12.89 -74.12 -23.84
N GLY G 149 12.89 -74.86 -22.74
CA GLY G 149 13.08 -74.22 -21.45
C GLY G 149 13.18 -75.21 -20.31
N CYS G 150 13.09 -74.67 -19.09
CA CYS G 150 13.20 -75.43 -17.86
C CYS G 150 12.08 -75.06 -16.92
N LEU G 151 11.45 -76.06 -16.31
CA LEU G 151 10.41 -75.86 -15.31
C LEU G 151 11.02 -76.01 -13.92
N VAL G 152 11.04 -74.92 -13.17
CA VAL G 152 11.61 -74.90 -11.82
C VAL G 152 10.42 -74.91 -10.86
N LYS G 153 9.99 -76.12 -10.49
CA LYS G 153 8.75 -76.30 -9.75
C LYS G 153 9.04 -76.65 -8.29
N ASP G 154 8.20 -76.13 -7.39
CA ASP G 154 8.19 -76.49 -5.97
C ASP G 154 9.48 -76.14 -5.25
N TYR G 155 9.63 -74.86 -4.89
CA TYR G 155 10.72 -74.44 -4.03
C TYR G 155 10.22 -73.38 -3.06
N PHE G 156 11.00 -73.15 -2.00
CA PHE G 156 10.68 -72.16 -0.99
C PHE G 156 11.91 -71.92 -0.14
N PRO G 157 12.22 -70.66 0.20
CA PRO G 157 11.49 -69.49 -0.26
C PRO G 157 12.08 -68.90 -1.54
N GLU G 158 11.63 -67.71 -1.90
CA GLU G 158 12.22 -67.01 -3.02
C GLU G 158 13.57 -66.43 -2.62
N PRO G 159 14.47 -66.19 -3.60
CA PRO G 159 14.29 -66.46 -5.02
C PRO G 159 15.19 -67.56 -5.57
N VAL G 160 15.08 -67.80 -6.88
CA VAL G 160 16.04 -68.60 -7.62
C VAL G 160 16.46 -67.79 -8.84
N THR G 161 17.65 -68.10 -9.35
CA THR G 161 18.18 -67.48 -10.55
C THR G 161 18.45 -68.56 -11.58
N VAL G 162 18.08 -68.28 -12.83
CA VAL G 162 18.22 -69.23 -13.94
C VAL G 162 19.05 -68.57 -15.04
N SER G 163 20.09 -69.27 -15.48
CA SER G 163 20.88 -68.87 -16.63
C SER G 163 21.03 -70.06 -17.55
N TRP G 164 21.41 -69.80 -18.80
CA TRP G 164 21.52 -70.82 -19.82
C TRP G 164 22.94 -70.89 -20.34
N ASN G 165 23.48 -72.11 -20.42
CA ASN G 165 24.85 -72.36 -20.88
C ASN G 165 25.86 -71.54 -20.08
N SER G 166 25.60 -71.42 -18.78
CA SER G 166 26.46 -70.66 -17.86
C SER G 166 26.66 -69.23 -18.34
N GLY G 167 25.57 -68.59 -18.78
CA GLY G 167 25.60 -67.22 -19.24
C GLY G 167 25.95 -67.03 -20.70
N ALA G 168 26.33 -68.10 -21.40
CA ALA G 168 26.69 -67.97 -22.81
C ALA G 168 25.48 -67.62 -23.67
N LEU G 169 24.30 -68.11 -23.32
CA LEU G 169 23.08 -67.87 -24.07
C LEU G 169 22.22 -66.88 -23.30
N THR G 170 21.97 -65.72 -23.92
CA THR G 170 21.17 -64.66 -23.28
C THR G 170 20.07 -64.13 -24.17
N SER G 171 20.32 -64.01 -25.48
CA SER G 171 19.33 -63.41 -26.36
C SER G 171 18.14 -64.34 -26.55
N GLY G 172 16.94 -63.79 -26.39
CA GLY G 172 15.72 -64.58 -26.53
C GLY G 172 15.30 -65.32 -25.30
N VAL G 173 15.99 -65.14 -24.17
CA VAL G 173 15.67 -65.84 -22.94
C VAL G 173 14.60 -65.07 -22.19
N HIS G 174 13.59 -65.78 -21.69
CA HIS G 174 12.54 -65.21 -20.86
C HIS G 174 12.40 -66.06 -19.61
N THR G 175 12.82 -65.51 -18.47
CA THR G 175 12.64 -66.16 -17.17
C THR G 175 11.44 -65.51 -16.49
N PHE G 176 10.35 -66.26 -16.40
CA PHE G 176 9.09 -65.69 -15.94
C PHE G 176 9.12 -65.44 -14.44
N PRO G 177 8.36 -64.47 -13.96
CA PRO G 177 8.24 -64.27 -12.50
C PRO G 177 7.62 -65.48 -11.84
N ALA G 178 8.12 -65.82 -10.66
CA ALA G 178 7.62 -66.97 -9.94
C ALA G 178 6.16 -66.78 -9.57
N VAL G 179 5.44 -67.90 -9.44
CA VAL G 179 4.06 -67.90 -9.00
C VAL G 179 3.96 -68.76 -7.75
N LEU G 180 3.12 -68.34 -6.81
CA LEU G 180 2.94 -69.04 -5.54
C LEU G 180 1.82 -70.06 -5.70
N GLN G 181 2.20 -71.34 -5.74
CA GLN G 181 1.21 -72.40 -5.86
C GLN G 181 0.41 -72.53 -4.56
N SER G 182 -0.77 -73.17 -4.68
CA SER G 182 -1.64 -73.34 -3.53
C SER G 182 -1.04 -74.20 -2.44
N SER G 183 0.08 -74.88 -2.71
CA SER G 183 0.77 -75.66 -1.70
C SER G 183 1.68 -74.83 -0.82
N GLY G 184 1.88 -73.55 -1.14
CA GLY G 184 2.83 -72.72 -0.44
C GLY G 184 4.22 -72.72 -1.02
N LEU G 185 4.45 -73.43 -2.12
CA LEU G 185 5.74 -73.48 -2.78
C LEU G 185 5.70 -72.66 -4.08
N TYR G 186 6.86 -72.16 -4.48
CA TYR G 186 6.96 -71.36 -5.69
C TYR G 186 7.30 -72.26 -6.89
N SER G 187 7.07 -71.71 -8.08
CA SER G 187 7.32 -72.43 -9.31
C SER G 187 7.36 -71.45 -10.47
N LEU G 188 8.45 -71.47 -11.23
CA LEU G 188 8.59 -70.60 -12.39
C LEU G 188 9.10 -71.42 -13.57
N SER G 189 9.17 -70.77 -14.72
CA SER G 189 9.72 -71.34 -15.94
C SER G 189 10.71 -70.37 -16.54
N SER G 190 11.68 -70.92 -17.27
CA SER G 190 12.67 -70.12 -17.99
C SER G 190 12.79 -70.68 -19.40
N VAL G 191 12.50 -69.87 -20.41
CA VAL G 191 12.45 -70.31 -21.79
C VAL G 191 13.44 -69.51 -22.61
N VAL G 192 13.78 -70.05 -23.78
CA VAL G 192 14.69 -69.41 -24.72
C VAL G 192 14.36 -69.88 -26.13
N THR G 193 14.29 -68.94 -27.07
CA THR G 193 14.04 -69.25 -28.47
C THR G 193 15.37 -69.40 -29.20
N VAL G 194 15.52 -70.48 -29.94
CA VAL G 194 16.77 -70.78 -30.65
C VAL G 194 16.45 -71.24 -32.06
N PRO G 195 17.40 -71.06 -32.99
CA PRO G 195 17.20 -71.58 -34.35
C PRO G 195 17.05 -73.10 -34.33
N SER G 196 16.00 -73.58 -35.00
CA SER G 196 15.69 -75.00 -35.00
C SER G 196 16.77 -75.82 -35.71
N SER G 197 17.60 -75.19 -36.54
CA SER G 197 18.67 -75.92 -37.20
C SER G 197 19.76 -76.35 -36.22
N SER G 198 19.96 -75.59 -35.15
CA SER G 198 21.01 -75.85 -34.18
C SER G 198 20.57 -76.77 -33.05
N LEU G 199 19.40 -77.42 -33.18
CA LEU G 199 18.94 -78.30 -32.11
C LEU G 199 19.82 -79.52 -31.95
N GLY G 200 20.43 -79.99 -33.04
CA GLY G 200 21.29 -81.16 -32.98
C GLY G 200 22.73 -80.82 -32.70
N THR G 201 23.22 -79.72 -33.29
CA THR G 201 24.62 -79.35 -33.13
C THR G 201 24.90 -78.87 -31.71
N GLN G 202 24.17 -77.86 -31.25
CA GLN G 202 24.42 -77.24 -29.96
C GLN G 202 23.56 -77.89 -28.88
N THR G 203 24.16 -78.07 -27.70
CA THR G 203 23.46 -78.59 -26.54
C THR G 203 23.10 -77.44 -25.61
N TYR G 204 21.92 -77.52 -25.00
CA TYR G 204 21.38 -76.46 -24.16
C TYR G 204 21.18 -76.98 -22.73
N ILE G 205 21.72 -76.24 -21.77
CA ILE G 205 21.62 -76.60 -20.35
C ILE G 205 21.26 -75.35 -19.56
N CYS G 206 20.23 -75.45 -18.73
CA CYS G 206 19.84 -74.37 -17.84
C CYS G 206 20.46 -74.56 -16.47
N ASN G 207 20.77 -73.46 -15.80
CA ASN G 207 21.48 -73.47 -14.52
C ASN G 207 20.61 -72.80 -13.47
N VAL G 208 19.91 -73.61 -12.68
CA VAL G 208 19.07 -73.12 -11.60
C VAL G 208 19.88 -73.09 -10.32
N ASN G 209 19.72 -72.03 -9.54
CA ASN G 209 20.46 -71.85 -8.29
C ASN G 209 19.54 -71.31 -7.23
N HIS G 210 19.36 -72.06 -6.15
CA HIS G 210 18.49 -71.70 -5.02
C HIS G 210 19.37 -71.60 -3.78
N LYS G 211 19.89 -70.39 -3.52
CA LYS G 211 20.84 -70.23 -2.42
C LYS G 211 20.25 -70.51 -1.04
N PRO G 212 19.01 -70.14 -0.71
CA PRO G 212 18.48 -70.48 0.63
C PRO G 212 18.46 -71.97 0.95
N SER G 213 18.65 -72.84 -0.04
CA SER G 213 18.74 -74.28 0.21
C SER G 213 20.04 -74.88 -0.34
N ASN G 214 20.94 -74.05 -0.85
CA ASN G 214 22.23 -74.50 -1.40
C ASN G 214 22.01 -75.56 -2.48
N THR G 215 21.08 -75.27 -3.40
CA THR G 215 20.72 -76.18 -4.48
C THR G 215 21.22 -75.61 -5.80
N LYS G 216 22.05 -76.37 -6.49
CA LYS G 216 22.53 -76.02 -7.83
C LYS G 216 22.27 -77.20 -8.75
N VAL G 217 21.50 -76.97 -9.81
CA VAL G 217 21.08 -78.03 -10.73
C VAL G 217 21.36 -77.58 -12.15
N ASP G 218 21.94 -78.47 -12.95
CA ASP G 218 22.15 -78.26 -14.37
C ASP G 218 21.44 -79.38 -15.13
N LYS G 219 20.42 -79.02 -15.89
CA LYS G 219 19.59 -79.99 -16.60
C LYS G 219 19.81 -79.87 -18.10
N ARG G 220 20.13 -80.99 -18.74
CA ARG G 220 20.25 -81.03 -20.19
C ARG G 220 18.87 -81.03 -20.83
N VAL G 221 18.65 -80.11 -21.77
CA VAL G 221 17.39 -79.99 -22.48
C VAL G 221 17.62 -80.44 -23.92
N GLU G 222 17.14 -81.64 -24.24
CA GLU G 222 17.30 -82.23 -25.57
C GLU G 222 15.95 -82.73 -26.06
N PRO G 223 15.73 -82.72 -27.38
CA PRO G 223 14.43 -83.15 -27.92
C PRO G 223 14.20 -84.63 -27.70
N LYS G 224 13.07 -84.96 -27.08
CA LYS G 224 12.70 -86.34 -26.82
C LYS G 224 11.87 -86.90 -27.97
N ASP H 1 -13.30 -44.36 6.40
CA ASP H 1 -12.24 -44.80 5.50
C ASP H 1 -12.48 -44.26 4.09
N ILE H 2 -11.53 -43.45 3.62
CA ILE H 2 -11.60 -42.87 2.28
C ILE H 2 -10.88 -43.79 1.31
N GLN H 3 -11.52 -44.07 0.18
CA GLN H 3 -10.98 -44.97 -0.84
C GLN H 3 -10.68 -44.18 -2.10
N MET H 4 -9.51 -44.42 -2.68
CA MET H 4 -9.05 -43.74 -3.88
C MET H 4 -9.13 -44.69 -5.07
N THR H 5 -9.69 -44.20 -6.18
CA THR H 5 -9.87 -45.00 -7.38
C THR H 5 -9.25 -44.29 -8.56
N GLN H 6 -8.24 -44.89 -9.17
CA GLN H 6 -7.55 -44.30 -10.30
C GLN H 6 -8.13 -44.81 -11.61
N SER H 7 -8.05 -43.96 -12.65
CA SER H 7 -8.53 -44.29 -13.97
C SER H 7 -7.62 -43.60 -14.99
N PRO H 8 -7.12 -44.32 -15.99
CA PRO H 8 -7.35 -45.75 -16.18
C PRO H 8 -6.42 -46.61 -15.34
N SER H 9 -6.55 -47.93 -15.45
CA SER H 9 -5.66 -48.86 -14.77
C SER H 9 -4.39 -49.12 -15.57
N THR H 10 -4.49 -49.14 -16.90
CA THR H 10 -3.34 -49.26 -17.78
C THR H 10 -3.46 -48.23 -18.89
N LEU H 11 -2.33 -47.82 -19.45
CA LEU H 11 -2.31 -46.73 -20.42
C LEU H 11 -1.09 -46.89 -21.32
N SER H 12 -1.34 -47.04 -22.63
CA SER H 12 -0.27 -47.11 -23.61
C SER H 12 0.00 -45.73 -24.19
N ALA H 13 1.28 -45.40 -24.34
CA ALA H 13 1.67 -44.10 -24.86
C ALA H 13 3.10 -44.16 -25.38
N SER H 14 3.40 -43.28 -26.33
CA SER H 14 4.74 -43.14 -26.88
C SER H 14 5.38 -41.85 -26.36
N VAL H 15 6.70 -41.75 -26.57
CA VAL H 15 7.43 -40.58 -26.12
C VAL H 15 6.94 -39.35 -26.86
N GLY H 16 6.65 -38.29 -26.11
CA GLY H 16 6.14 -37.05 -26.66
C GLY H 16 4.65 -36.85 -26.50
N ASP H 17 3.92 -37.88 -26.10
CA ASP H 17 2.48 -37.76 -25.92
C ASP H 17 2.15 -37.01 -24.64
N ARG H 18 0.94 -36.46 -24.61
CA ARG H 18 0.39 -35.84 -23.40
C ARG H 18 -0.45 -36.88 -22.67
N VAL H 19 -0.11 -37.14 -21.41
CA VAL H 19 -0.71 -38.21 -20.62
C VAL H 19 -1.50 -37.59 -19.48
N THR H 20 -2.74 -38.07 -19.31
CA THR H 20 -3.63 -37.59 -18.26
C THR H 20 -4.12 -38.78 -17.44
N ILE H 21 -3.89 -38.73 -16.14
CA ILE H 21 -4.32 -39.77 -15.21
C ILE H 21 -5.28 -39.13 -14.21
N THR H 22 -6.40 -39.80 -13.95
CA THR H 22 -7.42 -39.30 -13.04
C THR H 22 -7.44 -40.13 -11.76
N CYS H 23 -7.87 -39.50 -10.67
CA CYS H 23 -7.89 -40.14 -9.35
C CYS H 23 -9.05 -39.55 -8.57
N ARG H 24 -9.96 -40.41 -8.11
CA ARG H 24 -11.16 -39.98 -7.40
C ARG H 24 -11.13 -40.45 -5.95
N ALA H 25 -11.62 -39.60 -5.05
CA ALA H 25 -11.76 -39.93 -3.64
C ALA H 25 -13.22 -40.18 -3.31
N SER H 26 -13.47 -41.12 -2.39
CA SER H 26 -14.84 -41.46 -2.01
C SER H 26 -15.57 -40.30 -1.33
N GLN H 27 -14.85 -39.28 -0.90
CA GLN H 27 -15.46 -38.08 -0.32
C GLN H 27 -14.47 -36.93 -0.42
N SER H 28 -14.95 -35.73 -0.12
CA SER H 28 -14.13 -34.53 -0.26
C SER H 28 -12.90 -34.60 0.64
N ILE H 29 -11.74 -34.26 0.07
CA ILE H 29 -10.49 -34.29 0.81
C ILE H 29 -9.74 -32.98 0.62
N SER H 30 -10.47 -31.92 0.25
CA SER H 30 -9.90 -30.62 -0.04
C SER H 30 -8.78 -30.73 -1.06
N SER H 31 -7.56 -30.31 -0.70
CA SER H 31 -6.40 -30.46 -1.57
C SER H 31 -5.32 -31.36 -0.96
N TRP H 32 -5.69 -32.24 -0.03
CA TRP H 32 -4.75 -33.15 0.63
C TRP H 32 -4.57 -34.41 -0.25
N LEU H 33 -3.80 -34.24 -1.33
CA LEU H 33 -3.66 -35.25 -2.37
C LEU H 33 -2.21 -35.24 -2.84
N ALA H 34 -1.62 -36.42 -3.00
CA ALA H 34 -0.24 -36.56 -3.44
C ALA H 34 -0.15 -37.54 -4.60
N TRP H 35 0.92 -37.42 -5.38
CA TRP H 35 1.17 -38.32 -6.51
C TRP H 35 2.57 -38.89 -6.38
N TYR H 36 2.71 -40.19 -6.62
CA TYR H 36 4.00 -40.87 -6.52
C TYR H 36 4.28 -41.64 -7.81
N GLN H 37 5.57 -41.80 -8.10
CA GLN H 37 6.03 -42.61 -9.22
C GLN H 37 6.83 -43.78 -8.68
N GLN H 38 6.54 -44.98 -9.17
CA GLN H 38 7.24 -46.18 -8.74
C GLN H 38 7.55 -47.05 -9.95
N LYS H 39 8.82 -47.47 -10.05
CA LYS H 39 9.27 -48.41 -11.06
C LYS H 39 9.47 -49.79 -10.44
N PRO H 40 9.38 -50.87 -11.22
CA PRO H 40 9.43 -52.21 -10.64
C PRO H 40 10.69 -52.45 -9.84
N GLY H 41 10.51 -52.87 -8.59
CA GLY H 41 11.61 -53.18 -7.70
C GLY H 41 12.10 -52.01 -6.87
N LYS H 42 11.90 -50.78 -7.33
CA LYS H 42 12.41 -49.61 -6.63
C LYS H 42 11.35 -49.06 -5.67
N ALA H 43 11.69 -47.96 -5.01
CA ALA H 43 10.82 -47.32 -4.04
C ALA H 43 9.95 -46.27 -4.70
N PRO H 44 8.88 -45.85 -4.05
CA PRO H 44 8.08 -44.73 -4.58
C PRO H 44 8.87 -43.43 -4.50
N LYS H 45 8.55 -42.53 -5.43
CA LYS H 45 9.19 -41.23 -5.53
C LYS H 45 8.12 -40.16 -5.52
N LEU H 46 8.24 -39.20 -4.60
CA LEU H 46 7.23 -38.15 -4.49
C LEU H 46 7.28 -37.23 -5.69
N LEU H 47 6.13 -37.02 -6.33
CA LEU H 47 5.99 -36.12 -7.46
C LEU H 47 5.28 -34.83 -7.10
N ILE H 48 4.09 -34.92 -6.51
CA ILE H 48 3.26 -33.76 -6.24
C ILE H 48 2.71 -33.87 -4.83
N TYR H 49 2.75 -32.76 -4.10
CA TYR H 49 2.17 -32.64 -2.77
C TYR H 49 1.18 -31.49 -2.75
N LYS H 50 0.19 -31.59 -1.86
CA LYS H 50 -0.85 -30.58 -1.72
C LYS H 50 -1.54 -30.32 -3.06
N ALA H 51 -1.94 -31.42 -3.71
CA ALA H 51 -2.74 -31.43 -4.94
C ALA H 51 -1.98 -30.94 -6.16
N SER H 52 -1.35 -29.77 -6.09
CA SER H 52 -0.75 -29.16 -7.27
C SER H 52 0.72 -28.81 -7.15
N ASN H 53 1.28 -28.74 -5.93
CA ASN H 53 2.65 -28.27 -5.79
C ASN H 53 3.64 -29.33 -6.27
N LEU H 54 4.66 -28.88 -6.98
CA LEU H 54 5.67 -29.77 -7.57
C LEU H 54 6.82 -29.95 -6.59
N GLU H 55 7.14 -31.20 -6.30
CA GLU H 55 8.26 -31.49 -5.40
C GLU H 55 9.57 -31.09 -6.06
N SER H 56 10.46 -30.51 -5.26
CA SER H 56 11.74 -30.03 -5.78
C SER H 56 12.53 -31.17 -6.39
N GLY H 57 13.14 -30.89 -7.54
CA GLY H 57 13.89 -31.90 -8.27
C GLY H 57 13.07 -32.69 -9.27
N VAL H 58 11.76 -32.49 -9.33
CA VAL H 58 10.90 -33.17 -10.28
C VAL H 58 10.76 -32.30 -11.52
N PRO H 59 10.86 -32.86 -12.73
CA PRO H 59 10.75 -32.04 -13.93
C PRO H 59 9.41 -31.33 -14.03
N LEU H 60 9.42 -30.17 -14.68
CA LEU H 60 8.23 -29.33 -14.78
C LEU H 60 7.14 -29.96 -15.65
N ARG H 61 7.45 -31.00 -16.42
CA ARG H 61 6.44 -31.65 -17.24
C ARG H 61 5.38 -32.36 -16.40
N PHE H 62 5.61 -32.56 -15.11
CA PHE H 62 4.64 -33.16 -14.21
C PHE H 62 3.80 -32.06 -13.57
N SER H 63 2.52 -32.04 -13.88
CA SER H 63 1.59 -31.09 -13.27
C SER H 63 0.43 -31.83 -12.65
N GLY H 64 -0.21 -31.18 -11.69
CA GLY H 64 -1.34 -31.77 -10.98
C GLY H 64 -2.44 -30.76 -10.79
N SER H 65 -3.66 -31.18 -11.09
CA SER H 65 -4.85 -30.35 -10.92
C SER H 65 -5.89 -31.12 -10.13
N GLY H 66 -6.95 -30.41 -9.73
CA GLY H 66 -8.02 -31.03 -8.99
C GLY H 66 -8.19 -30.52 -7.59
N SER H 67 -9.39 -30.68 -7.03
CA SER H 67 -9.72 -30.27 -5.68
C SER H 67 -11.05 -30.90 -5.30
N GLY H 68 -11.15 -31.31 -4.04
CA GLY H 68 -12.37 -31.96 -3.58
C GLY H 68 -12.33 -33.46 -3.73
N THR H 69 -12.87 -33.97 -4.84
CA THR H 69 -12.95 -35.40 -5.07
C THR H 69 -12.32 -35.88 -6.37
N GLU H 70 -12.13 -35.01 -7.37
CA GLU H 70 -11.57 -35.41 -8.65
C GLU H 70 -10.25 -34.71 -8.87
N PHE H 71 -9.20 -35.48 -9.15
CA PHE H 71 -7.86 -34.96 -9.31
C PHE H 71 -7.26 -35.50 -10.60
N THR H 72 -6.17 -34.87 -11.05
CA THR H 72 -5.58 -35.19 -12.34
C THR H 72 -4.08 -35.01 -12.30
N LEU H 73 -3.34 -36.05 -12.64
CA LEU H 73 -1.91 -35.96 -12.89
C LEU H 73 -1.67 -35.90 -14.39
N THR H 74 -0.94 -34.89 -14.84
CA THR H 74 -0.68 -34.68 -16.26
C THR H 74 0.81 -34.65 -16.51
N ILE H 75 1.26 -35.45 -17.47
CA ILE H 75 2.63 -35.41 -17.97
C ILE H 75 2.58 -34.73 -19.33
N SER H 76 3.07 -33.50 -19.40
CA SER H 76 2.88 -32.68 -20.60
C SER H 76 3.52 -33.32 -21.83
N SER H 77 4.68 -33.96 -21.65
CA SER H 77 5.39 -34.61 -22.75
C SER H 77 6.13 -35.80 -22.18
N LEU H 78 5.66 -37.00 -22.49
CA LEU H 78 6.21 -38.21 -21.90
C LEU H 78 7.67 -38.39 -22.30
N GLN H 79 8.46 -38.92 -21.37
CA GLN H 79 9.88 -39.14 -21.55
C GLN H 79 10.19 -40.61 -21.29
N PRO H 80 11.31 -41.12 -21.82
CA PRO H 80 11.63 -42.54 -21.63
C PRO H 80 11.76 -42.94 -20.17
N ASP H 81 12.13 -42.01 -19.29
CA ASP H 81 12.23 -42.30 -17.86
C ASP H 81 10.87 -42.37 -17.18
N ASP H 82 9.83 -41.82 -17.80
CA ASP H 82 8.53 -41.67 -17.16
C ASP H 82 7.66 -42.92 -17.26
N PHE H 83 8.10 -43.96 -17.97
CA PHE H 83 7.33 -45.19 -18.05
C PHE H 83 7.44 -45.94 -16.72
N ALA H 84 6.36 -45.90 -15.93
CA ALA H 84 6.32 -46.52 -14.61
C ALA H 84 4.86 -46.58 -14.16
N THR H 85 4.67 -46.84 -12.88
CA THR H 85 3.35 -46.87 -12.26
C THR H 85 3.18 -45.67 -11.34
N TYR H 86 1.99 -45.06 -11.36
CA TYR H 86 1.74 -43.83 -10.63
C TYR H 86 0.59 -44.04 -9.65
N TYR H 87 0.83 -43.65 -8.39
CA TYR H 87 -0.14 -43.80 -7.32
C TYR H 87 -0.56 -42.42 -6.80
N CYS H 88 -1.85 -42.27 -6.52
CA CYS H 88 -2.35 -41.10 -5.83
C CYS H 88 -2.67 -41.47 -4.38
N GLN H 89 -2.57 -40.47 -3.50
CA GLN H 89 -2.71 -40.71 -2.07
C GLN H 89 -3.41 -39.51 -1.43
N GLN H 90 -4.38 -39.80 -0.56
CA GLN H 90 -4.99 -38.78 0.27
C GLN H 90 -4.40 -38.85 1.66
N TYR H 91 -4.15 -37.68 2.25
CA TYR H 91 -3.68 -37.58 3.64
C TYR H 91 -4.55 -36.60 4.40
N ASN H 92 -5.87 -36.73 4.23
CA ASN H 92 -6.87 -35.95 4.94
C ASN H 92 -7.44 -36.69 6.14
N ASN H 93 -7.80 -37.96 5.97
CA ASN H 93 -8.28 -38.82 7.05
C ASN H 93 -7.45 -40.10 6.99
N TYR H 94 -6.43 -40.18 7.84
CA TYR H 94 -5.42 -41.26 7.79
C TYR H 94 -4.77 -41.21 6.42
N TRP H 95 -4.30 -42.34 5.91
CA TRP H 95 -3.55 -42.39 4.66
C TRP H 95 -3.97 -43.60 3.85
N THR H 96 -4.55 -43.36 2.67
CA THR H 96 -4.93 -44.42 1.75
C THR H 96 -4.42 -44.08 0.36
N PHE H 97 -4.27 -45.11 -0.47
CA PHE H 97 -3.69 -44.98 -1.80
C PHE H 97 -4.63 -45.53 -2.85
N GLY H 98 -4.43 -45.09 -4.10
CA GLY H 98 -5.08 -45.71 -5.22
C GLY H 98 -4.33 -46.96 -5.66
N GLN H 99 -4.99 -47.75 -6.53
CA GLN H 99 -4.39 -49.00 -6.96
C GLN H 99 -3.25 -48.78 -7.95
N GLY H 100 -3.18 -47.64 -8.60
CA GLY H 100 -2.05 -47.32 -9.45
C GLY H 100 -2.41 -47.40 -10.92
N THR H 101 -1.72 -46.60 -11.73
CA THR H 101 -1.84 -46.60 -13.17
C THR H 101 -0.46 -46.86 -13.77
N LYS H 102 -0.35 -47.92 -14.57
CA LYS H 102 0.90 -48.31 -15.20
C LYS H 102 0.97 -47.74 -16.60
N VAL H 103 1.99 -46.92 -16.86
CA VAL H 103 2.20 -46.28 -18.16
C VAL H 103 3.17 -47.14 -18.95
N GLU H 104 2.67 -47.82 -19.97
CA GLU H 104 3.48 -48.71 -20.79
C GLU H 104 3.82 -48.06 -22.12
N ILE H 105 4.83 -48.62 -22.79
CA ILE H 105 5.27 -48.12 -24.09
C ILE H 105 4.37 -48.72 -25.16
N LYS H 106 3.88 -47.87 -26.06
CA LYS H 106 3.01 -48.31 -27.15
C LYS H 106 3.86 -48.69 -28.36
N ARG H 107 3.45 -49.75 -29.05
CA ARG H 107 4.10 -50.18 -30.27
C ARG H 107 3.05 -50.81 -31.19
N THR H 108 3.49 -51.19 -32.38
CA THR H 108 2.60 -51.83 -33.34
C THR H 108 2.22 -53.22 -32.85
N VAL H 109 1.07 -53.70 -33.35
CA VAL H 109 0.57 -55.01 -32.95
C VAL H 109 1.52 -56.10 -33.42
N ALA H 110 1.79 -57.05 -32.53
CA ALA H 110 2.64 -58.20 -32.84
C ALA H 110 1.98 -59.45 -32.30
N ALA H 111 1.72 -60.42 -33.18
CA ALA H 111 1.07 -61.64 -32.77
C ALA H 111 2.04 -62.54 -32.01
N PRO H 112 1.55 -63.32 -31.04
CA PRO H 112 2.44 -64.21 -30.29
C PRO H 112 2.75 -65.50 -31.04
N SER H 113 3.92 -66.05 -30.73
CA SER H 113 4.32 -67.36 -31.21
C SER H 113 4.04 -68.36 -30.10
N VAL H 114 3.18 -69.34 -30.37
CA VAL H 114 2.67 -70.24 -29.34
C VAL H 114 3.46 -71.53 -29.35
N PHE H 115 3.80 -72.03 -28.16
CA PHE H 115 4.53 -73.28 -28.00
C PHE H 115 3.94 -74.02 -26.80
N ILE H 116 3.66 -75.31 -26.99
CA ILE H 116 3.11 -76.16 -25.93
C ILE H 116 4.16 -77.22 -25.58
N PHE H 117 4.31 -77.49 -24.30
CA PHE H 117 5.32 -78.43 -23.81
C PHE H 117 4.66 -79.51 -22.96
N PRO H 118 4.72 -80.77 -23.39
CA PRO H 118 4.17 -81.86 -22.57
C PRO H 118 4.99 -82.03 -21.30
N PRO H 119 4.41 -82.63 -20.26
CA PRO H 119 5.17 -82.84 -19.03
C PRO H 119 6.30 -83.83 -19.23
N SER H 120 7.43 -83.56 -18.58
CA SER H 120 8.60 -84.41 -18.72
C SER H 120 8.34 -85.79 -18.13
N ASP H 121 9.06 -86.79 -18.67
CA ASP H 121 8.97 -88.14 -18.11
C ASP H 121 9.49 -88.19 -16.68
N GLU H 122 10.47 -87.34 -16.35
CA GLU H 122 10.99 -87.31 -14.99
C GLU H 122 9.95 -86.86 -13.99
N GLN H 123 9.16 -85.84 -14.34
CA GLN H 123 8.12 -85.36 -13.43
C GLN H 123 7.00 -86.37 -13.27
N LEU H 124 6.67 -87.11 -14.33
CA LEU H 124 5.61 -88.11 -14.23
C LEU H 124 5.99 -89.23 -13.27
N LYS H 125 7.29 -89.50 -13.13
CA LYS H 125 7.73 -90.49 -12.15
C LYS H 125 7.50 -90.03 -10.72
N SER H 126 7.32 -88.73 -10.50
CA SER H 126 7.13 -88.20 -9.16
C SER H 126 5.68 -88.23 -8.71
N GLY H 127 4.73 -88.10 -9.63
CA GLY H 127 3.33 -88.18 -9.26
C GLY H 127 2.46 -87.04 -9.76
N THR H 128 3.09 -85.90 -10.07
CA THR H 128 2.39 -84.76 -10.63
C THR H 128 2.78 -84.57 -12.09
N ALA H 129 2.02 -83.72 -12.78
CA ALA H 129 2.25 -83.47 -14.19
C ALA H 129 1.85 -82.03 -14.51
N SER H 130 2.76 -81.29 -15.14
CA SER H 130 2.54 -79.89 -15.49
C SER H 130 2.67 -79.72 -16.99
N VAL H 131 1.69 -79.03 -17.58
CA VAL H 131 1.69 -78.74 -19.02
C VAL H 131 1.87 -77.24 -19.18
N VAL H 132 2.97 -76.85 -19.84
CA VAL H 132 3.32 -75.45 -20.06
C VAL H 132 3.02 -75.07 -21.50
N CYS H 133 2.39 -73.91 -21.68
CA CYS H 133 2.10 -73.34 -22.99
C CYS H 133 2.54 -71.88 -23.00
N LEU H 134 3.41 -71.53 -23.94
CA LEU H 134 4.15 -70.28 -23.91
C LEU H 134 3.68 -69.34 -25.02
N LEU H 135 3.54 -68.05 -24.68
CA LEU H 135 3.27 -66.99 -25.63
C LEU H 135 4.48 -66.06 -25.67
N ASN H 136 5.12 -65.97 -26.82
CA ASN H 136 6.42 -65.30 -26.94
C ASN H 136 6.30 -64.05 -27.78
N ASN H 137 6.72 -62.91 -27.22
CA ASN H 137 6.87 -61.65 -27.93
C ASN H 137 5.59 -61.19 -28.62
N PHE H 138 4.71 -60.52 -27.88
CA PHE H 138 3.46 -60.04 -28.44
C PHE H 138 3.08 -58.70 -27.84
N TYR H 139 2.16 -58.00 -28.51
CA TYR H 139 1.61 -56.72 -28.07
C TYR H 139 0.29 -56.53 -28.79
N PRO H 140 -0.75 -56.03 -28.10
CA PRO H 140 -0.78 -55.62 -26.69
C PRO H 140 -0.79 -56.78 -25.71
N ARG H 141 -0.86 -56.47 -24.42
CA ARG H 141 -0.77 -57.50 -23.39
C ARG H 141 -2.02 -58.36 -23.33
N GLU H 142 -3.18 -57.80 -23.66
CA GLU H 142 -4.44 -58.52 -23.56
C GLU H 142 -4.44 -59.78 -24.42
N ALA H 143 -4.43 -60.93 -23.76
CA ALA H 143 -4.45 -62.22 -24.44
C ALA H 143 -5.29 -63.20 -23.64
N LYS H 144 -5.87 -64.18 -24.34
CA LYS H 144 -6.77 -65.17 -23.75
C LYS H 144 -6.24 -66.55 -24.05
N VAL H 145 -5.91 -67.31 -23.01
CA VAL H 145 -5.38 -68.66 -23.13
C VAL H 145 -6.34 -69.61 -22.43
N GLN H 146 -6.91 -70.55 -23.19
CA GLN H 146 -7.85 -71.53 -22.67
C GLN H 146 -7.28 -72.93 -22.86
N TRP H 147 -7.40 -73.77 -21.84
CA TRP H 147 -6.95 -75.15 -21.91
C TRP H 147 -8.11 -76.07 -22.25
N LYS H 148 -7.85 -77.01 -23.16
CA LYS H 148 -8.82 -78.04 -23.54
C LYS H 148 -8.16 -79.40 -23.40
N VAL H 149 -8.56 -80.17 -22.40
CA VAL H 149 -8.10 -81.54 -22.22
C VAL H 149 -9.16 -82.46 -22.81
N ASP H 150 -8.82 -83.09 -23.94
CA ASP H 150 -9.76 -83.91 -24.70
C ASP H 150 -11.04 -83.12 -25.02
N ASN H 151 -10.84 -81.87 -25.44
CA ASN H 151 -11.92 -80.96 -25.82
C ASN H 151 -12.89 -80.69 -24.66
N ALA H 152 -12.36 -80.64 -23.44
CA ALA H 152 -13.13 -80.25 -22.26
C ALA H 152 -12.50 -78.98 -21.70
N LEU H 153 -13.28 -77.90 -21.67
CA LEU H 153 -12.77 -76.61 -21.21
C LEU H 153 -12.35 -76.70 -19.75
N GLN H 154 -11.05 -76.53 -19.51
CA GLN H 154 -10.50 -76.60 -18.16
C GLN H 154 -10.51 -75.23 -17.51
N SER H 155 -10.75 -75.21 -16.20
CA SER H 155 -10.73 -73.98 -15.42
C SER H 155 -10.39 -74.32 -13.98
N GLY H 156 -9.45 -73.58 -13.40
CA GLY H 156 -8.99 -73.79 -12.04
C GLY H 156 -7.66 -74.49 -11.93
N ASN H 157 -7.17 -75.11 -13.01
CA ASN H 157 -5.93 -75.86 -12.98
C ASN H 157 -4.74 -75.07 -13.50
N SER H 158 -4.95 -73.87 -14.04
CA SER H 158 -3.90 -73.13 -14.72
C SER H 158 -3.47 -71.91 -13.90
N GLN H 159 -2.22 -71.50 -14.12
CA GLN H 159 -1.66 -70.29 -13.54
C GLN H 159 -0.82 -69.60 -14.60
N GLU H 160 -1.05 -68.31 -14.81
CA GLU H 160 -0.33 -67.55 -15.81
C GLU H 160 0.76 -66.68 -15.17
N SER H 161 1.77 -66.36 -15.97
CA SER H 161 2.85 -65.50 -15.56
C SER H 161 3.33 -64.70 -16.76
N VAL H 162 3.54 -63.40 -16.54
CA VAL H 162 3.84 -62.46 -17.62
C VAL H 162 5.14 -61.72 -17.28
N THR H 163 5.98 -61.53 -18.29
CA THR H 163 7.21 -60.77 -18.13
C THR H 163 6.94 -59.28 -18.28
N GLU H 164 7.82 -58.48 -17.68
CA GLU H 164 7.79 -57.05 -17.91
C GLU H 164 8.16 -56.76 -19.37
N GLN H 165 7.77 -55.57 -19.82
CA GLN H 165 7.99 -55.20 -21.22
C GLN H 165 9.47 -55.25 -21.57
N ASP H 166 9.77 -55.85 -22.72
CA ASP H 166 11.16 -56.06 -23.11
C ASP H 166 11.85 -54.74 -23.40
N SER H 167 13.09 -54.61 -22.93
CA SER H 167 13.84 -53.37 -23.13
C SER H 167 14.14 -53.12 -24.60
N LYS H 168 14.18 -54.18 -25.41
CA LYS H 168 14.58 -54.06 -26.81
C LYS H 168 13.39 -53.81 -27.73
N ASP H 169 12.42 -54.73 -27.75
CA ASP H 169 11.30 -54.65 -28.68
C ASP H 169 9.99 -54.26 -28.03
N SER H 170 9.97 -54.03 -26.71
CA SER H 170 8.77 -53.57 -26.00
C SER H 170 7.61 -54.54 -26.16
N THR H 171 7.89 -55.83 -26.05
CA THR H 171 6.87 -56.87 -26.16
C THR H 171 6.74 -57.63 -24.84
N TYR H 172 5.67 -58.40 -24.74
CA TYR H 172 5.38 -59.21 -23.57
C TYR H 172 5.60 -60.69 -23.87
N SER H 173 5.67 -61.48 -22.81
CA SER H 173 5.75 -62.93 -22.92
C SER H 173 4.98 -63.55 -21.76
N LEU H 174 4.20 -64.58 -22.06
CA LEU H 174 3.29 -65.18 -21.09
C LEU H 174 3.53 -66.70 -21.04
N SER H 175 3.31 -67.26 -19.85
CA SER H 175 3.42 -68.70 -19.65
C SER H 175 2.23 -69.18 -18.85
N SER H 176 1.40 -70.02 -19.45
CA SER H 176 0.27 -70.64 -18.76
C SER H 176 0.62 -72.07 -18.42
N THR H 177 0.45 -72.44 -17.15
CA THR H 177 0.87 -73.75 -16.66
C THR H 177 -0.35 -74.50 -16.14
N LEU H 178 -0.81 -75.48 -16.91
CA LEU H 178 -1.88 -76.37 -16.49
C LEU H 178 -1.29 -77.49 -15.65
N THR H 179 -1.84 -77.68 -14.45
CA THR H 179 -1.34 -78.69 -13.51
C THR H 179 -2.41 -79.74 -13.28
N LEU H 180 -2.09 -80.98 -13.63
CA LEU H 180 -2.98 -82.12 -13.43
C LEU H 180 -2.31 -83.15 -12.53
N SER H 181 -3.07 -84.16 -12.16
CA SER H 181 -2.52 -85.31 -11.47
C SER H 181 -2.05 -86.35 -12.48
N LYS H 182 -1.11 -87.18 -12.06
CA LYS H 182 -0.64 -88.27 -12.91
C LYS H 182 -1.81 -89.19 -13.30
N ALA H 183 -2.75 -89.38 -12.39
CA ALA H 183 -3.92 -90.21 -12.68
C ALA H 183 -4.74 -89.63 -13.83
N ASP H 184 -5.08 -88.34 -13.75
CA ASP H 184 -5.88 -87.72 -14.80
C ASP H 184 -5.10 -87.58 -16.09
N TYR H 185 -3.79 -87.35 -16.02
CA TYR H 185 -3.02 -87.14 -17.24
C TYR H 185 -2.86 -88.42 -18.04
N GLU H 186 -2.59 -89.54 -17.36
CA GLU H 186 -2.36 -90.81 -18.05
C GLU H 186 -3.62 -91.35 -18.71
N LYS H 187 -4.80 -90.87 -18.33
CA LYS H 187 -6.05 -91.39 -18.87
C LYS H 187 -6.55 -90.63 -20.09
N HIS H 188 -6.15 -89.38 -20.26
CA HIS H 188 -6.61 -88.56 -21.38
C HIS H 188 -5.51 -88.43 -22.43
N LYS H 189 -5.92 -88.03 -23.63
CA LYS H 189 -5.07 -88.09 -24.81
C LYS H 189 -4.67 -86.73 -25.36
N VAL H 190 -5.63 -85.82 -25.55
CA VAL H 190 -5.40 -84.59 -26.28
C VAL H 190 -5.39 -83.42 -25.31
N TYR H 191 -4.33 -82.60 -25.38
CA TYR H 191 -4.16 -81.42 -24.54
C TYR H 191 -3.84 -80.23 -25.43
N ALA H 192 -4.52 -79.11 -25.19
CA ALA H 192 -4.37 -77.95 -26.07
C ALA H 192 -4.56 -76.67 -25.29
N CYS H 193 -3.80 -75.64 -25.66
CA CYS H 193 -4.04 -74.27 -25.25
C CYS H 193 -4.51 -73.47 -26.46
N GLU H 194 -5.60 -72.74 -26.30
CA GLU H 194 -6.18 -71.94 -27.37
C GLU H 194 -5.96 -70.47 -27.06
N VAL H 195 -5.18 -69.80 -27.90
CA VAL H 195 -4.75 -68.43 -27.67
C VAL H 195 -5.57 -67.49 -28.55
N THR H 196 -6.24 -66.53 -27.91
CA THR H 196 -6.93 -65.45 -28.61
C THR H 196 -6.15 -64.16 -28.39
N HIS H 197 -5.82 -63.48 -29.50
CA HIS H 197 -5.07 -62.24 -29.42
C HIS H 197 -5.47 -61.32 -30.56
N GLN H 198 -5.22 -60.02 -30.37
CA GLN H 198 -5.60 -59.04 -31.39
C GLN H 198 -4.83 -59.27 -32.69
N GLY H 199 -3.57 -59.68 -32.58
CA GLY H 199 -2.75 -59.93 -33.75
C GLY H 199 -3.07 -61.19 -34.51
N LEU H 200 -3.97 -62.03 -34.00
CA LEU H 200 -4.32 -63.29 -34.63
C LEU H 200 -5.66 -63.16 -35.34
N SER H 201 -5.70 -63.58 -36.61
CA SER H 201 -6.93 -63.54 -37.39
C SER H 201 -8.06 -64.29 -36.66
N SER H 202 -7.87 -65.59 -36.49
CA SER H 202 -8.74 -66.43 -35.69
C SER H 202 -7.93 -67.07 -34.57
N PRO H 203 -8.57 -67.57 -33.51
CA PRO H 203 -7.81 -68.19 -32.41
C PRO H 203 -6.89 -69.30 -32.90
N VAL H 204 -5.70 -69.36 -32.31
CA VAL H 204 -4.66 -70.32 -32.68
C VAL H 204 -4.58 -71.38 -31.58
N THR H 205 -4.56 -72.65 -31.99
CA THR H 205 -4.49 -73.77 -31.08
C THR H 205 -3.21 -74.55 -31.30
N LYS H 206 -2.46 -74.76 -30.20
CA LYS H 206 -1.30 -75.63 -30.19
C LYS H 206 -1.60 -76.81 -29.29
N SER H 207 -1.37 -78.03 -29.78
CA SER H 207 -1.79 -79.22 -29.06
C SER H 207 -0.79 -80.34 -29.29
N PHE H 208 -1.02 -81.44 -28.58
CA PHE H 208 -0.23 -82.66 -28.72
C PHE H 208 -1.04 -83.83 -28.19
N ASN H 209 -0.86 -84.99 -28.80
CA ASN H 209 -1.40 -86.22 -28.26
C ASN H 209 -0.34 -86.87 -27.38
N ARG H 210 -0.76 -87.28 -26.18
CA ARG H 210 0.17 -87.85 -25.20
C ARG H 210 0.83 -89.12 -25.74
N GLY H 211 2.11 -89.03 -26.05
CA GLY H 211 2.89 -90.18 -26.50
C GLY H 211 2.91 -90.37 -28.00
N GLU H 212 3.38 -89.36 -28.75
CA GLU H 212 3.46 -89.47 -30.20
C GLU H 212 4.81 -89.05 -30.77
N CYS H 213 5.69 -88.44 -29.98
CA CYS H 213 7.05 -88.07 -30.41
C CYS H 213 7.03 -87.19 -31.65
N ALA I 2 -20.27 27.00 -21.17
CA ALA I 2 -20.89 28.29 -20.92
C ALA I 2 -21.40 28.37 -19.48
N ASN I 3 -20.48 28.32 -18.53
CA ASN I 3 -20.81 28.37 -17.11
C ASN I 3 -20.06 29.53 -16.46
N PRO I 4 -20.74 30.52 -15.91
CA PRO I 4 -20.04 31.66 -15.29
C PRO I 4 -19.31 31.30 -14.01
N ASN I 5 -19.71 30.23 -13.33
CA ASN I 5 -19.10 29.83 -12.07
C ASN I 5 -17.86 28.96 -12.27
N ALA I 6 -17.39 28.81 -13.51
CA ALA I 6 -16.13 28.14 -13.76
C ALA I 6 -14.97 29.03 -13.31
N ASN I 7 -13.82 28.39 -13.10
CA ASN I 7 -12.65 29.07 -12.53
C ASN I 7 -12.23 30.25 -13.39
N PRO I 8 -12.31 31.48 -12.89
CA PRO I 8 -11.89 32.64 -13.68
C PRO I 8 -10.40 32.92 -13.64
N ASN I 9 -9.62 32.15 -12.89
CA ASN I 9 -8.21 32.43 -12.72
C ASN I 9 -7.36 31.66 -13.73
N ALA I 10 -6.07 31.97 -13.75
CA ALA I 10 -5.12 31.19 -14.51
C ALA I 10 -5.02 29.79 -13.92
N ASN I 11 -5.08 28.78 -14.78
CA ASN I 11 -5.17 27.41 -14.32
C ASN I 11 -4.25 26.50 -15.11
N PRO I 12 -3.28 25.85 -14.47
CA PRO I 12 -2.45 24.87 -15.20
C PRO I 12 -3.24 23.67 -15.68
N ASN I 13 -4.34 23.33 -15.00
CA ASN I 13 -5.16 22.18 -15.35
C ASN I 13 -6.36 22.56 -16.22
N ALA I 14 -6.31 23.73 -16.86
CA ALA I 14 -7.36 24.10 -17.81
C ALA I 14 -7.12 23.39 -19.14
N ASN I 15 -8.07 23.57 -20.05
CA ASN I 15 -7.97 22.94 -21.37
C ASN I 15 -6.80 23.56 -22.14
N PRO I 16 -5.76 22.79 -22.41
CA PRO I 16 -4.63 23.30 -23.21
C PRO I 16 -4.79 23.10 -24.71
N ASN I 17 -6.00 22.75 -25.17
CA ASN I 17 -6.27 22.51 -26.58
C ASN I 17 -6.73 23.80 -27.25
N ALA I 18 -7.17 23.69 -28.50
CA ALA I 18 -7.73 24.80 -29.26
C ALA I 18 -9.24 24.58 -29.36
N ASN I 19 -9.94 24.88 -28.27
CA ASN I 19 -11.38 24.73 -28.22
C ASN I 19 -12.04 26.08 -28.39
N PRO I 20 -12.61 26.39 -29.56
CA PRO I 20 -13.28 27.67 -29.82
C PRO I 20 -14.79 27.59 -29.60
N ALA J 2 -6.97 -34.57 19.26
CA ALA J 2 -6.94 -35.98 18.88
C ALA J 2 -7.12 -36.14 17.38
N ASN J 3 -6.16 -35.62 16.61
CA ASN J 3 -6.21 -35.68 15.15
C ASN J 3 -4.93 -36.34 14.64
N PRO J 4 -5.01 -37.49 13.98
CA PRO J 4 -3.78 -38.15 13.52
C PRO J 4 -3.09 -37.44 12.37
N ASN J 5 -3.80 -36.61 11.61
CA ASN J 5 -3.23 -35.93 10.46
C ASN J 5 -2.58 -34.60 10.82
N ALA J 6 -2.42 -34.30 12.09
CA ALA J 6 -1.70 -33.11 12.49
C ALA J 6 -0.21 -33.27 12.23
N ASN J 7 0.49 -32.14 12.10
CA ASN J 7 1.90 -32.09 11.75
C ASN J 7 2.74 -32.91 12.72
N PRO J 8 3.35 -34.01 12.27
CA PRO J 8 4.18 -34.82 13.18
C PRO J 8 5.60 -34.30 13.37
N ASN J 9 6.01 -33.27 12.63
CA ASN J 9 7.38 -32.79 12.67
C ASN J 9 7.56 -31.71 13.73
N ALA J 10 8.82 -31.37 14.01
CA ALA J 10 9.13 -30.25 14.88
C ALA J 10 8.64 -28.96 14.22
N ASN J 11 7.93 -28.14 14.98
CA ASN J 11 7.26 -26.98 14.41
C ASN J 11 7.40 -25.77 15.31
N PRO J 12 8.00 -24.68 14.82
CA PRO J 12 8.08 -23.46 15.65
C PRO J 12 6.72 -22.87 15.96
N ASN J 13 5.74 -23.05 15.08
CA ASN J 13 4.40 -22.50 15.26
C ASN J 13 3.45 -23.48 15.93
N ALA J 14 3.98 -24.48 16.63
CA ALA J 14 3.14 -25.37 17.41
C ALA J 14 2.81 -24.72 18.76
N ASN J 15 2.00 -25.41 19.55
CA ASN J 15 1.57 -24.90 20.84
C ASN J 15 2.76 -24.85 21.80
N PRO J 16 3.19 -23.67 22.23
CA PRO J 16 4.29 -23.55 23.19
C PRO J 16 3.86 -23.54 24.65
N ASN J 17 2.61 -23.92 24.94
CA ASN J 17 2.09 -23.91 26.30
C ASN J 17 2.27 -25.28 26.94
N ALA J 18 1.67 -25.47 28.10
CA ALA J 18 1.64 -26.76 28.78
C ALA J 18 0.20 -27.28 28.68
N ASN J 19 -0.13 -27.82 27.51
CA ASN J 19 -1.48 -28.26 27.22
C ASN J 19 -1.56 -29.79 27.27
N PRO J 20 -2.16 -30.37 28.31
CA PRO J 20 -2.35 -31.82 28.41
C PRO J 20 -3.66 -32.28 27.79
C1 EDO K . 2.73 31.44 -18.76
O1 EDO K . 3.11 30.07 -18.58
C2 EDO K . 1.37 31.67 -18.13
O2 EDO K . 1.39 31.27 -16.76
C1 EDO L . 2.92 29.06 -31.88
O1 EDO L . 1.91 28.85 -32.89
C2 EDO L . 4.19 28.33 -32.29
O2 EDO L . 5.19 28.52 -31.28
C1 EDO M . 0.57 15.45 -40.14
O1 EDO M . 1.00 14.17 -40.62
C2 EDO M . -0.56 15.98 -41.02
O2 EDO M . -1.64 15.05 -40.99
C1 EDO N . 4.84 21.80 -9.14
O1 EDO N . 4.43 22.27 -7.85
C2 EDO N . 4.56 22.87 -10.19
O2 EDO N . 5.19 24.10 -9.80
C1 PEG O . 7.22 16.01 -10.54
O1 PEG O . 7.77 14.97 -9.79
C2 PEG O . 5.72 15.76 -10.77
O2 PEG O . 5.09 16.95 -11.15
C3 PEG O . 5.12 17.95 -10.18
C4 PEG O . 3.70 18.44 -9.92
O4 PEG O . 3.23 17.90 -8.71
C1 EDO P . -6.48 -2.05 -23.97
O1 EDO P . -5.35 -1.68 -24.75
C2 EDO P . -6.77 -3.54 -24.15
O2 EDO P . -6.18 -4.28 -23.08
C1 EDO Q . -16.01 9.22 -1.51
O1 EDO Q . -14.84 8.40 -1.67
C2 EDO Q . -15.73 10.30 -0.48
O2 EDO Q . -14.59 11.07 -0.89
C1 EDO R . -10.84 19.82 -2.05
O1 EDO R . -10.64 18.68 -1.22
C2 EDO R . -10.23 19.57 -3.43
O2 EDO R . -8.83 19.28 -3.28
C1 EDO S . -17.26 18.84 -13.73
O1 EDO S . -17.44 17.85 -12.71
C2 EDO S . -18.21 18.55 -14.89
O2 EDO S . -18.01 19.52 -15.92
C1 EDO T . 25.31 -9.42 -11.71
O1 EDO T . 25.97 -10.67 -11.95
C2 EDO T . 23.82 -9.68 -11.50
O2 EDO T . 23.25 -10.22 -12.70
C1 EDO U . -16.10 14.27 -2.86
O1 EDO U . -16.23 15.46 -3.66
C2 EDO U . -14.96 14.44 -1.87
O2 EDO U . -15.23 15.55 -1.02
C1 EDO V . 3.82 -6.36 -26.43
O1 EDO V . 4.60 -5.68 -25.43
C2 EDO V . 2.98 -5.36 -27.20
O2 EDO V . 2.07 -4.71 -26.31
C1 EDO W . 5.74 -5.79 -31.24
O1 EDO W . 4.69 -5.35 -30.37
C2 EDO W . 7.06 -5.81 -30.47
O2 EDO W . 6.92 -6.63 -29.31
C1 EDO X . 8.42 0.48 -19.20
O1 EDO X . 8.27 0.00 -20.55
C2 EDO X . 8.84 -0.67 -18.30
O2 EDO X . 10.10 -1.20 -18.75
C1 EDO Y . -2.79 21.97 -2.78
O1 EDO Y . -2.26 20.75 -2.26
C2 EDO Y . -1.67 22.80 -3.40
O2 EDO Y . -1.13 22.11 -4.53
C1 EDO Z . -2.23 24.95 -6.28
O1 EDO Z . -0.95 25.59 -6.18
C2 EDO Z . -3.22 25.88 -6.95
O2 EDO Z . -2.78 26.17 -8.28
C1 PEG AA . 15.60 -6.94 -8.70
O1 PEG AA . 14.90 -7.36 -9.85
C2 PEG AA . 16.61 -5.87 -9.10
O2 PEG AA . 17.42 -5.58 -7.99
C3 PEG AA . 18.57 -4.85 -8.32
C4 PEG AA . 19.56 -4.92 -7.15
O4 PEG AA . 20.65 -4.08 -7.42
C1 PEG BA . 3.68 -25.06 -18.46
O1 PEG BA . 3.96 -25.36 -17.11
C2 PEG BA . 2.43 -24.16 -18.56
O2 PEG BA . 2.32 -23.34 -17.42
C3 PEG BA . 1.02 -22.90 -17.12
C4 PEG BA . 0.82 -21.46 -17.58
O4 PEG BA . 0.37 -20.65 -16.52
C1 EDO CA . -8.07 22.16 -6.59
O1 EDO CA . -9.03 21.28 -5.98
C2 EDO CA . -6.83 22.26 -5.69
O2 EDO CA . -6.26 20.96 -5.51
C1 EDO DA . -11.23 24.17 -4.93
O1 EDO DA . -11.15 24.76 -3.63
C2 EDO DA . -12.68 24.19 -5.42
O2 EDO DA . -13.17 25.54 -5.37
C1 EDO EA . -29.74 41.89 1.14
O1 EDO EA . -30.10 40.51 1.28
C2 EDO EA . -29.22 42.14 -0.27
O2 EDO EA . -28.11 41.28 -0.53
C1 PEG FA . -30.22 38.74 -3.94
O1 PEG FA . -30.39 37.42 -4.35
C2 PEG FA . -29.00 38.84 -3.02
O2 PEG FA . -27.96 39.53 -3.63
C3 PEG FA . -27.80 39.26 -5.00
C4 PEG FA . -26.32 39.40 -5.37
O4 PEG FA . -26.20 39.59 -6.75
C1 EDO GA . -19.72 19.23 8.46
O1 EDO GA . -20.35 19.25 7.17
C2 EDO GA . -18.53 20.19 8.45
O2 EDO GA . -18.13 20.45 9.80
C1 EDO HA . -21.26 48.09 32.31
O1 EDO HA . -21.20 48.89 31.12
C2 EDO HA . -22.70 47.98 32.77
O2 EDO HA . -23.48 47.34 31.75
C1 EDO IA . -32.69 63.70 11.31
O1 EDO IA . -33.23 64.90 11.87
C2 EDO IA . -32.86 62.55 12.30
O2 EDO IA . -34.25 62.19 12.39
C1 EDO JA . -51.80 64.57 6.41
O1 EDO JA . -53.06 63.95 6.10
C2 EDO JA . -51.84 65.12 7.83
O2 EDO JA . -52.08 64.06 8.75
C1 EDO KA . -19.61 23.09 15.26
O1 EDO KA . -19.16 23.63 14.01
C2 EDO KA . -20.91 22.32 15.05
O2 EDO KA . -20.69 21.25 14.12
C1 EDO LA . -20.96 16.92 4.51
O1 EDO LA . -21.14 15.70 3.78
C2 EDO LA . -19.54 17.00 5.04
O2 EDO LA . -18.62 16.94 3.94
C1 EDO MA . -29.06 19.43 6.20
O1 EDO MA . -28.56 19.20 7.53
C2 EDO MA . -27.99 19.00 5.19
O2 EDO MA . -28.39 19.39 3.88
C1 EDO NA . -11.53 37.62 12.14
O1 EDO NA . -10.22 38.12 11.90
C2 EDO NA . -12.19 38.31 13.33
O2 EDO NA . -12.52 39.67 13.03
C1 PEG OA . -16.74 21.26 16.58
O1 PEG OA . -16.10 20.10 16.10
C2 PEG OA . -15.71 22.38 16.66
O2 PEG OA . -16.13 23.46 17.44
C3 PEG OA . -15.08 24.29 17.87
C4 PEG OA . -14.52 25.13 16.72
O4 PEG OA . -13.49 24.44 16.05
C1 EDO PA . 12.35 -25.51 34.64
O1 EDO PA . 11.22 -26.00 33.91
C2 EDO PA . 13.50 -25.24 33.69
O2 EDO PA . 13.15 -24.18 32.78
C1 EDO QA . 22.97 6.53 15.89
O1 EDO QA . 23.61 7.42 14.97
C2 EDO QA . 22.28 7.34 16.99
O2 EDO QA . 21.55 6.47 17.85
C1 EDO RA . -11.30 -20.39 22.86
O1 EDO RA . -12.34 -21.08 23.56
C2 EDO RA . -10.16 -21.37 22.54
O2 EDO RA . -10.68 -22.44 21.73
C1 EDO SA . 23.34 5.67 9.94
O1 EDO SA . 24.60 6.01 10.52
C2 EDO SA . 22.69 4.54 10.72
O2 EDO SA . 22.37 4.98 12.05
C1 PEG TA . 9.03 8.34 23.43
O1 PEG TA . 7.91 7.77 22.82
C2 PEG TA . 10.17 8.42 22.42
O2 PEG TA . 11.21 9.20 22.94
C3 PEG TA . 12.48 8.90 22.43
C4 PEG TA . 12.55 9.31 20.97
O4 PEG TA . 13.87 9.21 20.52
C1 EDO UA . 1.36 -15.38 -4.60
O1 EDO UA . -0.06 -15.37 -4.47
C2 EDO UA . 1.92 -14.08 -4.06
O2 EDO UA . 1.28 -13.79 -2.81
C1 EDO VA . -9.62 -16.52 -0.76
O1 EDO VA . -8.99 -17.58 -1.48
C2 EDO VA . -8.59 -15.48 -0.36
O2 EDO VA . -7.95 -14.95 -1.53
C1 EDO WA . -9.95 -1.35 22.19
O1 EDO WA . -10.69 -2.52 22.52
C2 EDO WA . -10.90 -0.26 21.69
O2 EDO WA . -10.16 0.91 21.34
C1 EDO XA . 1.64 -22.15 2.96
O1 EDO XA . 0.41 -22.79 2.60
C2 EDO XA . 2.38 -22.96 4.01
O2 EDO XA . 1.83 -22.67 5.31
C1 EDO YA . 7.48 0.11 4.75
O1 EDO YA . 6.80 -0.82 5.60
C2 EDO YA . 7.33 1.51 5.32
O2 EDO YA . 7.99 1.60 6.58
C1 EDO ZA . -4.66 6.83 30.84
O1 EDO ZA . -4.54 7.80 29.79
C2 EDO ZA . -3.28 6.25 31.15
O2 EDO ZA . -3.39 5.32 32.23
C1 EDO AB . 2.47 -9.64 -1.13
O1 EDO AB . 1.15 -9.30 -1.59
C2 EDO AB . 3.28 -10.19 -2.29
O2 EDO AB . 2.48 -11.11 -3.02
C1 PEG BB . 3.12 3.71 15.24
O1 PEG BB . 2.61 2.87 16.24
C2 PEG BB . 4.23 4.58 15.83
O2 PEG BB . 5.05 5.03 14.79
C3 PEG BB . 5.42 6.38 14.88
C4 PEG BB . 5.98 6.84 13.54
O4 PEG BB . 7.07 7.70 13.77
C1 PEG CB . -12.72 16.98 15.66
O1 PEG CB . -13.60 16.53 16.65
C2 PEG CB . -11.65 17.90 16.26
O2 PEG CB . -11.86 19.23 15.89
C3 PEG CB . -12.44 20.03 16.90
C4 PEG CB . -11.74 21.38 17.03
O4 PEG CB . -12.49 22.38 16.39
C1 EDO DB . 16.02 -30.03 8.91
O1 EDO DB . 16.71 -28.92 9.49
C2 EDO DB . 14.53 -29.93 9.22
O2 EDO DB . 13.98 -28.80 8.54
C1 EDO EB . -8.15 -49.35 -18.74
O1 EDO EB . -9.35 -48.93 -19.42
C2 EDO EB . -8.51 -50.23 -17.56
O2 EDO EB . -9.33 -49.50 -16.65
C1 EDO FB . -4.77 -29.39 -16.19
O1 EDO FB . -4.76 -28.04 -15.71
C2 EDO FB . -3.94 -29.44 -17.47
O2 EDO FB . -2.55 -29.22 -17.18
C1 EDO GB . 11.98 -38.88 -12.79
O1 EDO GB . 10.86 -39.62 -13.30
C2 EDO GB . 11.49 -37.71 -11.96
O2 EDO GB . 10.76 -38.21 -10.83
C1 EDO HB . -0.93 -26.54 -17.93
O1 EDO HB . -1.33 -25.40 -17.17
C2 EDO HB . 0.47 -26.96 -17.49
O2 EDO HB . 0.93 -28.06 -18.28
C1 EDO IB . -7.37 27.97 -24.21
O1 EDO IB . -8.30 27.96 -25.30
C2 EDO IB . -8.12 27.74 -22.90
O2 EDO IB . -7.17 27.73 -21.82
C1 EDO JB . -12.22 27.08 -16.30
O1 EDO JB . -11.06 26.47 -15.72
C2 EDO JB . -11.80 28.15 -17.30
O2 EDO JB . -12.96 28.66 -17.97
C1 EDO KB . -14.61 19.90 -29.41
O1 EDO KB . -13.83 21.06 -29.14
C2 EDO KB . -16.09 20.20 -29.20
O2 EDO KB . -16.87 19.07 -29.57
C1 EDO LB . 1.27 -31.42 17.94
O1 EDO LB . 0.24 -32.28 17.45
C2 EDO LB . 2.37 -31.27 16.89
O2 EDO LB . 1.84 -30.62 15.72
#